data_6JLG
#
_entry.id   6JLG
#
_cell.length_a   237.580
_cell.length_b   92.221
_cell.length_c   93.195
_cell.angle_alpha   90.00
_cell.angle_beta   100.96
_cell.angle_gamma   90.00
#
_symmetry.space_group_name_H-M   'C 1 2 1'
#
loop_
_entity.id
_entity.type
_entity.pdbx_description
1 polymer 'Heme acquisition protein HasA'
2 non-polymer 'Tetraphenylporphycene contating cobalt'
3 non-polymer GLYCEROL
4 non-polymer 'PHOSPHATE ION'
5 water water
#
_entity_poly.entity_id   1
_entity_poly.type   'polypeptide(L)'
_entity_poly.pdbx_seq_one_letter_code
;MSISISYSTTYSGWTVADYLADWSAYFGDVNHRPGQVVDGSNTGGFNPGPFDGSQYALKSTASDAAFIAGGDLHYTLFSN
PSHTLWGKLDSIALGDTLTGGASSGGYALDSQEVSFSNLGLDSPIAQGRDGTVHKVVYGLMSGDSSALQGQIDALLKAVD
PSLSINSTFDQLAAAGVAHATPAA
;
_entity_poly.pdbx_strand_id   A,B,C,D,E,F,G,H
#
# COMPACT_ATOMS: atom_id res chain seq x y z
N SER A 2 8.08 49.18 -12.09
CA SER A 2 6.59 49.19 -12.04
C SER A 2 6.03 47.95 -12.74
N ILE A 3 5.09 47.26 -12.09
CA ILE A 3 4.31 46.13 -12.68
C ILE A 3 3.89 46.54 -14.10
N SER A 4 4.02 45.64 -15.08
CA SER A 4 3.54 45.86 -16.46
C SER A 4 2.57 44.73 -16.86
N ILE A 5 1.36 45.10 -17.27
CA ILE A 5 0.27 44.12 -17.52
C ILE A 5 -0.10 44.15 -19.01
N SER A 6 -0.23 42.98 -19.62
CA SER A 6 -0.48 42.78 -21.07
C SER A 6 -1.70 41.86 -21.25
N TYR A 7 -2.77 42.37 -21.85
CA TYR A 7 -4.11 41.70 -21.82
C TYR A 7 -4.74 41.72 -23.21
N SER A 8 -5.50 40.66 -23.52
CA SER A 8 -6.30 40.48 -24.76
C SER A 8 -7.51 41.41 -24.73
N THR A 9 -7.93 41.91 -25.89
CA THR A 9 -9.04 42.89 -26.03
C THR A 9 -10.34 42.28 -25.49
N THR A 10 -10.45 40.95 -25.50
CA THR A 10 -11.63 40.21 -24.99
C THR A 10 -11.93 40.66 -23.55
N TYR A 11 -10.88 40.80 -22.72
CA TYR A 11 -10.98 40.95 -21.26
C TYR A 11 -10.83 42.43 -20.87
N SER A 12 -11.15 43.34 -21.79
CA SER A 12 -11.13 44.81 -21.57
C SER A 12 -12.00 45.15 -20.36
N GLY A 13 -13.23 44.62 -20.33
CA GLY A 13 -14.26 44.96 -19.33
C GLY A 13 -14.05 44.21 -18.04
N TRP A 14 -13.19 43.18 -18.05
CA TRP A 14 -12.95 42.26 -16.91
C TRP A 14 -12.06 42.97 -15.88
N THR A 15 -12.27 42.67 -14.59
CA THR A 15 -11.32 42.99 -13.49
C THR A 15 -10.25 41.89 -13.43
N VAL A 16 -9.12 42.20 -12.79
CA VAL A 16 -7.97 41.27 -12.67
C VAL A 16 -8.40 40.05 -11.84
N ALA A 17 -9.16 40.29 -10.76
CA ALA A 17 -9.71 39.24 -9.87
C ALA A 17 -10.66 38.34 -10.66
N ASP A 18 -11.57 38.94 -11.42
CA ASP A 18 -12.54 38.20 -12.27
C ASP A 18 -11.76 37.20 -13.13
N TYR A 19 -10.81 37.71 -13.92
CA TYR A 19 -10.08 36.90 -14.93
C TYR A 19 -9.30 35.79 -14.20
N LEU A 20 -8.67 36.12 -13.08
CA LEU A 20 -7.76 35.20 -12.34
C LEU A 20 -8.57 34.03 -11.77
N ALA A 21 -9.78 34.31 -11.27
CA ALA A 21 -10.74 33.30 -10.77
C ALA A 21 -11.16 32.40 -11.93
N ASP A 22 -11.59 32.97 -13.06
CA ASP A 22 -12.04 32.20 -14.24
C ASP A 22 -10.90 31.30 -14.71
N TRP A 23 -9.67 31.84 -14.76
CA TRP A 23 -8.49 31.11 -15.30
C TRP A 23 -8.15 29.93 -14.37
N SER A 24 -8.12 30.19 -13.07
CA SER A 24 -7.91 29.16 -12.01
C SER A 24 -8.94 28.04 -12.16
N ALA A 25 -10.20 28.40 -12.41
CA ALA A 25 -11.33 27.45 -12.58
C ALA A 25 -11.06 26.57 -13.80
N TYR A 26 -10.59 27.16 -14.91
CA TYR A 26 -10.33 26.46 -16.19
C TYR A 26 -9.14 25.51 -16.01
N PHE A 27 -8.06 25.99 -15.38
CA PHE A 27 -6.82 25.23 -15.18
C PHE A 27 -7.09 24.05 -14.22
N GLY A 28 -7.83 24.32 -13.14
CA GLY A 28 -8.07 23.38 -12.04
C GLY A 28 -6.79 23.05 -11.32
N ASP A 29 -6.54 21.75 -11.10
CA ASP A 29 -5.51 21.24 -10.17
C ASP A 29 -4.87 20.01 -10.81
N VAL A 30 -3.54 20.00 -10.97
CA VAL A 30 -2.80 18.89 -11.66
C VAL A 30 -2.49 17.79 -10.65
N ASN A 31 -2.89 17.98 -9.38
CA ASN A 31 -2.74 16.95 -8.31
C ASN A 31 -1.24 16.63 -8.17
N HIS A 32 -0.42 17.67 -8.12
CA HIS A 32 1.05 17.57 -7.87
C HIS A 32 1.27 17.49 -6.36
N ARG A 33 1.16 16.28 -5.80
CA ARG A 33 1.27 15.98 -4.34
C ARG A 33 1.99 14.66 -4.15
N PRO A 34 2.57 14.42 -2.96
CA PRO A 34 3.21 13.15 -2.65
C PRO A 34 2.30 11.97 -3.05
N GLY A 35 2.86 11.03 -3.82
CA GLY A 35 2.17 9.79 -4.24
C GLY A 35 1.39 9.99 -5.53
N GLN A 36 1.16 11.24 -5.94
CA GLN A 36 0.21 11.58 -7.03
C GLN A 36 1.00 12.07 -8.25
N VAL A 37 2.33 12.01 -8.21
CA VAL A 37 3.24 12.34 -9.35
C VAL A 37 3.94 11.07 -9.81
N VAL A 38 3.37 10.34 -10.78
CA VAL A 38 3.80 8.96 -11.12
C VAL A 38 4.20 8.90 -12.60
N ASP A 39 4.10 10.03 -13.31
CA ASP A 39 4.71 10.21 -14.66
C ASP A 39 4.87 11.71 -14.93
N GLY A 40 5.08 12.07 -16.19
CA GLY A 40 5.47 13.42 -16.61
C GLY A 40 4.26 14.32 -16.86
N SER A 41 3.04 13.83 -16.66
CA SER A 41 1.80 14.55 -17.04
C SER A 41 1.55 15.75 -16.13
N ASN A 42 1.92 15.67 -14.84
CA ASN A 42 1.63 16.75 -13.86
C ASN A 42 2.92 17.27 -13.21
N THR A 43 4.06 17.17 -13.89
CA THR A 43 5.38 17.63 -13.37
C THR A 43 5.60 19.09 -13.78
N GLY A 44 5.14 19.48 -14.99
CA GLY A 44 5.62 20.65 -15.73
C GLY A 44 7.08 20.48 -16.15
N GLY A 45 7.71 21.56 -16.62
CA GLY A 45 9.07 21.53 -17.19
C GLY A 45 9.81 22.84 -16.99
N PHE A 46 11.13 22.77 -16.86
CA PHE A 46 12.03 23.95 -16.86
C PHE A 46 12.67 24.10 -18.23
N ASN A 47 12.87 25.35 -18.67
CA ASN A 47 13.75 25.73 -19.80
C ASN A 47 14.91 26.58 -19.29
N PRO A 48 16.18 26.10 -19.39
CA PRO A 48 16.50 24.86 -20.10
C PRO A 48 16.33 23.56 -19.30
N GLY A 49 16.15 23.66 -17.98
CA GLY A 49 16.15 22.50 -17.07
C GLY A 49 17.56 21.98 -16.87
N PRO A 50 17.75 20.78 -16.28
CA PRO A 50 16.65 19.95 -15.80
C PRO A 50 15.90 20.49 -14.57
N PHE A 51 16.58 21.15 -13.64
CA PHE A 51 16.03 21.56 -12.32
C PHE A 51 16.11 23.07 -12.12
N ASP A 52 16.61 23.81 -13.11
CA ASP A 52 16.65 25.30 -13.09
C ASP A 52 16.34 25.80 -14.51
N GLY A 53 15.82 27.02 -14.63
CA GLY A 53 15.61 27.65 -15.94
C GLY A 53 15.06 29.06 -15.83
N SER A 54 15.10 29.80 -16.94
CA SER A 54 14.47 31.13 -17.13
C SER A 54 12.95 30.97 -17.25
N GLN A 55 12.48 29.74 -17.50
CA GLN A 55 11.04 29.41 -17.58
C GLN A 55 10.76 28.15 -16.75
N TYR A 56 9.66 28.16 -15.99
CA TYR A 56 8.90 26.94 -15.60
C TYR A 56 7.50 27.02 -16.23
N ALA A 57 7.09 25.98 -16.94
CA ALA A 57 5.79 25.96 -17.67
C ALA A 57 4.98 24.74 -17.26
N LEU A 58 3.65 24.88 -17.28
CA LEU A 58 2.71 23.79 -16.93
C LEU A 58 1.42 23.96 -17.72
N LYS A 59 0.91 22.86 -18.25
CA LYS A 59 -0.41 22.83 -18.94
C LYS A 59 -1.41 22.03 -18.08
N SER A 60 -2.65 22.51 -18.04
CA SER A 60 -3.74 21.88 -17.26
C SER A 60 -3.96 20.45 -17.78
N THR A 61 -4.27 19.52 -16.88
CA THR A 61 -4.69 18.14 -17.22
C THR A 61 -6.22 18.07 -17.26
N ALA A 62 -6.90 19.21 -17.10
CA ALA A 62 -8.37 19.35 -17.14
C ALA A 62 -8.81 20.00 -18.47
N SER A 63 -7.95 20.81 -19.07
CA SER A 63 -8.30 21.75 -20.17
C SER A 63 -7.06 22.12 -20.97
N ASP A 64 -7.18 23.13 -21.85
CA ASP A 64 -6.08 23.61 -22.74
C ASP A 64 -5.32 24.74 -22.05
N ALA A 65 -5.80 25.17 -20.87
CA ALA A 65 -5.22 26.28 -20.10
C ALA A 65 -3.77 25.92 -19.72
N ALA A 66 -2.89 26.91 -19.73
CA ALA A 66 -1.48 26.73 -19.36
C ALA A 66 -0.94 28.06 -18.83
N PHE A 67 0.18 28.01 -18.12
CA PHE A 67 0.92 29.22 -17.71
C PHE A 67 2.42 28.99 -17.91
N ILE A 68 3.15 30.10 -18.06
CA ILE A 68 4.63 30.13 -18.07
C ILE A 68 5.09 31.12 -17.00
N ALA A 69 5.98 30.67 -16.11
CA ALA A 69 6.65 31.51 -15.09
C ALA A 69 8.04 31.88 -15.61
N GLY A 70 8.35 33.18 -15.58
CA GLY A 70 9.60 33.76 -16.14
C GLY A 70 10.49 34.33 -15.06
N GLY A 71 11.80 34.09 -15.17
CA GLY A 71 12.85 34.71 -14.34
C GLY A 71 14.07 33.82 -14.26
N ASP A 72 14.48 33.47 -13.04
CA ASP A 72 15.56 32.50 -12.76
C ASP A 72 15.11 31.57 -11.63
N LEU A 73 14.50 30.44 -11.98
CA LEU A 73 13.77 29.59 -11.01
C LEU A 73 14.55 28.30 -10.78
N HIS A 74 14.49 27.81 -9.54
CA HIS A 74 15.22 26.60 -9.08
C HIS A 74 14.24 25.67 -8.36
N TYR A 75 14.52 24.37 -8.42
CA TYR A 75 13.79 23.31 -7.67
C TYR A 75 14.83 22.41 -7.00
N THR A 76 14.73 22.30 -5.67
CA THR A 76 15.77 21.68 -4.81
C THR A 76 15.59 20.16 -4.84
N LEU A 77 14.35 19.66 -4.70
CA LEU A 77 14.06 18.21 -4.57
C LEU A 77 14.77 17.67 -3.33
N PHE A 78 15.77 16.80 -3.46
CA PHE A 78 16.41 16.15 -2.29
C PHE A 78 17.59 17.01 -1.81
N SER A 79 17.25 18.21 -1.34
CA SER A 79 18.17 19.15 -0.64
C SER A 79 17.31 20.08 0.23
N ASN A 80 17.59 20.16 1.54
CA ASN A 80 16.74 20.90 2.51
C ASN A 80 16.59 22.34 2.04
N PRO A 81 15.37 22.93 2.11
CA PRO A 81 14.14 22.15 2.31
C PRO A 81 13.62 21.46 1.04
N SER A 82 13.27 20.18 1.15
CA SER A 82 12.68 19.32 0.09
C SER A 82 11.55 20.06 -0.62
N HIS A 83 11.48 19.92 -1.95
CA HIS A 83 10.32 20.27 -2.79
C HIS A 83 10.10 21.78 -2.72
N THR A 84 11.19 22.54 -2.75
CA THR A 84 11.16 24.03 -2.73
C THR A 84 11.39 24.56 -4.14
N LEU A 85 10.53 25.48 -4.54
CA LEU A 85 10.70 26.25 -5.80
C LEU A 85 10.99 27.69 -5.41
N TRP A 86 12.16 28.19 -5.81
CA TRP A 86 12.73 29.45 -5.29
C TRP A 86 13.51 30.14 -6.41
N GLY A 87 13.98 31.36 -6.15
CA GLY A 87 14.74 32.20 -7.09
C GLY A 87 13.96 33.42 -7.51
N LYS A 88 14.18 33.89 -8.73
CA LYS A 88 13.68 35.20 -9.24
C LYS A 88 12.47 34.92 -10.15
N LEU A 89 11.33 35.52 -9.81
CA LEU A 89 10.11 35.50 -10.65
C LEU A 89 9.79 36.93 -11.05
N ASP A 90 9.91 37.24 -12.34
CA ASP A 90 9.73 38.61 -12.88
C ASP A 90 8.45 38.68 -13.71
N SER A 91 7.86 37.53 -14.07
CA SER A 91 6.66 37.50 -14.95
C SER A 91 5.85 36.21 -14.77
N ILE A 92 4.56 36.31 -15.09
CA ILE A 92 3.68 35.13 -15.28
C ILE A 92 2.78 35.39 -16.50
N ALA A 93 2.72 34.43 -17.42
CA ALA A 93 1.89 34.50 -18.64
C ALA A 93 0.81 33.42 -18.56
N LEU A 94 -0.46 33.81 -18.69
CA LEU A 94 -1.62 32.88 -18.60
C LEU A 94 -2.26 32.76 -19.98
N GLY A 95 -2.36 31.53 -20.50
CA GLY A 95 -2.82 31.28 -21.88
C GLY A 95 -3.20 29.82 -22.09
N ASP A 96 -3.64 29.48 -23.30
CA ASP A 96 -3.98 28.10 -23.72
C ASP A 96 -2.90 27.58 -24.69
N THR A 97 -2.82 26.26 -24.84
CA THR A 97 -1.99 25.52 -25.83
C THR A 97 -0.51 25.86 -25.59
N LEU A 98 -0.02 25.63 -24.38
CA LEU A 98 1.44 25.49 -24.17
C LEU A 98 2.03 24.79 -25.39
N THR A 99 3.04 25.39 -26.00
CA THR A 99 3.87 24.75 -27.06
C THR A 99 5.34 24.84 -26.66
N GLY A 100 6.14 23.95 -27.25
CA GLY A 100 7.62 23.99 -27.19
C GLY A 100 8.12 23.26 -25.97
N GLY A 101 9.16 23.81 -25.33
CA GLY A 101 9.94 23.14 -24.26
C GLY A 101 11.43 23.33 -24.48
N ALA A 102 12.25 22.73 -23.62
CA ALA A 102 13.72 22.88 -23.61
C ALA A 102 14.28 22.46 -24.97
N SER A 103 13.76 21.38 -25.55
CA SER A 103 14.18 20.89 -26.89
C SER A 103 13.94 21.98 -27.94
N SER A 104 12.82 22.70 -27.83
CA SER A 104 12.35 23.71 -28.81
C SER A 104 13.02 25.07 -28.53
N GLY A 105 13.89 25.12 -27.52
CA GLY A 105 14.60 26.34 -27.11
C GLY A 105 13.76 27.26 -26.25
N GLY A 106 12.62 26.76 -25.74
CA GLY A 106 11.77 27.52 -24.82
C GLY A 106 10.30 27.19 -24.97
N TYR A 107 9.49 27.65 -24.01
CA TYR A 107 8.02 27.50 -24.00
C TYR A 107 7.40 28.76 -24.60
N ALA A 108 6.23 28.61 -25.21
CA ALA A 108 5.39 29.73 -25.68
C ALA A 108 3.91 29.33 -25.57
N LEU A 109 3.06 30.31 -25.25
CA LEU A 109 1.59 30.16 -25.30
C LEU A 109 1.12 30.45 -26.72
N ASP A 110 0.39 29.50 -27.33
CA ASP A 110 -0.28 29.67 -28.65
C ASP A 110 -1.30 30.80 -28.54
N SER A 111 -2.07 30.81 -27.45
CA SER A 111 -3.14 31.81 -27.18
C SER A 111 -2.96 32.40 -25.78
N GLN A 112 -2.15 33.46 -25.68
CA GLN A 112 -1.90 34.20 -24.41
C GLN A 112 -3.06 35.18 -24.19
N GLU A 113 -3.61 35.19 -22.98
CA GLU A 113 -4.77 36.04 -22.62
C GLU A 113 -4.27 37.22 -21.80
N VAL A 114 -3.51 36.96 -20.74
CA VAL A 114 -3.02 38.00 -19.78
C VAL A 114 -1.60 37.65 -19.37
N SER A 115 -0.79 38.68 -19.13
CA SER A 115 0.62 38.59 -18.65
C SER A 115 0.90 39.69 -17.63
N PHE A 116 1.65 39.37 -16.58
CA PHE A 116 2.14 40.33 -15.57
C PHE A 116 3.66 40.22 -15.49
N SER A 117 4.36 41.34 -15.64
CA SER A 117 5.84 41.39 -15.74
C SER A 117 6.41 42.45 -14.79
N ASN A 118 7.72 42.38 -14.56
CA ASN A 118 8.43 43.13 -13.48
C ASN A 118 7.68 42.89 -12.16
N LEU A 119 7.39 41.63 -11.83
CA LEU A 119 6.84 41.21 -10.51
C LEU A 119 7.88 41.52 -9.43
N GLY A 120 9.17 41.46 -9.80
CA GLY A 120 10.29 41.70 -8.88
C GLY A 120 10.17 40.87 -7.62
N LEU A 121 9.78 39.60 -7.75
CA LEU A 121 9.84 38.60 -6.66
C LEU A 121 11.18 37.86 -6.69
N ASP A 122 11.87 37.82 -5.55
CA ASP A 122 13.08 37.00 -5.33
C ASP A 122 12.97 36.32 -3.96
N SER A 123 12.83 35.00 -3.97
CA SER A 123 12.57 34.18 -2.76
C SER A 123 13.78 33.26 -2.54
N PRO A 124 14.50 33.42 -1.41
CA PRO A 124 15.68 32.60 -1.14
C PRO A 124 15.32 31.16 -0.75
N ILE A 125 16.26 30.24 -0.96
CA ILE A 125 16.13 28.80 -0.60
C ILE A 125 15.73 28.68 0.88
N ALA A 126 16.25 29.55 1.74
CA ALA A 126 15.99 29.58 3.20
C ALA A 126 14.49 29.51 3.48
N GLN A 127 13.65 30.21 2.70
CA GLN A 127 12.21 30.42 3.02
C GLN A 127 11.42 29.15 2.67
N GLY A 128 12.06 28.17 2.05
CA GLY A 128 11.40 26.96 1.51
C GLY A 128 10.03 27.29 0.93
N ARG A 129 9.01 26.52 1.35
CA ARG A 129 7.67 26.48 0.71
C ARG A 129 6.94 27.82 0.93
N ASP A 130 7.47 28.70 1.79
CA ASP A 130 6.71 29.86 2.31
C ASP A 130 7.27 31.16 1.71
N GLY A 131 8.30 31.04 0.86
CA GLY A 131 8.72 32.10 -0.08
C GLY A 131 7.60 32.44 -1.03
N THR A 132 7.43 33.73 -1.36
CA THR A 132 6.32 34.21 -2.23
C THR A 132 6.37 33.51 -3.59
N VAL A 133 7.56 33.21 -4.12
CA VAL A 133 7.72 32.61 -5.46
C VAL A 133 7.08 31.22 -5.46
N HIS A 134 7.36 30.40 -4.45
CA HIS A 134 6.78 29.04 -4.28
C HIS A 134 5.25 29.15 -4.13
N LYS A 135 4.78 30.06 -3.29
CA LYS A 135 3.33 30.22 -3.01
C LYS A 135 2.62 30.59 -4.32
N VAL A 136 3.19 31.50 -5.10
CA VAL A 136 2.56 32.02 -6.35
C VAL A 136 2.49 30.86 -7.36
N VAL A 137 3.61 30.19 -7.59
CA VAL A 137 3.71 29.19 -8.69
C VAL A 137 2.90 27.95 -8.30
N TYR A 138 3.04 27.45 -7.07
CA TYR A 138 2.31 26.23 -6.65
C TYR A 138 0.81 26.53 -6.57
N GLY A 139 0.46 27.78 -6.24
CA GLY A 139 -0.92 28.27 -6.32
C GLY A 139 -1.51 28.03 -7.69
N LEU A 140 -0.84 28.50 -8.73
CA LEU A 140 -1.29 28.35 -10.14
C LEU A 140 -1.30 26.85 -10.50
N MET A 141 -0.46 26.05 -9.85
CA MET A 141 -0.35 24.59 -10.16
C MET A 141 -1.56 23.87 -9.58
N SER A 142 -2.11 24.35 -8.46
CA SER A 142 -3.06 23.58 -7.60
C SER A 142 -4.45 24.19 -7.62
N GLY A 143 -4.66 25.29 -8.36
CA GLY A 143 -5.99 25.85 -8.65
C GLY A 143 -6.34 27.02 -7.75
N ASP A 144 -5.36 27.58 -7.02
CA ASP A 144 -5.55 28.74 -6.12
C ASP A 144 -4.64 29.89 -6.54
N SER A 145 -5.21 30.95 -7.11
CA SER A 145 -4.47 32.13 -7.64
C SER A 145 -4.42 33.26 -6.59
N SER A 146 -4.61 32.97 -5.31
CA SER A 146 -4.78 34.00 -4.26
C SER A 146 -3.44 34.64 -3.90
N ALA A 147 -2.36 33.86 -3.86
CA ALA A 147 -0.98 34.35 -3.67
C ALA A 147 -0.63 35.33 -4.81
N LEU A 148 -0.79 34.90 -6.07
CA LEU A 148 -0.56 35.76 -7.27
C LEU A 148 -1.42 37.02 -7.14
N GLN A 149 -2.67 36.88 -6.71
CA GLN A 149 -3.64 38.01 -6.60
C GLN A 149 -3.09 39.03 -5.61
N GLY A 150 -2.67 38.57 -4.43
CA GLY A 150 -2.17 39.43 -3.33
C GLY A 150 -0.95 40.20 -3.76
N GLN A 151 -0.07 39.56 -4.53
CA GLN A 151 1.18 40.17 -5.04
C GLN A 151 0.82 41.25 -6.07
N ILE A 152 -0.08 40.94 -7.00
CA ILE A 152 -0.49 41.89 -8.08
C ILE A 152 -1.16 43.09 -7.42
N ASP A 153 -1.97 42.86 -6.38
CA ASP A 153 -2.69 43.92 -5.65
C ASP A 153 -1.69 44.86 -4.96
N ALA A 154 -0.66 44.30 -4.30
CA ALA A 154 0.41 45.07 -3.61
C ALA A 154 1.17 45.92 -4.62
N LEU A 155 1.52 45.34 -5.78
CA LEU A 155 2.21 46.06 -6.88
C LEU A 155 1.31 47.19 -7.39
N LEU A 156 0.03 46.91 -7.63
CA LEU A 156 -0.95 47.89 -8.19
C LEU A 156 -1.08 49.06 -7.23
N LYS A 157 -1.17 48.77 -5.92
CA LYS A 157 -1.33 49.78 -4.85
C LYS A 157 -0.02 50.55 -4.68
N ALA A 158 1.13 49.91 -4.92
CA ALA A 158 2.47 50.54 -4.89
C ALA A 158 2.56 51.63 -5.96
N VAL A 159 2.13 51.32 -7.19
CA VAL A 159 2.15 52.29 -8.33
C VAL A 159 1.18 53.44 -8.00
N ASP A 160 -0.04 53.11 -7.60
CA ASP A 160 -1.11 54.09 -7.27
C ASP A 160 -2.06 53.49 -6.23
N PRO A 161 -2.26 54.17 -5.08
CA PRO A 161 -3.21 53.72 -4.08
C PRO A 161 -4.63 53.39 -4.58
N SER A 162 -5.19 54.18 -5.50
CA SER A 162 -6.57 54.05 -6.02
C SER A 162 -6.72 52.73 -6.82
N LEU A 163 -5.66 52.32 -7.54
CA LEU A 163 -5.65 51.08 -8.35
C LEU A 163 -5.81 49.87 -7.44
N SER A 164 -6.41 48.80 -7.96
CA SER A 164 -6.80 47.60 -7.18
C SER A 164 -6.89 46.37 -8.10
N ILE A 165 -7.00 45.18 -7.49
CA ILE A 165 -7.30 43.91 -8.20
C ILE A 165 -8.69 44.01 -8.84
N ASN A 166 -9.52 44.94 -8.37
CA ASN A 166 -10.93 45.11 -8.82
C ASN A 166 -11.01 46.24 -9.85
N SER A 167 -9.88 46.85 -10.23
CA SER A 167 -9.75 47.70 -11.44
C SER A 167 -9.91 46.83 -12.67
N THR A 168 -10.62 47.30 -13.70
CA THR A 168 -10.74 46.62 -15.02
C THR A 168 -9.43 46.80 -15.79
N PHE A 169 -9.20 45.96 -16.81
CA PHE A 169 -7.97 45.97 -17.64
C PHE A 169 -7.91 47.27 -18.44
N ASP A 170 -9.06 47.80 -18.88
CA ASP A 170 -9.14 49.08 -19.64
C ASP A 170 -8.89 50.25 -18.68
N GLN A 171 -9.31 50.14 -17.41
CA GLN A 171 -9.04 51.13 -16.35
C GLN A 171 -7.53 51.20 -16.10
N LEU A 172 -6.87 50.05 -15.93
CA LEU A 172 -5.41 49.96 -15.67
C LEU A 172 -4.65 50.43 -16.92
N ALA A 173 -5.22 50.20 -18.11
CA ALA A 173 -4.65 50.69 -19.39
C ALA A 173 -4.68 52.22 -19.41
N ALA A 174 -5.78 52.81 -18.94
CA ALA A 174 -5.95 54.27 -18.82
C ALA A 174 -4.92 54.83 -17.83
N ALA A 175 -4.58 54.05 -16.79
CA ALA A 175 -3.68 54.48 -15.70
C ALA A 175 -2.23 54.22 -16.08
N GLY A 176 -1.98 53.79 -17.32
CA GLY A 176 -0.62 53.64 -17.91
C GLY A 176 0.00 52.29 -17.59
N VAL A 177 -0.66 51.48 -16.75
CA VAL A 177 -0.12 50.22 -16.18
C VAL A 177 -0.17 49.12 -17.25
N ALA A 178 -1.29 48.98 -17.97
CA ALA A 178 -1.56 47.83 -18.86
C ALA A 178 -1.63 48.29 -20.32
N HIS A 179 -1.20 47.44 -21.25
CA HIS A 179 -1.27 47.66 -22.71
C HIS A 179 -2.03 46.49 -23.37
N ALA A 180 -3.01 46.81 -24.22
CA ALA A 180 -3.94 45.84 -24.85
C ALA A 180 -3.26 45.20 -26.06
N THR A 181 -3.67 43.95 -26.36
CA THR A 181 -3.04 43.04 -27.35
C THR A 181 -4.13 42.19 -27.98
N PRO A 182 -3.90 41.60 -29.18
CA PRO A 182 -5.00 41.08 -29.99
C PRO A 182 -6.39 41.17 -29.34
N SER B 2 -44.67 22.17 11.54
CA SER B 2 -43.81 23.37 11.38
C SER B 2 -42.49 23.18 12.15
N ILE B 3 -41.37 23.62 11.56
CA ILE B 3 -40.02 23.64 12.18
C ILE B 3 -40.14 24.26 13.58
N SER B 4 -39.57 23.61 14.59
CA SER B 4 -39.44 24.16 15.95
C SER B 4 -37.95 24.26 16.30
N ILE B 5 -37.49 25.46 16.63
CA ILE B 5 -36.05 25.76 16.87
C ILE B 5 -35.87 26.14 18.34
N SER B 6 -34.89 25.53 19.00
CA SER B 6 -34.57 25.68 20.43
C SER B 6 -33.14 26.17 20.60
N TYR B 7 -32.96 27.41 21.06
CA TYR B 7 -31.64 28.11 21.06
C TYR B 7 -31.30 28.60 22.48
N SER B 8 -30.07 28.33 22.90
CA SER B 8 -29.42 28.93 24.09
C SER B 8 -29.43 30.46 23.95
N THR B 9 -29.64 31.17 25.07
CA THR B 9 -29.89 32.63 25.09
C THR B 9 -28.61 33.37 24.67
N THR B 10 -27.46 32.68 24.67
CA THR B 10 -26.16 33.23 24.23
C THR B 10 -26.29 33.78 22.81
N TYR B 11 -26.99 33.05 21.93
CA TYR B 11 -26.96 33.25 20.46
C TYR B 11 -28.22 34.01 20.02
N SER B 12 -28.89 34.70 20.95
CA SER B 12 -30.08 35.55 20.68
C SER B 12 -29.80 36.49 19.50
N GLY B 13 -28.62 37.13 19.52
CA GLY B 13 -28.22 38.17 18.55
C GLY B 13 -27.69 37.56 17.25
N TRP B 14 -27.38 36.26 17.26
CA TRP B 14 -26.79 35.53 16.10
C TRP B 14 -27.89 35.21 15.08
N THR B 15 -27.52 35.21 13.79
CA THR B 15 -28.30 34.59 12.70
C THR B 15 -28.03 33.08 12.69
N VAL B 16 -28.92 32.30 12.08
CA VAL B 16 -28.83 30.81 12.05
C VAL B 16 -27.63 30.40 11.20
N ALA B 17 -27.40 31.11 10.08
CA ALA B 17 -26.25 30.91 9.18
C ALA B 17 -24.94 31.17 9.95
N ASP B 18 -24.89 32.26 10.72
CA ASP B 18 -23.73 32.58 11.60
C ASP B 18 -23.42 31.37 12.47
N TYR B 19 -24.41 30.94 13.28
CA TYR B 19 -24.23 29.86 14.28
C TYR B 19 -23.77 28.58 13.57
N LEU B 20 -24.39 28.24 12.44
CA LEU B 20 -24.14 26.96 11.74
C LEU B 20 -22.71 26.96 11.18
N ALA B 21 -22.26 28.08 10.63
CA ALA B 21 -20.87 28.28 10.14
C ALA B 21 -19.88 28.09 11.28
N ASP B 22 -20.13 28.73 12.44
CA ASP B 22 -19.21 28.68 13.60
C ASP B 22 -19.17 27.25 14.15
N TRP B 23 -20.31 26.57 14.22
CA TRP B 23 -20.40 25.18 14.77
C TRP B 23 -19.65 24.22 13.84
N SER B 24 -19.83 24.37 12.53
CA SER B 24 -19.09 23.61 11.49
C SER B 24 -17.58 23.80 11.69
N ALA B 25 -17.15 25.04 11.93
CA ALA B 25 -15.72 25.38 12.09
C ALA B 25 -15.16 24.65 13.31
N TYR B 26 -15.89 24.66 14.44
CA TYR B 26 -15.46 24.07 15.72
C TYR B 26 -15.41 22.55 15.59
N PHE B 27 -16.43 21.96 14.96
CA PHE B 27 -16.56 20.49 14.82
C PHE B 27 -15.46 19.98 13.89
N GLY B 28 -15.25 20.69 12.78
CA GLY B 28 -14.34 20.28 11.68
C GLY B 28 -14.87 19.04 10.98
N ASP B 29 -13.97 18.12 10.63
CA ASP B 29 -14.31 16.90 9.86
C ASP B 29 -13.61 15.70 10.51
N VAL B 30 -14.34 14.62 10.77
CA VAL B 30 -13.78 13.41 11.43
C VAL B 30 -13.06 12.55 10.40
N ASN B 31 -12.99 13.02 9.15
CA ASN B 31 -12.27 12.30 8.06
C ASN B 31 -12.88 10.90 7.93
N HIS B 32 -14.21 10.83 7.82
CA HIS B 32 -14.98 9.57 7.61
C HIS B 32 -15.01 9.25 6.10
N ARG B 33 -14.03 8.47 5.65
CA ARG B 33 -13.72 8.21 4.22
C ARG B 33 -13.14 6.81 4.08
N PRO B 34 -13.22 6.21 2.87
CA PRO B 34 -12.59 4.91 2.62
C PRO B 34 -11.10 4.96 2.97
N GLY B 35 -10.64 4.00 3.78
CA GLY B 35 -9.23 3.89 4.23
C GLY B 35 -8.95 4.69 5.49
N GLN B 36 -9.82 5.65 5.85
CA GLN B 36 -9.61 6.61 6.96
C GLN B 36 -10.43 6.20 8.20
N VAL B 37 -11.21 5.12 8.10
CA VAL B 37 -12.00 4.55 9.23
C VAL B 37 -11.33 3.25 9.68
N VAL B 38 -10.51 3.31 10.73
CA VAL B 38 -9.59 2.21 11.12
C VAL B 38 -9.81 1.85 12.59
N ASP B 39 -10.67 2.60 13.28
CA ASP B 39 -11.17 2.28 14.64
C ASP B 39 -12.47 3.06 14.90
N GLY B 40 -12.93 3.09 16.15
CA GLY B 40 -14.26 3.58 16.53
C GLY B 40 -14.29 5.09 16.76
N SER B 41 -13.18 5.78 16.49
CA SER B 41 -13.00 7.20 16.90
C SER B 41 -13.76 8.12 15.94
N ASN B 42 -13.93 7.72 14.67
CA ASN B 42 -14.63 8.55 13.66
C ASN B 42 -15.77 7.76 13.00
N THR B 43 -16.37 6.79 13.69
CA THR B 43 -17.53 6.01 13.20
C THR B 43 -18.83 6.71 13.60
N GLY B 44 -18.86 7.29 14.81
CA GLY B 44 -20.11 7.65 15.51
C GLY B 44 -20.86 6.41 15.96
N GLY B 45 -22.14 6.56 16.31
CA GLY B 45 -22.91 5.50 17.00
C GLY B 45 -24.40 5.66 16.78
N PHE B 46 -25.10 4.52 16.72
CA PHE B 46 -26.58 4.43 16.68
C PHE B 46 -27.12 4.04 18.06
N ASN B 47 -28.28 4.60 18.42
CA ASN B 47 -29.09 4.11 19.57
C ASN B 47 -30.45 3.67 19.06
N PRO B 48 -30.84 2.38 19.22
CA PRO B 48 -30.03 1.40 19.94
C PRO B 48 -28.91 0.69 19.14
N GLY B 49 -28.79 0.97 17.84
CA GLY B 49 -27.87 0.25 16.94
C GLY B 49 -28.32 -1.19 16.72
N PRO B 50 -27.47 -2.08 16.17
CA PRO B 50 -26.12 -1.73 15.74
C PRO B 50 -26.04 -0.83 14.49
N PHE B 51 -26.97 -0.99 13.53
CA PHE B 51 -26.96 -0.29 12.23
C PHE B 51 -28.23 0.55 12.04
N ASP B 52 -29.11 0.58 13.04
CA ASP B 52 -30.37 1.36 13.00
C ASP B 52 -30.60 2.00 14.37
N GLY B 53 -31.30 3.13 14.41
CA GLY B 53 -31.68 3.75 15.70
C GLY B 53 -32.56 4.95 15.50
N SER B 54 -33.15 5.41 16.61
CA SER B 54 -33.84 6.72 16.73
C SER B 54 -32.81 7.83 16.92
N GLN B 55 -31.55 7.45 17.17
CA GLN B 55 -30.43 8.41 17.30
C GLN B 55 -29.23 7.92 16.48
N TYR B 56 -28.64 8.81 15.68
CA TYR B 56 -27.22 8.73 15.27
C TYR B 56 -26.47 9.92 15.86
N ALA B 57 -25.39 9.68 16.60
CA ALA B 57 -24.62 10.74 17.30
C ALA B 57 -23.15 10.67 16.90
N LEU B 58 -22.51 11.83 16.80
CA LEU B 58 -21.06 11.94 16.51
C LEU B 58 -20.43 13.03 17.37
N LYS B 59 -19.23 12.76 17.86
CA LYS B 59 -18.38 13.72 18.61
C LYS B 59 -17.15 14.07 17.76
N SER B 60 -16.87 15.37 17.65
CA SER B 60 -15.72 15.91 16.89
C SER B 60 -14.42 15.29 17.42
N THR B 61 -13.43 15.07 16.55
CA THR B 61 -12.08 14.57 16.93
C THR B 61 -11.12 15.75 17.03
N ALA B 62 -11.61 16.97 16.81
CA ALA B 62 -10.82 18.23 16.90
C ALA B 62 -11.14 18.95 18.22
N SER B 63 -12.37 18.86 18.70
CA SER B 63 -12.95 19.73 19.75
C SER B 63 -14.00 18.94 20.56
N ASP B 64 -14.77 19.65 21.39
CA ASP B 64 -15.83 19.07 22.26
C ASP B 64 -17.17 19.10 21.52
N ALA B 65 -17.21 19.70 20.32
CA ALA B 65 -18.44 19.86 19.52
C ALA B 65 -18.99 18.48 19.19
N ALA B 66 -20.31 18.32 19.27
CA ALA B 66 -20.98 17.06 18.94
C ALA B 66 -22.38 17.40 18.45
N PHE B 67 -23.02 16.44 17.81
CA PHE B 67 -24.42 16.56 17.32
C PHE B 67 -25.12 15.22 17.50
N ILE B 68 -26.44 15.29 17.66
CA ILE B 68 -27.34 14.11 17.67
C ILE B 68 -28.42 14.33 16.60
N ALA B 69 -28.58 13.33 15.73
CA ALA B 69 -29.64 13.26 14.70
C ALA B 69 -30.74 12.32 15.20
N GLY B 70 -31.97 12.81 15.24
CA GLY B 70 -33.12 12.08 15.81
C GLY B 70 -34.06 11.67 14.71
N GLY B 71 -34.62 10.46 14.81
CA GLY B 71 -35.77 10.01 14.00
C GLY B 71 -35.81 8.50 13.89
N ASP B 72 -35.60 7.98 12.68
CA ASP B 72 -35.58 6.52 12.37
C ASP B 72 -34.55 6.29 11.26
N LEU B 73 -33.29 6.15 11.65
CA LEU B 73 -32.15 6.23 10.71
C LEU B 73 -31.57 4.83 10.51
N HIS B 74 -31.09 4.57 9.29
CA HIS B 74 -30.56 3.26 8.86
C HIS B 74 -29.24 3.46 8.11
N TYR B 75 -28.31 2.52 8.26
CA TYR B 75 -27.04 2.47 7.49
C TYR B 75 -26.93 1.11 6.80
N THR B 76 -26.82 1.14 5.48
CA THR B 76 -26.94 -0.05 4.60
C THR B 76 -25.63 -0.85 4.65
N LEU B 77 -24.50 -0.18 4.86
CA LEU B 77 -23.14 -0.75 4.66
C LEU B 77 -23.15 -1.56 3.36
N PHE B 78 -22.94 -2.88 3.41
CA PHE B 78 -22.70 -3.71 2.19
C PHE B 78 -24.04 -4.20 1.63
N SER B 79 -24.90 -3.25 1.22
CA SER B 79 -26.16 -3.49 0.46
C SER B 79 -26.39 -2.30 -0.48
N ASN B 80 -26.73 -2.57 -1.74
CA ASN B 80 -26.98 -1.51 -2.76
C ASN B 80 -27.94 -0.48 -2.17
N PRO B 81 -27.64 0.84 -2.25
CA PRO B 81 -26.27 1.33 -2.47
C PRO B 81 -25.45 1.36 -1.16
N SER B 82 -24.22 0.85 -1.21
CA SER B 82 -23.32 0.72 -0.03
C SER B 82 -23.02 2.11 0.54
N HIS B 83 -22.92 2.19 1.87
CA HIS B 83 -22.52 3.39 2.64
C HIS B 83 -23.60 4.47 2.50
N THR B 84 -24.87 4.09 2.61
CA THR B 84 -26.02 5.03 2.55
C THR B 84 -26.63 5.18 3.95
N LEU B 85 -26.92 6.43 4.32
CA LEU B 85 -27.65 6.73 5.57
C LEU B 85 -28.99 7.33 5.17
N TRP B 86 -30.05 6.57 5.41
CA TRP B 86 -31.43 6.88 4.97
C TRP B 86 -32.40 6.70 6.14
N GLY B 87 -33.64 7.18 5.97
CA GLY B 87 -34.75 6.98 6.93
C GLY B 87 -35.43 8.30 7.23
N LYS B 88 -35.97 8.44 8.45
CA LYS B 88 -36.68 9.66 8.89
C LYS B 88 -35.74 10.48 9.77
N LEU B 89 -35.58 11.77 9.46
CA LEU B 89 -34.82 12.75 10.28
C LEU B 89 -35.78 13.85 10.74
N ASP B 90 -36.04 13.92 12.05
CA ASP B 90 -37.00 14.86 12.68
C ASP B 90 -36.23 16.03 13.28
N SER B 91 -35.03 15.77 13.81
CA SER B 91 -34.29 16.75 14.64
C SER B 91 -32.79 16.67 14.39
N ILE B 92 -32.11 17.78 14.65
CA ILE B 92 -30.64 17.82 14.86
C ILE B 92 -30.36 18.71 16.08
N ALA B 93 -29.72 18.13 17.10
CA ALA B 93 -29.21 18.84 18.29
C ALA B 93 -27.71 19.12 18.10
N LEU B 94 -27.31 20.38 18.13
CA LEU B 94 -25.88 20.79 18.06
C LEU B 94 -25.45 21.30 19.43
N GLY B 95 -24.23 20.97 19.87
CA GLY B 95 -23.62 21.54 21.07
C GLY B 95 -22.30 20.88 21.41
N ASP B 96 -22.02 20.72 22.71
CA ASP B 96 -20.73 20.24 23.24
C ASP B 96 -20.98 19.04 24.17
N THR B 97 -19.95 18.19 24.30
CA THR B 97 -19.86 17.08 25.27
C THR B 97 -20.98 16.08 25.00
N LEU B 98 -20.80 15.22 24.00
CA LEU B 98 -21.61 14.00 23.83
C LEU B 98 -21.45 13.15 25.08
N THR B 99 -22.57 12.77 25.71
CA THR B 99 -22.62 11.74 26.78
C THR B 99 -23.56 10.61 26.36
N GLY B 100 -23.44 9.47 27.03
CA GLY B 100 -24.34 8.32 26.91
C GLY B 100 -23.94 7.42 25.76
N GLY B 101 -24.92 6.83 25.07
CA GLY B 101 -24.73 5.77 24.06
C GLY B 101 -25.73 4.65 24.27
N ALA B 102 -25.76 3.67 23.36
CA ALA B 102 -26.83 2.66 23.29
C ALA B 102 -26.93 1.95 24.66
N SER B 103 -25.79 1.61 25.26
CA SER B 103 -25.77 0.86 26.54
C SER B 103 -26.21 1.79 27.69
N SER B 104 -26.27 3.11 27.45
CA SER B 104 -26.71 4.12 28.44
C SER B 104 -28.19 4.47 28.21
N GLY B 105 -28.83 3.80 27.25
CA GLY B 105 -30.25 4.01 26.91
C GLY B 105 -30.44 5.17 25.95
N GLY B 106 -29.34 5.75 25.46
CA GLY B 106 -29.37 6.78 24.42
C GLY B 106 -28.28 7.83 24.62
N TYR B 107 -28.20 8.78 23.69
CA TYR B 107 -27.21 9.88 23.66
C TYR B 107 -27.87 11.15 24.21
N ALA B 108 -27.06 12.01 24.83
CA ALA B 108 -27.46 13.37 25.26
C ALA B 108 -26.26 14.31 25.18
N LEU B 109 -26.47 15.52 24.68
CA LEU B 109 -25.47 16.61 24.76
C LEU B 109 -25.49 17.17 26.18
N ASP B 110 -24.33 17.26 26.83
CA ASP B 110 -24.21 17.90 28.17
C ASP B 110 -24.48 19.40 28.03
N SER B 111 -24.06 20.00 26.92
CA SER B 111 -24.23 21.46 26.65
C SER B 111 -24.82 21.64 25.25
N GLN B 112 -26.13 21.43 25.10
CA GLN B 112 -26.85 21.70 23.82
C GLN B 112 -26.97 23.22 23.65
N GLU B 113 -26.67 23.71 22.44
CA GLU B 113 -26.67 25.16 22.10
C GLU B 113 -27.88 25.47 21.21
N VAL B 114 -28.09 24.66 20.16
CA VAL B 114 -29.18 24.86 19.18
C VAL B 114 -29.76 23.50 18.79
N SER B 115 -31.08 23.44 18.63
CA SER B 115 -31.84 22.28 18.10
C SER B 115 -32.81 22.74 17.01
N PHE B 116 -32.96 21.93 15.96
CA PHE B 116 -34.00 22.06 14.92
C PHE B 116 -34.81 20.77 14.89
N SER B 117 -36.13 20.87 15.13
CA SER B 117 -37.04 19.71 15.26
C SER B 117 -38.22 19.85 14.29
N ASN B 118 -38.98 18.77 14.14
CA ASN B 118 -40.01 18.62 13.08
C ASN B 118 -39.40 18.97 11.72
N LEU B 119 -38.21 18.45 11.41
CA LEU B 119 -37.55 18.63 10.10
C LEU B 119 -38.40 17.98 9.01
N GLY B 120 -39.11 16.90 9.36
CA GLY B 120 -39.95 16.13 8.43
C GLY B 120 -39.20 15.73 7.18
N LEU B 121 -37.98 15.21 7.35
CA LEU B 121 -37.21 14.56 6.25
C LEU B 121 -37.40 13.05 6.32
N ASP B 122 -37.78 12.44 5.20
CA ASP B 122 -37.82 10.97 4.98
C ASP B 122 -37.17 10.66 3.63
N SER B 123 -35.94 10.14 3.64
CA SER B 123 -35.14 9.81 2.44
C SER B 123 -35.13 8.30 2.25
N PRO B 124 -35.63 7.79 1.10
CA PRO B 124 -35.64 6.35 0.82
C PRO B 124 -34.24 5.83 0.47
N ILE B 125 -34.03 4.53 0.63
CA ILE B 125 -32.72 3.85 0.36
C ILE B 125 -32.37 4.02 -1.12
N ALA B 126 -33.37 4.09 -2.01
CA ALA B 126 -33.20 4.16 -3.48
C ALA B 126 -32.38 5.40 -3.86
N GLN B 127 -32.48 6.47 -3.08
CA GLN B 127 -31.81 7.77 -3.39
C GLN B 127 -30.33 7.70 -2.99
N GLY B 128 -29.91 6.60 -2.37
CA GLY B 128 -28.54 6.45 -1.85
C GLY B 128 -28.03 7.75 -1.25
N ARG B 129 -26.76 8.06 -1.48
CA ARG B 129 -26.03 9.18 -0.84
C ARG B 129 -26.71 10.52 -1.19
N ASP B 130 -27.63 10.54 -2.15
CA ASP B 130 -28.16 11.81 -2.71
C ASP B 130 -29.54 12.10 -2.12
N GLY B 131 -30.00 11.25 -1.20
CA GLY B 131 -31.09 11.56 -0.25
C GLY B 131 -30.71 12.71 0.66
N THR B 132 -31.67 13.57 1.01
CA THR B 132 -31.43 14.80 1.80
C THR B 132 -30.94 14.41 3.19
N VAL B 133 -31.37 13.27 3.72
CA VAL B 133 -30.97 12.79 5.08
C VAL B 133 -29.46 12.50 5.07
N HIS B 134 -28.97 11.75 4.08
CA HIS B 134 -27.51 11.46 3.91
C HIS B 134 -26.73 12.78 3.80
N LYS B 135 -27.18 13.67 2.91
CA LYS B 135 -26.50 14.96 2.64
C LYS B 135 -26.37 15.75 3.95
N VAL B 136 -27.46 15.85 4.71
CA VAL B 136 -27.50 16.69 5.95
C VAL B 136 -26.54 16.07 6.98
N VAL B 137 -26.67 14.77 7.21
CA VAL B 137 -25.90 14.10 8.30
C VAL B 137 -24.42 14.07 7.93
N TYR B 138 -24.07 13.62 6.73
CA TYR B 138 -22.64 13.48 6.34
C TYR B 138 -22.00 14.86 6.24
N GLY B 139 -22.78 15.87 5.83
CA GLY B 139 -22.40 17.29 5.90
C GLY B 139 -21.90 17.67 7.28
N LEU B 140 -22.67 17.35 8.32
CA LEU B 140 -22.30 17.68 9.73
C LEU B 140 -21.08 16.87 10.15
N MET B 141 -20.94 15.64 9.63
CA MET B 141 -19.78 14.75 9.92
C MET B 141 -18.50 15.33 9.30
N SER B 142 -18.61 16.05 8.18
CA SER B 142 -17.44 16.42 7.33
C SER B 142 -17.20 17.93 7.37
N GLY B 143 -17.99 18.67 8.17
CA GLY B 143 -17.79 20.09 8.45
C GLY B 143 -18.36 20.98 7.35
N ASP B 144 -19.35 20.49 6.60
CA ASP B 144 -20.13 21.28 5.62
C ASP B 144 -21.62 21.22 5.98
N SER B 145 -22.16 22.31 6.54
CA SER B 145 -23.54 22.39 7.08
C SER B 145 -24.47 23.04 6.06
N SER B 146 -24.07 23.09 4.79
CA SER B 146 -24.83 23.75 3.69
C SER B 146 -26.18 23.06 3.47
N ALA B 147 -26.18 21.72 3.42
CA ALA B 147 -27.38 20.89 3.19
C ALA B 147 -28.40 21.17 4.30
N LEU B 148 -27.97 21.14 5.57
CA LEU B 148 -28.80 21.48 6.75
C LEU B 148 -29.30 22.92 6.62
N GLN B 149 -28.42 23.84 6.24
CA GLN B 149 -28.76 25.28 6.07
C GLN B 149 -29.86 25.40 5.01
N GLY B 150 -29.69 24.72 3.87
CA GLY B 150 -30.65 24.74 2.76
C GLY B 150 -32.02 24.28 3.23
N GLN B 151 -32.05 23.20 4.00
CA GLN B 151 -33.31 22.55 4.46
C GLN B 151 -34.00 23.49 5.47
N ILE B 152 -33.23 24.07 6.39
CA ILE B 152 -33.75 24.97 7.45
C ILE B 152 -34.30 26.23 6.76
N ASP B 153 -33.60 26.71 5.74
CA ASP B 153 -33.98 27.95 5.01
C ASP B 153 -35.32 27.71 4.28
N ALA B 154 -35.43 26.58 3.57
CA ALA B 154 -36.66 26.18 2.85
C ALA B 154 -37.82 26.05 3.84
N LEU B 155 -37.55 25.46 5.00
CA LEU B 155 -38.59 25.21 6.04
C LEU B 155 -39.08 26.56 6.59
N LEU B 156 -38.16 27.45 6.94
CA LEU B 156 -38.48 28.83 7.44
C LEU B 156 -39.27 29.58 6.37
N LYS B 157 -38.87 29.44 5.10
CA LYS B 157 -39.55 30.08 3.95
C LYS B 157 -40.96 29.49 3.81
N ALA B 158 -41.13 28.21 4.12
CA ALA B 158 -42.43 27.50 4.07
C ALA B 158 -43.39 28.11 5.10
N VAL B 159 -42.91 28.38 6.32
CA VAL B 159 -43.73 29.00 7.41
C VAL B 159 -44.13 30.41 6.98
N ASP B 160 -43.17 31.19 6.47
CA ASP B 160 -43.39 32.58 5.94
C ASP B 160 -42.20 32.97 5.07
N PRO B 161 -42.44 33.59 3.91
CA PRO B 161 -41.37 34.13 3.06
C PRO B 161 -40.37 35.05 3.77
N SER B 162 -40.84 35.92 4.67
CA SER B 162 -40.03 36.97 5.35
C SER B 162 -38.88 36.32 6.13
N LEU B 163 -39.18 35.26 6.90
CA LEU B 163 -38.18 34.54 7.74
C LEU B 163 -37.12 33.92 6.84
N SER B 164 -35.84 34.07 7.20
CA SER B 164 -34.67 33.61 6.42
C SER B 164 -33.72 32.81 7.32
N ILE B 165 -32.74 32.13 6.72
CA ILE B 165 -31.57 31.56 7.43
C ILE B 165 -30.72 32.71 8.01
N ASN B 166 -30.94 33.93 7.52
CA ASN B 166 -30.19 35.14 7.96
C ASN B 166 -31.02 35.93 8.98
N SER B 167 -32.18 35.41 9.38
CA SER B 167 -32.95 35.90 10.55
C SER B 167 -32.20 35.51 11.83
N THR B 168 -32.17 36.40 12.83
CA THR B 168 -31.63 36.11 14.19
C THR B 168 -32.58 35.17 14.92
N PHE B 169 -32.08 34.44 15.91
CA PHE B 169 -32.85 33.51 16.76
C PHE B 169 -33.97 34.29 17.49
N ASP B 170 -33.69 35.54 17.88
CA ASP B 170 -34.67 36.42 18.58
C ASP B 170 -35.77 36.83 17.59
N GLN B 171 -35.42 37.20 16.36
CA GLN B 171 -36.38 37.49 15.27
C GLN B 171 -37.28 36.27 15.05
N LEU B 172 -36.69 35.06 14.93
CA LEU B 172 -37.44 33.78 14.78
C LEU B 172 -38.40 33.59 15.96
N ALA B 173 -37.95 33.91 17.18
CA ALA B 173 -38.72 33.72 18.42
C ALA B 173 -39.93 34.67 18.44
N ALA B 174 -39.75 35.89 17.94
CA ALA B 174 -40.82 36.91 17.80
C ALA B 174 -41.92 36.34 16.88
N ALA B 175 -41.53 35.59 15.86
CA ALA B 175 -42.44 35.02 14.84
C ALA B 175 -42.91 33.62 15.28
N GLY B 176 -42.59 33.22 16.51
CA GLY B 176 -43.20 32.07 17.20
C GLY B 176 -42.61 30.74 16.75
N VAL B 177 -41.52 30.77 15.99
CA VAL B 177 -40.85 29.56 15.43
C VAL B 177 -39.91 28.97 16.50
N ALA B 178 -39.20 29.82 17.24
CA ALA B 178 -38.08 29.41 18.13
C ALA B 178 -38.40 29.82 19.57
N HIS B 179 -37.90 29.03 20.54
CA HIS B 179 -37.99 29.32 22.00
C HIS B 179 -36.57 29.30 22.59
N ALA B 180 -36.36 30.07 23.66
CA ALA B 180 -35.03 30.30 24.28
C ALA B 180 -34.80 29.26 25.38
N THR B 181 -33.54 28.88 25.61
CA THR B 181 -33.09 27.93 26.66
C THR B 181 -31.78 28.43 27.27
N PRO B 182 -31.45 28.03 28.52
CA PRO B 182 -30.10 28.19 29.06
C PRO B 182 -29.29 26.89 29.09
N SER C 2 40.33 -9.41 -14.42
CA SER C 2 40.08 -10.63 -13.59
C SER C 2 39.32 -10.26 -12.31
N ILE C 3 38.20 -10.94 -12.02
CA ILE C 3 37.31 -10.65 -10.87
C ILE C 3 38.16 -10.63 -9.59
N SER C 4 37.87 -9.69 -8.70
CA SER C 4 38.54 -9.53 -7.37
C SER C 4 37.48 -9.47 -6.28
N ILE C 5 37.63 -10.31 -5.24
CA ILE C 5 36.65 -10.41 -4.13
C ILE C 5 37.35 -10.00 -2.82
N SER C 6 36.67 -9.18 -2.02
CA SER C 6 37.10 -8.77 -0.66
C SER C 6 36.02 -9.19 0.35
N TYR C 7 36.38 -10.01 1.34
CA TYR C 7 35.43 -10.56 2.34
C TYR C 7 35.98 -10.36 3.75
N SER C 8 35.09 -10.15 4.72
CA SER C 8 35.42 -10.14 6.17
C SER C 8 35.52 -11.58 6.66
N THR C 9 36.38 -11.82 7.66
CA THR C 9 36.77 -13.17 8.13
C THR C 9 35.55 -13.86 8.76
N THR C 10 34.48 -13.10 9.04
CA THR C 10 33.18 -13.63 9.52
C THR C 10 32.70 -14.73 8.55
N TYR C 11 32.99 -14.59 7.26
CA TYR C 11 32.36 -15.40 6.17
C TYR C 11 33.41 -16.34 5.54
N SER C 12 34.43 -16.73 6.30
CA SER C 12 35.57 -17.54 5.79
C SER C 12 35.05 -18.88 5.26
N GLY C 13 34.17 -19.55 6.01
CA GLY C 13 33.67 -20.90 5.71
C GLY C 13 32.42 -20.88 4.85
N TRP C 14 31.89 -19.69 4.58
CA TRP C 14 30.65 -19.48 3.79
C TRP C 14 30.95 -19.64 2.30
N THR C 15 30.00 -20.19 1.53
CA THR C 15 29.98 -20.12 0.05
C THR C 15 29.43 -18.76 -0.38
N VAL C 16 29.73 -18.35 -1.62
CA VAL C 16 29.32 -17.02 -2.17
C VAL C 16 27.79 -16.99 -2.22
N ALA C 17 27.16 -18.06 -2.72
CA ALA C 17 25.70 -18.19 -2.87
C ALA C 17 25.02 -18.03 -1.51
N ASP C 18 25.55 -18.71 -0.49
CA ASP C 18 24.95 -18.73 0.88
C ASP C 18 24.99 -17.32 1.45
N TYR C 19 26.10 -16.59 1.25
CA TYR C 19 26.26 -15.20 1.75
C TYR C 19 25.23 -14.29 1.04
N LEU C 20 25.12 -14.41 -0.28
CA LEU C 20 24.25 -13.52 -1.10
C LEU C 20 22.79 -13.75 -0.72
N ALA C 21 22.40 -15.02 -0.50
CA ALA C 21 21.06 -15.42 -0.01
C ALA C 21 20.77 -14.70 1.31
N ASP C 22 21.70 -14.82 2.27
CA ASP C 22 21.58 -14.30 3.65
C ASP C 22 21.42 -12.78 3.59
N TRP C 23 22.25 -12.11 2.79
CA TRP C 23 22.28 -10.62 2.67
C TRP C 23 20.96 -10.15 2.06
N SER C 24 20.52 -10.82 0.99
CA SER C 24 19.28 -10.47 0.24
C SER C 24 18.08 -10.58 1.18
N ALA C 25 18.07 -11.61 2.04
CA ALA C 25 16.99 -11.85 3.03
C ALA C 25 16.94 -10.67 4.00
N TYR C 26 18.10 -10.19 4.46
CA TYR C 26 18.20 -9.14 5.51
C TYR C 26 17.84 -7.79 4.88
N PHE C 27 18.13 -7.58 3.59
CA PHE C 27 17.84 -6.31 2.88
C PHE C 27 16.35 -6.29 2.50
N GLY C 28 15.86 -7.41 1.97
CA GLY C 28 14.45 -7.59 1.58
C GLY C 28 14.12 -6.86 0.28
N ASP C 29 12.87 -6.42 0.14
CA ASP C 29 12.33 -5.76 -1.08
C ASP C 29 11.83 -4.37 -0.68
N VAL C 30 12.33 -3.31 -1.30
CA VAL C 30 11.92 -1.91 -1.01
C VAL C 30 10.54 -1.65 -1.64
N ASN C 31 9.94 -2.67 -2.26
CA ASN C 31 8.67 -2.54 -3.03
C ASN C 31 8.70 -1.21 -3.78
N HIS C 32 9.56 -1.12 -4.79
CA HIS C 32 9.80 0.11 -5.59
C HIS C 32 8.71 0.22 -6.67
N ARG C 33 7.76 1.15 -6.49
CA ARG C 33 6.54 1.29 -7.34
C ARG C 33 6.24 2.79 -7.49
N PRO C 34 5.67 3.22 -8.64
CA PRO C 34 5.23 4.59 -8.79
C PRO C 34 4.24 4.96 -7.68
N GLY C 35 4.38 6.16 -7.11
CA GLY C 35 3.50 6.70 -6.07
C GLY C 35 3.87 6.23 -4.67
N GLN C 36 4.97 5.46 -4.53
CA GLN C 36 5.69 5.28 -3.25
C GLN C 36 6.10 6.66 -2.73
N VAL C 37 5.89 6.94 -1.43
CA VAL C 37 6.42 8.15 -0.75
C VAL C 37 7.90 7.92 -0.42
N VAL C 38 8.79 8.52 -1.22
CA VAL C 38 10.28 8.31 -1.14
C VAL C 38 10.57 6.82 -1.27
N THR C 43 17.41 5.67 2.33
CA THR C 43 17.99 6.85 1.64
C THR C 43 19.15 6.38 0.76
N GLY C 44 20.10 7.28 0.46
CA GLY C 44 21.13 7.09 -0.57
C GLY C 44 20.68 7.61 -1.93
N GLY C 45 21.35 7.19 -3.00
CA GLY C 45 21.08 7.66 -4.38
C GLY C 45 22.30 7.57 -5.25
N PHE C 46 22.47 8.52 -6.16
CA PHE C 46 23.60 8.59 -7.12
C PHE C 46 24.64 9.58 -6.59
N ASN C 47 25.91 9.31 -6.86
CA ASN C 47 27.06 10.21 -6.54
C ASN C 47 27.87 10.41 -7.82
N PRO C 48 27.89 11.62 -8.42
CA PRO C 48 27.37 12.83 -7.78
C PRO C 48 25.84 13.02 -7.86
N GLY C 49 25.21 12.48 -8.90
CA GLY C 49 23.74 12.49 -9.06
C GLY C 49 23.24 13.80 -9.68
N PRO C 50 21.92 13.99 -9.85
CA PRO C 50 20.90 13.18 -9.17
C PRO C 50 20.65 11.78 -9.74
N PHE C 51 20.77 11.61 -11.07
CA PHE C 51 20.29 10.40 -11.79
C PHE C 51 21.44 9.72 -12.56
N ASP C 52 22.67 10.21 -12.35
CA ASP C 52 23.91 9.71 -13.01
C ASP C 52 25.07 9.87 -12.02
N GLY C 53 25.95 8.88 -11.90
CA GLY C 53 27.06 8.93 -10.95
C GLY C 53 28.05 7.79 -11.17
N SER C 54 29.21 7.90 -10.52
CA SER C 54 30.22 6.80 -10.40
C SER C 54 29.80 5.85 -9.29
N GLN C 55 28.87 6.27 -8.43
CA GLN C 55 28.29 5.39 -7.37
C GLN C 55 26.76 5.46 -7.43
N TYR C 56 26.13 4.32 -7.17
CA TYR C 56 24.70 4.20 -6.82
C TYR C 56 24.57 3.37 -5.54
N ALA C 57 24.16 4.00 -4.44
CA ALA C 57 24.08 3.36 -3.11
C ALA C 57 22.65 3.44 -2.60
N LEU C 58 22.13 2.35 -2.05
CA LEU C 58 20.75 2.31 -1.50
C LEU C 58 20.75 1.55 -0.17
N LYS C 59 19.91 2.01 0.75
CA LYS C 59 19.68 1.40 2.09
C LYS C 59 18.30 0.76 2.11
N SER C 60 18.18 -0.43 2.70
CA SER C 60 16.90 -1.16 2.88
C SER C 60 15.91 -0.31 3.69
N THR C 61 14.62 -0.39 3.36
CA THR C 61 13.53 0.20 4.18
C THR C 61 13.27 -0.70 5.39
N ALA C 62 13.62 -1.98 5.29
CA ALA C 62 13.40 -3.02 6.33
C ALA C 62 14.44 -2.84 7.45
N SER C 63 15.71 -2.66 7.09
CA SER C 63 16.87 -2.86 8.00
C SER C 63 18.05 -1.97 7.59
N ASP C 64 19.20 -2.17 8.24
CA ASP C 64 20.42 -1.33 8.03
C ASP C 64 21.21 -1.86 6.82
N ALA C 65 20.81 -3.00 6.26
CA ALA C 65 21.42 -3.56 5.03
C ALA C 65 21.51 -2.44 3.98
N ALA C 66 22.64 -2.35 3.29
CA ALA C 66 22.89 -1.36 2.22
C ALA C 66 23.83 -1.97 1.18
N PHE C 67 23.78 -1.47 -0.05
CA PHE C 67 24.74 -1.82 -1.13
C PHE C 67 25.22 -0.54 -1.81
N ILE C 68 26.44 -0.59 -2.35
CA ILE C 68 27.01 0.45 -3.24
C ILE C 68 27.48 -0.21 -4.53
N ALA C 69 26.95 0.26 -5.66
CA ALA C 69 27.38 -0.14 -7.03
C ALA C 69 28.28 0.96 -7.61
N GLY C 70 29.44 0.54 -8.14
CA GLY C 70 30.47 1.45 -8.69
C GLY C 70 30.57 1.35 -10.20
N GLY C 71 30.85 2.46 -10.86
CA GLY C 71 31.23 2.50 -12.28
C GLY C 71 30.81 3.80 -12.93
N ASP C 72 29.97 3.71 -13.97
CA ASP C 72 29.36 4.87 -14.68
C ASP C 72 27.89 4.53 -14.94
N LEU C 73 26.99 5.01 -14.08
CA LEU C 73 25.61 4.49 -13.97
C LEU C 73 24.61 5.64 -14.19
N HIS C 74 23.52 5.32 -14.90
CA HIS C 74 22.46 6.28 -15.28
C HIS C 74 21.09 5.67 -14.99
N TYR C 75 20.11 6.54 -14.69
CA TYR C 75 18.69 6.17 -14.54
C TYR C 75 17.85 7.10 -15.40
N THR C 76 16.96 6.52 -16.21
CA THR C 76 16.22 7.24 -17.28
C THR C 76 14.98 7.92 -16.68
N LEU C 77 14.58 7.55 -15.45
CA LEU C 77 13.28 7.94 -14.83
C LEU C 77 12.14 7.82 -15.86
N PHE C 78 11.60 8.95 -16.33
CA PHE C 78 10.39 8.98 -17.19
C PHE C 78 10.76 8.96 -18.68
N SER C 79 12.01 9.23 -19.03
CA SER C 79 12.52 9.26 -20.42
C SER C 79 12.61 7.83 -20.97
N ASN C 80 12.47 7.66 -22.29
CA ASN C 80 12.47 6.34 -22.96
C ASN C 80 13.92 5.86 -23.11
N PRO C 81 14.21 4.57 -22.82
CA PRO C 81 13.26 3.68 -22.18
C PRO C 81 13.09 3.96 -20.68
N SER C 82 11.86 4.11 -20.19
CA SER C 82 11.57 4.63 -18.84
C SER C 82 12.01 3.62 -17.77
N HIS C 83 12.44 4.14 -16.61
CA HIS C 83 12.80 3.35 -15.40
C HIS C 83 13.79 2.25 -15.80
N THR C 84 14.88 2.65 -16.45
CA THR C 84 16.00 1.75 -16.82
C THR C 84 17.25 2.23 -16.07
N LEU C 85 17.98 1.30 -15.45
CA LEU C 85 19.30 1.62 -14.88
C LEU C 85 20.37 0.97 -15.74
N TRP C 86 21.25 1.78 -16.32
CA TRP C 86 22.18 1.33 -17.39
C TRP C 86 23.56 1.95 -17.22
N GLY C 87 24.51 1.48 -18.03
CA GLY C 87 25.91 1.94 -18.03
C GLY C 87 26.86 0.80 -17.66
N LYS C 88 27.96 1.16 -16.98
CA LYS C 88 29.11 0.25 -16.73
C LYS C 88 29.20 -0.01 -15.23
N LEU C 89 29.10 -1.28 -14.85
CA LEU C 89 29.15 -1.73 -13.44
C LEU C 89 30.47 -2.47 -13.22
N ASP C 90 31.37 -1.85 -12.46
CA ASP C 90 32.75 -2.35 -12.20
C ASP C 90 32.76 -3.11 -10.87
N SER C 91 32.06 -2.60 -9.85
CA SER C 91 32.12 -3.15 -8.47
C SER C 91 30.74 -3.18 -7.82
N ILE C 92 30.54 -4.13 -6.91
CA ILE C 92 29.39 -4.18 -5.97
C ILE C 92 29.94 -4.40 -4.57
N ALA C 93 29.53 -3.57 -3.61
CA ALA C 93 29.85 -3.72 -2.17
C ALA C 93 28.55 -3.95 -1.38
N LEU C 94 28.54 -4.97 -0.52
CA LEU C 94 27.37 -5.35 0.32
C LEU C 94 27.74 -5.28 1.80
N GLY C 95 26.82 -4.85 2.66
CA GLY C 95 27.04 -4.74 4.11
C GLY C 95 25.87 -4.07 4.80
N ASP C 96 26.15 -3.26 5.84
CA ASP C 96 25.10 -2.50 6.56
C ASP C 96 25.62 -1.11 6.96
N THR C 97 24.67 -0.20 7.18
CA THR C 97 24.88 1.23 7.57
C THR C 97 25.59 1.97 6.45
N LEU C 98 24.82 2.45 5.49
CA LEU C 98 25.24 3.42 4.45
C LEU C 98 25.60 4.75 5.13
N THR C 99 26.76 5.31 4.79
CA THR C 99 27.17 6.68 5.17
C THR C 99 27.75 7.40 3.95
N GLY C 100 27.85 8.73 4.01
CA GLY C 100 28.53 9.57 3.01
C GLY C 100 27.60 9.96 1.87
N GLY C 101 28.18 10.49 0.80
CA GLY C 101 27.46 11.04 -0.38
C GLY C 101 28.42 11.82 -1.27
N ALA C 102 27.89 12.49 -2.30
CA ALA C 102 28.67 13.36 -3.21
C ALA C 102 29.34 14.46 -2.39
N SER C 103 28.61 15.05 -1.44
CA SER C 103 29.08 16.14 -0.54
C SER C 103 30.24 15.63 0.32
N SER C 104 30.16 14.37 0.76
CA SER C 104 31.10 13.74 1.73
C SER C 104 32.28 13.11 0.99
N GLY C 105 32.31 13.24 -0.35
CA GLY C 105 33.40 12.71 -1.20
C GLY C 105 33.22 11.24 -1.51
N GLY C 106 31.99 10.73 -1.38
CA GLY C 106 31.60 9.37 -1.82
C GLY C 106 30.78 8.64 -0.77
N TYR C 107 30.05 7.61 -1.19
CA TYR C 107 29.31 6.69 -0.29
C TYR C 107 30.28 5.65 0.27
N ALA C 108 30.01 5.15 1.47
CA ALA C 108 30.77 4.05 2.11
C ALA C 108 29.88 3.28 3.08
N LEU C 109 30.29 2.07 3.45
CA LEU C 109 29.55 1.19 4.39
C LEU C 109 30.28 1.19 5.74
N ASP C 110 29.56 1.51 6.82
CA ASP C 110 30.06 1.44 8.22
C ASP C 110 30.51 0.00 8.51
N SER C 111 29.81 -0.99 7.96
CA SER C 111 30.19 -2.42 7.98
C SER C 111 30.12 -3.00 6.56
N GLN C 112 31.28 -3.24 5.94
CA GLN C 112 31.41 -3.88 4.61
C GLN C 112 31.71 -5.36 4.81
N GLU C 113 30.76 -6.23 4.42
CA GLU C 113 30.87 -7.70 4.62
C GLU C 113 31.64 -8.29 3.43
N VAL C 114 31.22 -7.96 2.21
CA VAL C 114 31.78 -8.53 0.95
C VAL C 114 31.76 -7.43 -0.12
N SER C 115 32.73 -7.44 -1.03
CA SER C 115 32.76 -6.58 -2.24
C SER C 115 33.25 -7.40 -3.44
N PHE C 116 32.67 -7.15 -4.61
CA PHE C 116 33.09 -7.75 -5.91
C PHE C 116 33.57 -6.64 -6.84
N SER C 117 34.72 -6.84 -7.47
CA SER C 117 35.41 -5.83 -8.30
C SER C 117 35.85 -6.44 -9.63
N ASN C 118 36.03 -5.59 -10.64
CA ASN C 118 36.41 -5.99 -12.02
C ASN C 118 35.26 -6.80 -12.65
N LEU C 119 34.02 -6.51 -12.29
CA LEU C 119 32.81 -7.24 -12.80
C LEU C 119 32.71 -7.02 -14.31
N GLY C 120 33.14 -5.84 -14.77
CA GLY C 120 33.23 -5.49 -16.20
C GLY C 120 31.90 -5.66 -16.91
N LEU C 121 30.80 -5.28 -16.26
CA LEU C 121 29.45 -5.27 -16.88
C LEU C 121 29.23 -3.93 -17.58
N ASP C 122 28.68 -3.97 -18.77
CA ASP C 122 28.42 -2.78 -19.62
C ASP C 122 27.11 -3.00 -20.37
N SER C 123 26.03 -2.36 -19.90
CA SER C 123 24.68 -2.46 -20.50
C SER C 123 24.36 -1.15 -21.19
N PRO C 124 24.22 -1.14 -22.53
CA PRO C 124 23.85 0.06 -23.27
C PRO C 124 22.37 0.42 -23.08
N ILE C 125 22.03 1.70 -23.19
CA ILE C 125 20.66 2.23 -22.92
C ILE C 125 19.67 1.56 -23.89
N ALA C 126 20.12 1.17 -25.08
CA ALA C 126 19.25 0.64 -26.15
C ALA C 126 18.58 -0.66 -25.68
N GLN C 127 19.15 -1.33 -24.68
CA GLN C 127 18.65 -2.65 -24.16
C GLN C 127 17.49 -2.40 -23.19
N GLY C 128 17.26 -1.15 -22.78
CA GLY C 128 16.34 -0.77 -21.69
C GLY C 128 16.47 -1.70 -20.49
N ARG C 129 15.35 -2.22 -20.00
CA ARG C 129 15.30 -3.02 -18.74
C ARG C 129 15.77 -4.46 -18.99
N ASP C 130 16.05 -4.83 -20.24
CA ASP C 130 16.56 -6.19 -20.58
C ASP C 130 18.07 -6.23 -20.30
N GLY C 131 18.67 -5.06 -20.05
CA GLY C 131 20.11 -4.93 -19.76
C GLY C 131 20.49 -5.68 -18.49
N THR C 132 21.67 -6.30 -18.47
CA THR C 132 22.22 -7.08 -17.33
C THR C 132 22.41 -6.16 -16.12
N VAL C 133 22.92 -4.94 -16.32
CA VAL C 133 23.16 -3.98 -15.22
C VAL C 133 21.83 -3.70 -14.51
N HIS C 134 20.76 -3.44 -15.28
CA HIS C 134 19.41 -3.18 -14.73
C HIS C 134 18.96 -4.37 -13.88
N LYS C 135 19.08 -5.59 -14.41
CA LYS C 135 18.59 -6.83 -13.74
C LYS C 135 19.40 -7.04 -12.45
N VAL C 136 20.71 -6.85 -12.50
CA VAL C 136 21.62 -7.04 -11.33
C VAL C 136 21.23 -6.03 -10.23
N VAL C 137 21.15 -4.75 -10.57
CA VAL C 137 21.01 -3.66 -9.56
C VAL C 137 19.56 -3.69 -9.02
N TYR C 138 18.58 -3.91 -9.89
CA TYR C 138 17.17 -4.04 -9.45
C TYR C 138 17.03 -5.28 -8.54
N GLY C 139 17.73 -6.36 -8.88
CA GLY C 139 17.79 -7.58 -8.04
C GLY C 139 18.23 -7.26 -6.64
N LEU C 140 19.26 -6.42 -6.51
CA LEU C 140 19.77 -5.94 -5.19
C LEU C 140 18.67 -5.14 -4.48
N MET C 141 17.83 -4.43 -5.23
CA MET C 141 16.77 -3.55 -4.66
C MET C 141 15.57 -4.39 -4.21
N SER C 142 15.34 -5.56 -4.82
CA SER C 142 14.01 -6.23 -4.83
C SER C 142 14.08 -7.60 -4.13
N GLY C 143 15.23 -7.96 -3.56
CA GLY C 143 15.37 -9.14 -2.69
C GLY C 143 15.79 -10.37 -3.46
N ASP C 144 16.18 -10.22 -4.74
CA ASP C 144 16.59 -11.33 -5.62
C ASP C 144 17.94 -11.01 -6.24
N SER C 145 19.01 -11.67 -5.77
CA SER C 145 20.41 -11.46 -6.18
C SER C 145 20.84 -12.52 -7.21
N SER C 146 19.89 -13.05 -7.99
CA SER C 146 20.10 -14.16 -8.96
C SER C 146 21.01 -13.71 -10.11
N ALA C 147 20.75 -12.53 -10.69
CA ALA C 147 21.49 -12.00 -11.86
C ALA C 147 22.95 -11.73 -11.44
N LEU C 148 23.14 -11.14 -10.25
CA LEU C 148 24.49 -10.93 -9.67
C LEU C 148 25.18 -12.28 -9.48
N GLN C 149 24.45 -13.27 -8.97
CA GLN C 149 24.97 -14.64 -8.73
C GLN C 149 25.47 -15.22 -10.06
N GLY C 150 24.64 -15.15 -11.11
CA GLY C 150 24.96 -15.66 -12.45
C GLY C 150 26.26 -15.05 -12.98
N GLN C 151 26.41 -13.74 -12.87
CA GLN C 151 27.54 -12.96 -13.44
C GLN C 151 28.82 -13.33 -12.68
N ILE C 152 28.76 -13.39 -11.34
CA ILE C 152 29.93 -13.76 -10.48
C ILE C 152 30.34 -15.19 -10.80
N ASP C 153 29.37 -16.10 -10.97
CA ASP C 153 29.64 -17.52 -11.34
C ASP C 153 30.40 -17.53 -12.66
N ALA C 154 29.96 -16.73 -13.64
CA ALA C 154 30.53 -16.69 -15.01
C ALA C 154 31.99 -16.26 -14.93
N LEU C 155 32.28 -15.24 -14.11
CA LEU C 155 33.64 -14.64 -13.97
C LEU C 155 34.57 -15.64 -13.25
N LEU C 156 34.11 -16.25 -12.17
CA LEU C 156 34.87 -17.28 -11.41
C LEU C 156 35.21 -18.45 -12.34
N LYS C 157 34.27 -18.87 -13.19
CA LYS C 157 34.49 -19.94 -14.21
C LYS C 157 35.56 -19.46 -15.21
N ALA C 158 35.57 -18.17 -15.52
CA ALA C 158 36.52 -17.55 -16.48
C ALA C 158 37.96 -17.77 -15.98
N VAL C 159 38.21 -17.59 -14.68
CA VAL C 159 39.54 -17.80 -14.05
C VAL C 159 39.88 -19.30 -14.10
N ASP C 160 38.93 -20.15 -13.68
CA ASP C 160 39.13 -21.63 -13.59
C ASP C 160 37.78 -22.33 -13.68
N PRO C 161 37.69 -23.45 -14.43
CA PRO C 161 36.48 -24.26 -14.48
C PRO C 161 36.02 -24.78 -13.12
N SER C 162 36.97 -25.11 -12.24
CA SER C 162 36.73 -25.73 -10.92
C SER C 162 36.06 -24.74 -9.95
N LEU C 163 36.40 -23.46 -10.05
CA LEU C 163 35.85 -22.37 -9.18
C LEU C 163 34.42 -22.05 -9.61
N SER C 164 33.53 -21.81 -8.65
CA SER C 164 32.11 -21.47 -8.90
C SER C 164 31.51 -20.75 -7.68
N ILE C 165 30.21 -20.45 -7.75
CA ILE C 165 29.44 -19.72 -6.70
C ILE C 165 29.34 -20.60 -5.44
N ASN C 166 29.55 -21.91 -5.59
CA ASN C 166 29.44 -22.90 -4.49
C ASN C 166 30.81 -23.11 -3.82
N SER C 167 31.85 -22.40 -4.28
CA SER C 167 33.17 -22.33 -3.59
C SER C 167 33.03 -21.44 -2.36
N THR C 168 33.72 -21.80 -1.27
CA THR C 168 33.86 -20.98 -0.04
C THR C 168 34.77 -19.78 -0.33
N PHE C 169 34.72 -18.76 0.52
CA PHE C 169 35.52 -17.52 0.39
C PHE C 169 37.00 -17.87 0.58
N ASP C 170 37.31 -18.77 1.52
CA ASP C 170 38.70 -19.21 1.81
C ASP C 170 39.26 -19.96 0.59
N GLN C 171 38.45 -20.81 -0.04
CA GLN C 171 38.85 -21.57 -1.25
C GLN C 171 39.19 -20.57 -2.37
N LEU C 172 38.39 -19.51 -2.53
CA LEU C 172 38.60 -18.48 -3.57
C LEU C 172 39.87 -17.69 -3.23
N ALA C 173 40.20 -17.54 -1.94
CA ALA C 173 41.43 -16.89 -1.46
C ALA C 173 42.64 -17.74 -1.86
N ALA C 174 42.55 -19.06 -1.69
CA ALA C 174 43.61 -20.04 -2.03
C ALA C 174 43.89 -19.98 -3.54
N ALA C 175 42.87 -19.63 -4.34
CA ALA C 175 42.95 -19.56 -5.82
C ALA C 175 43.47 -18.19 -6.26
N GLY C 176 43.63 -17.26 -5.33
CA GLY C 176 44.18 -15.91 -5.58
C GLY C 176 43.12 -14.90 -5.96
N VAL C 177 41.84 -15.28 -5.92
CA VAL C 177 40.70 -14.46 -6.43
C VAL C 177 40.27 -13.46 -5.35
N ALA C 178 40.33 -13.85 -4.07
CA ALA C 178 39.76 -13.11 -2.92
C ALA C 178 40.82 -12.90 -1.85
N HIS C 179 40.71 -11.80 -1.08
CA HIS C 179 41.59 -11.50 0.08
C HIS C 179 40.75 -11.00 1.25
N ALA C 180 41.09 -11.43 2.47
CA ALA C 180 40.25 -11.33 3.67
C ALA C 180 40.42 -9.97 4.33
N THR C 181 39.49 -9.61 5.22
CA THR C 181 39.40 -8.31 5.94
C THR C 181 39.04 -8.62 7.40
N PRO C 182 39.65 -7.93 8.39
CA PRO C 182 39.52 -8.34 9.79
C PRO C 182 38.08 -8.67 10.20
N SER D 2 -16.35 -38.06 14.78
CA SER D 2 -14.97 -38.40 14.34
C SER D 2 -14.64 -37.72 13.00
N ILE D 3 -13.37 -37.37 12.79
CA ILE D 3 -12.92 -36.56 11.60
C ILE D 3 -13.43 -37.25 10.34
N SER D 4 -14.05 -36.48 9.44
CA SER D 4 -14.53 -36.94 8.12
C SER D 4 -13.98 -36.04 7.02
N ILE D 5 -13.35 -36.64 6.01
CA ILE D 5 -12.71 -35.92 4.88
C ILE D 5 -13.41 -36.30 3.58
N SER D 6 -13.66 -35.29 2.73
CA SER D 6 -14.29 -35.45 1.40
C SER D 6 -13.41 -34.80 0.34
N TYR D 7 -12.85 -35.59 -0.59
CA TYR D 7 -11.83 -35.15 -1.55
C TYR D 7 -12.29 -35.48 -2.97
N SER D 8 -11.97 -34.61 -3.93
CA SER D 8 -12.07 -34.88 -5.38
C SER D 8 -10.99 -35.89 -5.79
N THR D 9 -11.27 -36.67 -6.83
CA THR D 9 -10.43 -37.81 -7.29
C THR D 9 -9.13 -37.27 -7.91
N THR D 10 -9.07 -35.97 -8.21
CA THR D 10 -7.84 -35.30 -8.72
C THR D 10 -6.70 -35.50 -7.72
N TYR D 11 -7.00 -35.57 -6.42
CA TYR D 11 -6.00 -35.48 -5.33
C TYR D 11 -5.86 -36.83 -4.62
N SER D 12 -6.20 -37.93 -5.30
CA SER D 12 -6.16 -39.31 -4.73
C SER D 12 -4.72 -39.66 -4.34
N GLY D 13 -3.75 -39.36 -5.21
CA GLY D 13 -2.32 -39.62 -5.00
C GLY D 13 -1.71 -38.71 -3.94
N TRP D 14 -2.28 -37.51 -3.75
CA TRP D 14 -1.66 -36.42 -2.95
C TRP D 14 -1.67 -36.81 -1.46
N THR D 15 -0.72 -36.30 -0.68
CA THR D 15 -0.81 -36.22 0.81
C THR D 15 -1.60 -34.97 1.20
N VAL D 16 -2.13 -34.94 2.42
CA VAL D 16 -2.99 -33.82 2.93
C VAL D 16 -2.14 -32.55 3.01
N ALA D 17 -0.92 -32.66 3.51
CA ALA D 17 0.05 -31.54 3.62
C ALA D 17 0.27 -30.92 2.24
N ASP D 18 0.51 -31.75 1.23
CA ASP D 18 0.89 -31.31 -0.14
C ASP D 18 -0.28 -30.52 -0.74
N TYR D 19 -1.51 -31.01 -0.58
CA TYR D 19 -2.72 -30.34 -1.11
C TYR D 19 -2.89 -28.98 -0.41
N LEU D 20 -2.70 -28.95 0.91
CA LEU D 20 -2.95 -27.74 1.73
C LEU D 20 -1.95 -26.66 1.36
N ALA D 21 -0.67 -27.03 1.17
CA ALA D 21 0.41 -26.14 0.71
C ALA D 21 0.03 -25.57 -0.67
N ASP D 22 -0.43 -26.44 -1.57
CA ASP D 22 -0.81 -26.07 -2.96
C ASP D 22 -1.96 -25.06 -2.92
N TRP D 23 -2.99 -25.33 -2.10
CA TRP D 23 -4.20 -24.46 -1.99
C TRP D 23 -3.79 -23.11 -1.41
N SER D 24 -3.01 -23.11 -0.33
CA SER D 24 -2.57 -21.90 0.39
C SER D 24 -1.81 -21.00 -0.59
N ALA D 25 -0.95 -21.58 -1.42
CA ALA D 25 -0.14 -20.87 -2.42
C ALA D 25 -1.07 -20.19 -3.44
N TYR D 26 -2.12 -20.89 -3.89
CA TYR D 26 -3.03 -20.40 -4.95
C TYR D 26 -3.93 -19.29 -4.38
N PHE D 27 -4.32 -19.43 -3.12
CA PHE D 27 -5.14 -18.41 -2.40
C PHE D 27 -4.26 -17.19 -2.10
N GLY D 28 -3.07 -17.43 -1.56
CA GLY D 28 -2.11 -16.37 -1.17
C GLY D 28 -2.55 -15.63 0.08
N ASP D 29 -2.20 -14.35 0.17
CA ASP D 29 -2.38 -13.52 1.39
C ASP D 29 -3.18 -12.28 1.02
N VAL D 30 -4.39 -12.14 1.56
CA VAL D 30 -5.29 -10.97 1.33
C VAL D 30 -4.64 -9.71 1.89
N ASN D 31 -3.53 -9.85 2.62
CA ASN D 31 -2.84 -8.69 3.26
C ASN D 31 -3.87 -7.90 4.07
N HIS D 32 -4.71 -8.59 4.84
CA HIS D 32 -5.78 -7.95 5.65
C HIS D 32 -5.12 -7.03 6.68
N ARG D 33 -5.42 -5.74 6.62
CA ARG D 33 -4.82 -4.69 7.48
C ARG D 33 -5.84 -3.56 7.62
N PRO D 34 -5.76 -2.72 8.68
CA PRO D 34 -6.61 -1.54 8.79
C PRO D 34 -6.28 -0.56 7.67
N GLY D 35 -7.29 0.12 7.11
CA GLY D 35 -7.12 1.12 6.04
C GLY D 35 -7.28 0.51 4.66
N GLN D 36 -7.33 -0.81 4.53
CA GLN D 36 -7.66 -1.50 3.27
C GLN D 36 -9.06 -1.06 2.85
N VAL D 37 -9.30 -0.68 1.60
CA VAL D 37 -10.63 -0.11 1.25
C VAL D 37 -11.66 -1.24 1.21
N VAL D 38 -11.30 -2.40 0.64
CA VAL D 38 -12.05 -3.69 0.83
C VAL D 38 -11.11 -4.71 1.45
N ASP D 39 -11.58 -5.44 2.46
CA ASP D 39 -10.74 -6.31 3.34
C ASP D 39 -10.87 -7.78 2.91
N GLY D 40 -11.59 -8.08 1.83
CA GLY D 40 -11.82 -9.47 1.37
C GLY D 40 -12.36 -9.55 -0.05
N SER D 41 -13.56 -10.13 -0.21
CA SER D 41 -14.35 -10.18 -1.48
C SER D 41 -15.45 -9.11 -1.44
N ASN D 42 -15.76 -8.50 -2.59
CA ASN D 42 -16.68 -7.34 -2.65
C ASN D 42 -18.11 -7.80 -2.35
N THR D 43 -18.43 -9.08 -2.59
CA THR D 43 -19.63 -9.77 -2.05
C THR D 43 -19.25 -11.16 -1.52
N GLY D 44 -18.56 -11.21 -0.37
CA GLY D 44 -18.38 -12.40 0.50
C GLY D 44 -18.45 -12.00 1.98
N GLY D 45 -18.36 -12.96 2.91
CA GLY D 45 -18.41 -12.67 4.36
C GLY D 45 -19.19 -13.71 5.18
N PHE D 46 -20.03 -13.23 6.12
CA PHE D 46 -20.74 -14.06 7.14
C PHE D 46 -22.15 -14.36 6.68
N ASN D 47 -22.65 -15.56 6.99
CA ASN D 47 -24.04 -16.01 6.70
C ASN D 47 -24.67 -16.52 7.99
N PRO D 48 -25.65 -15.81 8.59
CA PRO D 48 -26.37 -14.71 7.95
C PRO D 48 -25.67 -13.35 7.99
N GLY D 49 -24.75 -13.16 8.94
CA GLY D 49 -23.93 -11.94 9.06
C GLY D 49 -24.72 -10.79 9.68
N PRO D 50 -24.12 -9.60 9.91
CA PRO D 50 -22.86 -9.23 9.25
C PRO D 50 -21.57 -9.83 9.84
N PHE D 51 -21.51 -10.04 11.15
CA PHE D 51 -20.25 -10.34 11.90
C PHE D 51 -20.40 -11.65 12.69
N ASP D 52 -21.54 -12.34 12.51
CA ASP D 52 -21.84 -13.65 13.14
C ASP D 52 -22.60 -14.51 12.12
N GLY D 53 -22.25 -15.78 12.00
CA GLY D 53 -22.89 -16.70 11.04
C GLY D 53 -22.61 -18.16 11.35
N SER D 54 -23.36 -19.06 10.72
CA SER D 54 -23.06 -20.52 10.66
C SER D 54 -22.05 -20.79 9.53
N GLN D 55 -21.84 -19.83 8.64
CA GLN D 55 -20.74 -19.88 7.64
C GLN D 55 -19.93 -18.57 7.71
N TYR D 56 -18.63 -18.71 7.53
CA TYR D 56 -17.71 -17.62 7.12
C TYR D 56 -16.98 -18.05 5.84
N ALA D 57 -17.27 -17.39 4.72
CA ALA D 57 -16.69 -17.73 3.40
C ALA D 57 -15.90 -16.54 2.87
N LEU D 58 -14.70 -16.80 2.34
CA LEU D 58 -13.85 -15.73 1.77
C LEU D 58 -13.27 -16.18 0.43
N LYS D 59 -13.24 -15.24 -0.51
CA LYS D 59 -12.55 -15.36 -1.82
C LYS D 59 -11.23 -14.58 -1.76
N SER D 60 -10.15 -15.21 -2.25
CA SER D 60 -8.81 -14.60 -2.49
C SER D 60 -8.93 -13.34 -3.37
N THR D 61 -8.08 -12.34 -3.13
CA THR D 61 -7.99 -11.13 -3.99
C THR D 61 -7.01 -11.39 -5.13
N ALA D 62 -6.13 -12.39 -4.98
CA ALA D 62 -5.17 -12.83 -6.02
C ALA D 62 -5.91 -13.63 -7.10
N SER D 63 -6.73 -14.61 -6.69
CA SER D 63 -7.25 -15.68 -7.59
C SER D 63 -8.70 -16.04 -7.22
N ASP D 64 -9.23 -17.08 -7.84
CA ASP D 64 -10.64 -17.54 -7.67
C ASP D 64 -10.71 -18.51 -6.49
N ALA D 65 -9.55 -18.89 -5.93
CA ALA D 65 -9.47 -19.71 -4.70
C ALA D 65 -10.40 -19.12 -3.64
N ALA D 66 -11.10 -19.98 -2.90
CA ALA D 66 -12.07 -19.60 -1.86
C ALA D 66 -12.16 -20.71 -0.82
N PHE D 67 -12.52 -20.35 0.41
CA PHE D 67 -12.80 -21.30 1.52
C PHE D 67 -14.13 -20.95 2.17
N ILE D 68 -14.77 -21.97 2.74
CA ILE D 68 -16.00 -21.82 3.57
C ILE D 68 -15.78 -22.54 4.90
N ALA D 69 -15.84 -21.79 5.99
CA ALA D 69 -15.80 -22.30 7.39
C ALA D 69 -17.23 -22.43 7.93
N GLY D 70 -17.58 -23.62 8.43
CA GLY D 70 -18.92 -23.94 8.95
C GLY D 70 -18.89 -24.07 10.46
N GLY D 71 -20.00 -23.69 11.11
CA GLY D 71 -20.22 -23.90 12.55
C GLY D 71 -21.03 -22.77 13.15
N ASP D 72 -20.47 -22.09 14.16
CA ASP D 72 -21.09 -20.93 14.85
C ASP D 72 -19.98 -19.89 15.15
N LEU D 73 -19.75 -18.98 14.19
CA LEU D 73 -18.54 -18.13 14.11
C LEU D 73 -18.94 -16.67 14.40
N HIS D 74 -18.05 -15.93 15.06
CA HIS D 74 -18.23 -14.49 15.39
C HIS D 74 -16.95 -13.72 15.08
N TYR D 75 -17.09 -12.43 14.77
CA TYR D 75 -15.97 -11.48 14.61
C TYR D 75 -16.21 -10.25 15.47
N THR D 76 -15.24 -9.90 16.31
CA THR D 76 -15.39 -8.87 17.38
C THR D 76 -15.28 -7.48 16.77
N LEU D 77 -14.70 -7.36 15.57
CA LEU D 77 -14.37 -6.06 14.93
C LEU D 77 -13.58 -5.18 15.93
N PHE D 78 -14.18 -4.07 16.40
CA PHE D 78 -13.50 -3.04 17.23
C PHE D 78 -13.69 -3.33 18.73
N SER D 79 -14.66 -4.18 19.08
CA SER D 79 -14.97 -4.55 20.49
C SER D 79 -13.87 -5.46 21.06
N ASN D 80 -13.59 -5.33 22.36
CA ASN D 80 -12.57 -6.14 23.07
C ASN D 80 -13.06 -7.58 23.17
N PRO D 81 -12.19 -8.60 22.93
CA PRO D 81 -10.90 -8.40 22.25
C PRO D 81 -11.04 -8.11 20.75
N SER D 82 -10.41 -7.03 20.27
CA SER D 82 -10.65 -6.47 18.91
C SER D 82 -10.10 -7.43 17.85
N HIS D 83 -10.75 -7.46 16.68
CA HIS D 83 -10.35 -8.28 15.51
C HIS D 83 -10.06 -9.70 15.97
N THR D 84 -11.02 -10.31 16.66
CA THR D 84 -10.97 -11.74 17.06
C THR D 84 -12.06 -12.52 16.30
N LEU D 85 -11.68 -13.66 15.74
CA LEU D 85 -12.59 -14.64 15.10
C LEU D 85 -12.74 -15.82 16.04
N TRP D 86 -13.94 -16.02 16.59
CA TRP D 86 -14.16 -17.02 17.68
C TRP D 86 -15.44 -17.82 17.46
N GLY D 87 -15.66 -18.82 18.31
CA GLY D 87 -16.86 -19.67 18.32
C GLY D 87 -16.52 -21.11 18.01
N LYS D 88 -17.41 -21.81 17.31
CA LYS D 88 -17.31 -23.26 17.03
C LYS D 88 -17.06 -23.45 15.53
N LEU D 89 -16.03 -24.22 15.20
CA LEU D 89 -15.69 -24.58 13.80
C LEU D 89 -15.85 -26.09 13.62
N ASP D 90 -16.81 -26.48 12.78
CA ASP D 90 -17.21 -27.89 12.52
C ASP D 90 -16.54 -28.38 11.24
N SER D 91 -16.61 -27.56 10.19
CA SER D 91 -16.20 -27.94 8.80
C SER D 91 -15.35 -26.82 8.20
N ILE D 92 -14.48 -27.19 7.26
CA ILE D 92 -13.77 -26.25 6.35
C ILE D 92 -13.75 -26.84 4.94
N ALA D 93 -14.30 -26.10 3.98
CA ALA D 93 -14.35 -26.48 2.55
C ALA D 93 -13.35 -25.60 1.78
N LEU D 94 -12.47 -26.23 0.99
CA LEU D 94 -11.45 -25.53 0.17
C LEU D 94 -11.71 -25.82 -1.32
N GLY D 95 -11.60 -24.79 -2.16
CA GLY D 95 -11.64 -24.95 -3.62
C GLY D 95 -11.53 -23.61 -4.31
N ASP D 96 -12.39 -23.36 -5.30
CA ASP D 96 -12.38 -22.09 -6.07
C ASP D 96 -13.80 -21.75 -6.54
N THR D 97 -14.02 -20.47 -6.83
CA THR D 97 -15.28 -19.87 -7.32
C THR D 97 -16.36 -19.99 -6.22
N LEU D 98 -16.40 -19.00 -5.34
CA LEU D 98 -17.44 -18.86 -4.28
C LEU D 98 -18.72 -18.30 -4.92
N THR D 99 -19.86 -18.91 -4.63
CA THR D 99 -21.19 -18.42 -5.06
C THR D 99 -22.13 -18.41 -3.85
N GLY D 100 -23.28 -17.74 -3.99
CA GLY D 100 -24.36 -17.73 -3.01
C GLY D 100 -24.11 -16.71 -1.92
N GLY D 101 -24.83 -16.84 -0.80
CA GLY D 101 -24.81 -15.88 0.32
C GLY D 101 -26.02 -16.08 1.21
N ALA D 102 -26.12 -15.27 2.28
CA ALA D 102 -27.31 -15.22 3.17
C ALA D 102 -28.57 -15.10 2.30
N SER D 103 -28.55 -14.18 1.33
CA SER D 103 -29.66 -13.91 0.38
C SER D 103 -30.05 -15.21 -0.33
N SER D 104 -29.05 -16.01 -0.74
CA SER D 104 -29.20 -17.12 -1.71
C SER D 104 -29.42 -18.45 -0.98
N GLY D 105 -29.49 -18.41 0.36
CA GLY D 105 -29.71 -19.59 1.21
C GLY D 105 -28.44 -20.41 1.40
N GLY D 106 -27.28 -19.75 1.38
CA GLY D 106 -25.98 -20.29 1.85
C GLY D 106 -24.86 -20.00 0.88
N TYR D 107 -23.60 -20.13 1.34
CA TYR D 107 -22.39 -20.04 0.49
C TYR D 107 -22.06 -21.43 -0.04
N ALA D 108 -21.53 -21.51 -1.27
CA ALA D 108 -21.04 -22.76 -1.88
C ALA D 108 -19.86 -22.50 -2.83
N LEU D 109 -19.17 -23.56 -3.22
CA LEU D 109 -18.01 -23.53 -4.16
C LEU D 109 -18.41 -24.23 -5.46
N ASP D 110 -18.30 -23.54 -6.60
CA ASP D 110 -18.53 -24.13 -7.95
C ASP D 110 -17.56 -25.31 -8.15
N SER D 111 -16.31 -25.16 -7.73
CA SER D 111 -15.32 -26.26 -7.63
C SER D 111 -14.90 -26.43 -6.16
N GLN D 112 -15.28 -27.55 -5.55
CA GLN D 112 -14.84 -27.93 -4.19
C GLN D 112 -13.84 -29.08 -4.31
N GLU D 113 -12.59 -28.84 -3.90
CA GLU D 113 -11.48 -29.82 -4.03
C GLU D 113 -11.49 -30.74 -2.80
N VAL D 114 -11.44 -30.16 -1.60
CA VAL D 114 -11.37 -30.92 -0.31
C VAL D 114 -12.26 -30.23 0.72
N SER D 115 -12.93 -31.01 1.56
CA SER D 115 -13.69 -30.55 2.74
C SER D 115 -13.33 -31.39 3.96
N PHE D 116 -13.22 -30.75 5.13
CA PHE D 116 -12.99 -31.42 6.43
C PHE D 116 -14.20 -31.16 7.33
N SER D 117 -14.68 -32.21 8.02
CA SER D 117 -15.91 -32.16 8.84
C SER D 117 -15.68 -32.85 10.19
N ASN D 118 -16.45 -32.45 11.20
CA ASN D 118 -16.33 -32.95 12.60
C ASN D 118 -14.95 -32.55 13.16
N LEU D 119 -14.51 -31.31 12.93
CA LEU D 119 -13.21 -30.79 13.44
C LEU D 119 -13.32 -30.56 14.94
N GLY D 120 -14.54 -30.37 15.45
CA GLY D 120 -14.85 -30.24 16.88
C GLY D 120 -14.04 -29.12 17.53
N LEU D 121 -13.90 -27.98 16.86
CA LEU D 121 -13.11 -26.83 17.36
C LEU D 121 -14.05 -25.81 18.02
N ASP D 122 -13.69 -25.40 19.22
CA ASP D 122 -14.48 -24.46 20.06
C ASP D 122 -13.51 -23.53 20.77
N SER D 123 -13.44 -22.29 20.31
CA SER D 123 -12.56 -21.23 20.87
C SER D 123 -13.42 -20.15 21.50
N PRO D 124 -13.36 -19.98 22.84
CA PRO D 124 -14.14 -18.94 23.52
C PRO D 124 -13.54 -17.54 23.34
N ILE D 125 -14.39 -16.52 23.39
CA ILE D 125 -14.02 -15.10 23.13
C ILE D 125 -12.92 -14.67 24.11
N ALA D 126 -12.89 -15.25 25.31
CA ALA D 126 -11.96 -14.85 26.40
C ALA D 126 -10.51 -15.06 25.95
N GLN D 127 -10.27 -15.99 25.02
CA GLN D 127 -8.90 -16.32 24.51
C GLN D 127 -8.44 -15.27 23.50
N GLY D 128 -9.33 -14.36 23.07
CA GLY D 128 -9.10 -13.42 21.97
C GLY D 128 -8.40 -14.09 20.79
N ARG D 129 -7.34 -13.47 20.27
CA ARG D 129 -6.66 -13.89 19.02
C ARG D 129 -5.77 -15.11 19.30
N ASP D 130 -5.64 -15.52 20.55
CA ASP D 130 -4.86 -16.73 20.91
C ASP D 130 -5.71 -17.99 20.66
N GLY D 131 -7.01 -17.81 20.39
CA GLY D 131 -7.94 -18.91 20.05
C GLY D 131 -7.46 -19.69 18.83
N THR D 132 -7.66 -21.01 18.85
CA THR D 132 -7.33 -21.94 17.74
C THR D 132 -8.18 -21.59 16.52
N VAL D 133 -9.47 -21.32 16.73
CA VAL D 133 -10.42 -20.98 15.62
C VAL D 133 -9.86 -19.77 14.87
N HIS D 134 -9.48 -18.72 15.59
CA HIS D 134 -8.88 -17.48 15.01
C HIS D 134 -7.63 -17.85 14.19
N LYS D 135 -6.70 -18.60 14.77
CA LYS D 135 -5.40 -18.94 14.13
C LYS D 135 -5.67 -19.72 12.85
N VAL D 136 -6.59 -20.69 12.91
CA VAL D 136 -6.91 -21.59 11.76
C VAL D 136 -7.45 -20.72 10.62
N VAL D 137 -8.48 -19.92 10.90
CA VAL D 137 -9.26 -19.21 9.85
C VAL D 137 -8.42 -18.05 9.33
N TYR D 138 -7.68 -17.36 10.21
CA TYR D 138 -6.77 -16.27 9.78
C TYR D 138 -5.70 -16.84 8.86
N GLY D 139 -5.16 -18.01 9.19
CA GLY D 139 -4.17 -18.71 8.37
C GLY D 139 -4.71 -18.93 6.96
N LEU D 140 -5.97 -19.34 6.86
CA LEU D 140 -6.65 -19.54 5.56
C LEU D 140 -6.74 -18.20 4.82
N MET D 141 -6.75 -17.08 5.55
CA MET D 141 -6.87 -15.72 4.96
C MET D 141 -5.48 -15.24 4.49
N SER D 142 -4.42 -15.68 5.16
CA SER D 142 -3.09 -15.03 5.11
C SER D 142 -2.06 -15.93 4.41
N GLY D 143 -2.48 -17.09 3.90
CA GLY D 143 -1.66 -17.97 3.05
C GLY D 143 -0.80 -18.92 3.86
N ASP D 144 -1.12 -19.10 5.15
CA ASP D 144 -0.45 -20.08 6.05
C ASP D 144 -1.51 -20.98 6.69
N SER D 145 -1.62 -22.24 6.21
CA SER D 145 -2.63 -23.25 6.62
C SER D 145 -2.08 -24.17 7.71
N SER D 146 -1.05 -23.74 8.44
CA SER D 146 -0.25 -24.57 9.39
C SER D 146 -1.12 -25.02 10.58
N ALA D 147 -1.90 -24.11 11.18
CA ALA D 147 -2.76 -24.40 12.36
C ALA D 147 -3.81 -25.43 11.96
N LEU D 148 -4.43 -25.27 10.78
CA LEU D 148 -5.40 -26.25 10.22
C LEU D 148 -4.70 -27.61 10.06
N GLN D 149 -3.49 -27.62 9.51
CA GLN D 149 -2.67 -28.85 9.31
C GLN D 149 -2.48 -29.54 10.68
N GLY D 150 -2.09 -28.76 11.70
CA GLY D 150 -1.82 -29.27 13.06
C GLY D 150 -3.05 -29.95 13.64
N GLN D 151 -4.21 -29.31 13.52
CA GLN D 151 -5.49 -29.79 14.10
C GLN D 151 -5.94 -31.06 13.36
N ILE D 152 -5.86 -31.08 12.03
CA ILE D 152 -6.20 -32.28 11.21
C ILE D 152 -5.28 -33.43 11.62
N ASP D 153 -3.98 -33.16 11.83
CA ASP D 153 -3.00 -34.19 12.23
C ASP D 153 -3.42 -34.78 13.58
N ALA D 154 -3.79 -33.92 14.55
CA ALA D 154 -4.25 -34.33 15.89
C ALA D 154 -5.44 -35.29 15.75
N LEU D 155 -6.44 -34.92 14.94
CA LEU D 155 -7.71 -35.69 14.76
C LEU D 155 -7.41 -37.03 14.07
N LEU D 156 -6.58 -37.02 13.02
CA LEU D 156 -6.21 -38.25 12.27
C LEU D 156 -5.52 -39.24 13.22
N LYS D 157 -4.58 -38.74 14.04
CA LYS D 157 -3.85 -39.56 15.05
C LYS D 157 -4.87 -40.12 16.04
N ALA D 158 -5.90 -39.34 16.38
CA ALA D 158 -6.98 -39.73 17.32
C ALA D 158 -7.70 -40.96 16.77
N VAL D 159 -7.88 -41.04 15.45
CA VAL D 159 -8.51 -42.22 14.78
C VAL D 159 -7.54 -43.41 14.88
N ASP D 160 -6.30 -43.25 14.46
CA ASP D 160 -5.25 -44.30 14.57
C ASP D 160 -3.86 -43.68 14.56
N PRO D 161 -2.91 -44.19 15.38
CA PRO D 161 -1.55 -43.68 15.42
C PRO D 161 -0.89 -43.58 14.03
N SER D 162 -1.15 -44.56 13.15
CA SER D 162 -0.50 -44.68 11.82
C SER D 162 -0.91 -43.49 10.94
N LEU D 163 -2.15 -43.00 11.10
CA LEU D 163 -2.70 -41.90 10.29
C LEU D 163 -1.98 -40.59 10.64
N SER D 164 -1.78 -39.73 9.64
CA SER D 164 -0.95 -38.50 9.75
C SER D 164 -1.31 -37.57 8.59
N ILE D 165 -0.80 -36.34 8.64
CA ILE D 165 -0.94 -35.35 7.53
C ILE D 165 -0.13 -35.84 6.32
N ASN D 166 0.77 -36.80 6.53
CA ASN D 166 1.65 -37.36 5.47
C ASN D 166 0.96 -38.54 4.78
N SER D 167 -0.23 -38.94 5.27
CA SER D 167 -1.10 -39.94 4.61
C SER D 167 -1.69 -39.34 3.33
N THR D 168 -1.79 -40.15 2.26
CA THR D 168 -2.51 -39.78 1.02
C THR D 168 -4.02 -39.94 1.23
N PHE D 169 -4.82 -39.28 0.39
CA PHE D 169 -6.29 -39.25 0.46
C PHE D 169 -6.85 -40.67 0.29
N ASP D 170 -6.20 -41.48 -0.55
CA ASP D 170 -6.60 -42.89 -0.80
C ASP D 170 -6.41 -43.72 0.47
N GLN D 171 -5.27 -43.55 1.16
CA GLN D 171 -4.97 -44.24 2.45
C GLN D 171 -6.01 -43.84 3.50
N LEU D 172 -6.41 -42.56 3.55
CA LEU D 172 -7.45 -42.05 4.48
C LEU D 172 -8.79 -42.72 4.14
N ALA D 173 -9.11 -42.85 2.85
CA ALA D 173 -10.37 -43.46 2.36
C ALA D 173 -10.43 -44.93 2.78
N ALA D 174 -9.30 -45.65 2.67
CA ALA D 174 -9.18 -47.08 3.00
C ALA D 174 -9.38 -47.28 4.50
N ALA D 175 -8.93 -46.33 5.32
CA ALA D 175 -9.02 -46.37 6.80
C ALA D 175 -10.39 -45.86 7.26
N GLY D 176 -11.25 -45.51 6.30
CA GLY D 176 -12.69 -45.25 6.52
C GLY D 176 -12.95 -43.80 6.91
N VAL D 177 -11.92 -42.95 6.85
CA VAL D 177 -11.99 -41.54 7.34
C VAL D 177 -12.38 -40.62 6.18
N ALA D 178 -12.01 -40.96 4.94
CA ALA D 178 -12.19 -40.08 3.75
C ALA D 178 -13.10 -40.77 2.73
N HIS D 179 -13.74 -39.96 1.87
CA HIS D 179 -14.65 -40.40 0.79
C HIS D 179 -14.37 -39.59 -0.47
N ALA D 180 -14.22 -40.24 -1.62
CA ALA D 180 -13.90 -39.60 -2.91
C ALA D 180 -15.18 -39.01 -3.52
N THR D 181 -15.05 -37.89 -4.24
CA THR D 181 -16.12 -37.23 -5.04
C THR D 181 -15.61 -37.06 -6.47
N PRO D 182 -16.51 -36.82 -7.46
CA PRO D 182 -16.11 -36.83 -8.86
C PRO D 182 -14.80 -36.06 -9.11
N SER E 2 0.23 30.58 31.03
CA SER E 2 -0.23 31.15 29.74
C SER E 2 0.64 30.63 28.59
N ILE E 3 0.03 30.31 27.44
CA ILE E 3 0.75 29.82 26.24
C ILE E 3 1.78 30.88 25.86
N SER E 4 3.01 30.45 25.59
CA SER E 4 4.02 31.23 24.85
C SER E 4 4.14 30.70 23.42
N ILE E 5 4.32 31.63 22.47
CA ILE E 5 4.49 31.31 21.02
C ILE E 5 5.77 31.98 20.54
N SER E 6 6.70 31.19 19.98
CA SER E 6 7.85 31.70 19.20
C SER E 6 7.61 31.44 17.70
N TYR E 7 7.88 32.43 16.86
CA TYR E 7 7.66 32.35 15.38
C TYR E 7 8.82 33.02 14.65
N SER E 8 9.23 32.43 13.53
CA SER E 8 10.13 33.04 12.52
C SER E 8 9.45 34.30 11.93
N THR E 9 10.22 35.35 11.65
CA THR E 9 9.69 36.66 11.18
C THR E 9 9.06 36.48 9.80
N THR E 10 9.32 35.33 9.15
CA THR E 10 8.67 34.96 7.86
C THR E 10 7.15 35.04 8.02
N TYR E 11 6.63 34.69 9.20
CA TYR E 11 5.19 34.38 9.42
C TYR E 11 4.51 35.53 10.18
N SER E 12 5.07 36.74 10.11
CA SER E 12 4.62 37.92 10.90
C SER E 12 3.18 38.29 10.54
N GLY E 13 2.86 38.29 9.24
CA GLY E 13 1.54 38.68 8.71
C GLY E 13 0.61 37.49 8.59
N TRP E 14 1.08 36.29 8.97
CA TRP E 14 0.31 35.02 8.93
C TRP E 14 -0.57 34.91 10.19
N THR E 15 -1.81 34.44 10.03
CA THR E 15 -2.65 33.89 11.12
C THR E 15 -2.09 32.52 11.52
N VAL E 16 -2.37 32.10 12.77
CA VAL E 16 -1.93 30.79 13.32
C VAL E 16 -2.57 29.66 12.49
N ALA E 17 -3.86 29.78 12.18
CA ALA E 17 -4.63 28.78 11.40
C ALA E 17 -3.99 28.62 10.02
N ASP E 18 -3.66 29.73 9.35
CA ASP E 18 -3.01 29.71 8.00
C ASP E 18 -1.69 28.94 8.12
N TYR E 19 -0.92 29.18 9.17
CA TYR E 19 0.41 28.54 9.34
C TYR E 19 0.21 27.03 9.50
N LEU E 20 -0.72 26.64 10.36
CA LEU E 20 -0.92 25.22 10.75
C LEU E 20 -1.42 24.43 9.53
N ALA E 21 -2.35 25.00 8.75
CA ALA E 21 -2.83 24.44 7.48
C ALA E 21 -1.62 24.21 6.54
N ASP E 22 -0.78 25.23 6.41
CA ASP E 22 0.42 25.22 5.54
C ASP E 22 1.34 24.06 5.97
N TRP E 23 1.65 23.97 7.27
CA TRP E 23 2.64 23.00 7.79
C TRP E 23 2.09 21.58 7.62
N SER E 24 0.82 21.36 7.94
CA SER E 24 0.16 20.03 7.81
C SER E 24 0.19 19.59 6.34
N ALA E 25 -0.05 20.52 5.42
CA ALA E 25 0.02 20.26 3.96
C ALA E 25 1.43 19.80 3.58
N TYR E 26 2.48 20.45 4.12
CA TYR E 26 3.89 20.15 3.79
C TYR E 26 4.28 18.78 4.36
N PHE E 27 3.81 18.46 5.56
CA PHE E 27 4.13 17.18 6.27
C PHE E 27 3.34 16.02 5.64
N GLY E 28 2.05 16.24 5.36
CA GLY E 28 1.14 15.23 4.78
C GLY E 28 0.75 14.16 5.80
N ASP E 29 0.28 13.01 5.31
CA ASP E 29 -0.06 11.81 6.12
C ASP E 29 1.03 10.74 5.93
N VAL E 30 1.63 10.25 7.02
CA VAL E 30 2.64 9.16 7.00
C VAL E 30 1.94 7.80 6.80
N ASN E 31 0.61 7.78 6.74
CA ASN E 31 -0.19 6.52 6.61
C ASN E 31 0.35 5.47 7.59
N HIS E 32 0.26 5.79 8.88
CA HIS E 32 0.72 4.94 10.01
C HIS E 32 -0.27 3.79 10.22
N ARG E 33 0.18 2.55 9.99
CA ARG E 33 -0.69 1.35 9.94
C ARG E 33 0.13 0.09 10.18
N PRO E 34 -0.46 -0.93 10.83
CA PRO E 34 0.23 -2.19 11.09
C PRO E 34 0.88 -2.73 9.82
N GLY E 35 2.13 -3.18 9.92
CA GLY E 35 2.88 -3.86 8.84
C GLY E 35 3.36 -2.88 7.79
N GLN E 36 3.43 -1.58 8.10
CA GLN E 36 3.69 -0.51 7.09
C GLN E 36 4.43 0.69 7.71
N VAL E 37 4.91 0.60 8.97
CA VAL E 37 5.22 1.83 9.77
C VAL E 37 6.66 2.31 9.49
N VAL E 38 7.68 1.44 9.43
CA VAL E 38 9.12 1.87 9.43
C VAL E 38 9.60 2.15 8.00
N ASP E 39 10.79 2.76 7.87
CA ASP E 39 11.42 3.23 6.60
C ASP E 39 12.94 3.34 6.77
N GLY E 40 13.65 3.65 5.68
CA GLY E 40 15.09 4.01 5.70
C GLY E 40 15.40 5.09 6.71
N SER E 41 16.56 4.97 7.38
CA SER E 41 17.04 5.89 8.44
C SER E 41 16.02 5.97 9.58
N ASN E 42 15.98 7.09 10.30
CA ASN E 42 14.97 7.28 11.37
C ASN E 42 14.08 8.47 11.03
N THR E 43 12.78 8.21 10.98
CA THR E 43 11.69 9.21 10.80
C THR E 43 11.61 10.05 12.10
N GLY E 44 12.15 9.52 13.20
CA GLY E 44 12.29 10.22 14.50
C GLY E 44 12.22 9.25 15.68
N GLY E 45 11.34 9.51 16.66
CA GLY E 45 11.09 8.58 17.78
C GLY E 45 11.08 9.28 19.12
N PHE E 46 11.29 8.51 20.20
CA PHE E 46 11.20 8.99 21.60
C PHE E 46 12.59 9.24 22.16
N ASN E 47 12.76 10.36 22.88
CA ASN E 47 13.99 10.67 23.65
C ASN E 47 13.62 10.82 25.13
N PRO E 48 14.18 9.99 26.04
CA PRO E 48 15.21 9.00 25.73
C PRO E 48 14.81 7.64 25.13
N GLY E 49 13.53 7.27 25.15
CA GLY E 49 13.00 6.09 24.40
C GLY E 49 13.30 4.78 25.13
N PRO E 50 12.90 3.61 24.58
CA PRO E 50 12.34 3.51 23.22
C PRO E 50 10.91 4.06 23.04
N PHE E 51 10.06 3.97 24.06
CA PHE E 51 8.59 4.14 23.92
C PHE E 51 8.06 5.20 24.89
N ASP E 52 8.97 5.83 25.63
CA ASP E 52 8.68 6.94 26.60
C ASP E 52 9.75 8.01 26.43
N GLY E 53 9.38 9.29 26.62
CA GLY E 53 10.36 10.39 26.62
C GLY E 53 9.74 11.73 26.99
N SER E 54 10.60 12.74 27.19
CA SER E 54 10.21 14.17 27.32
C SER E 54 10.19 14.79 25.92
N GLN E 55 10.70 14.08 24.93
CA GLN E 55 10.57 14.44 23.49
C GLN E 55 9.98 13.25 22.73
N TYR E 56 8.97 13.51 21.90
CA TYR E 56 8.60 12.63 20.76
C TYR E 56 8.75 13.41 19.46
N ALA E 57 9.70 13.02 18.62
CA ALA E 57 10.03 13.74 17.37
C ALA E 57 9.73 12.84 16.17
N LEU E 58 9.09 13.39 15.14
CA LEU E 58 8.86 12.68 13.87
C LEU E 58 9.13 13.59 12.68
N LYS E 59 9.72 12.99 11.64
CA LYS E 59 9.92 13.61 10.30
C LYS E 59 8.88 13.03 9.32
N SER E 60 8.36 13.88 8.43
CA SER E 60 7.49 13.48 7.29
C SER E 60 8.22 12.44 6.43
N THR E 61 7.50 11.42 5.96
CA THR E 61 8.02 10.41 5.00
C THR E 61 8.10 11.03 3.60
N ALA E 62 7.48 12.21 3.41
CA ALA E 62 7.25 12.83 2.08
C ALA E 62 8.14 14.06 1.90
N SER E 63 8.53 14.73 2.99
CA SER E 63 9.25 16.02 2.95
C SER E 63 10.24 16.11 4.11
N ASP E 64 10.89 17.27 4.25
CA ASP E 64 11.82 17.59 5.37
C ASP E 64 11.01 18.12 6.56
N ALA E 65 9.69 18.27 6.42
CA ALA E 65 8.79 18.69 7.51
C ALA E 65 8.97 17.76 8.71
N ALA E 66 8.97 18.34 9.91
CA ALA E 66 9.19 17.59 11.17
C ALA E 66 8.51 18.34 12.32
N PHE E 67 8.18 17.61 13.37
CA PHE E 67 7.65 18.23 14.61
C PHE E 67 8.36 17.58 15.80
N ILE E 68 8.43 18.32 16.90
CA ILE E 68 8.85 17.76 18.21
C ILE E 68 7.77 18.07 19.24
N ALA E 69 7.23 17.03 19.88
CA ALA E 69 6.27 17.14 20.99
C ALA E 69 7.03 16.96 22.31
N GLY E 70 6.84 17.88 23.26
CA GLY E 70 7.57 17.89 24.53
C GLY E 70 6.65 17.64 25.71
N GLY E 71 7.15 17.01 26.76
CA GLY E 71 6.43 16.86 28.03
C GLY E 71 6.86 15.59 28.73
N ASP E 72 5.91 14.68 28.98
CA ASP E 72 6.14 13.32 29.53
C ASP E 72 5.22 12.35 28.79
N LEU E 73 5.69 11.77 27.68
CA LEU E 73 4.82 11.08 26.71
C LEU E 73 5.14 9.59 26.66
N HIS E 74 4.13 8.77 26.37
CA HIS E 74 4.21 7.29 26.38
C HIS E 74 3.42 6.73 25.21
N TYR E 75 3.88 5.59 24.68
CA TYR E 75 3.18 4.78 23.67
C TYR E 75 2.99 3.37 24.21
N THR E 76 1.76 2.87 24.13
CA THR E 76 1.37 1.54 24.64
C THR E 76 1.83 0.47 23.68
N LEU E 77 1.89 0.77 22.38
CA LEU E 77 2.12 -0.26 21.33
C LEU E 77 1.05 -1.34 21.47
N PHE E 78 1.39 -2.58 21.87
CA PHE E 78 0.46 -3.74 21.85
C PHE E 78 -0.23 -3.91 23.22
N SER E 79 0.34 -3.37 24.30
CA SER E 79 -0.25 -3.48 25.66
C SER E 79 -1.52 -2.63 25.75
N ASN E 80 -2.54 -3.11 26.47
CA ASN E 80 -3.91 -2.50 26.53
C ASN E 80 -3.83 -1.22 27.36
N PRO E 81 -4.36 -0.06 26.90
CA PRO E 81 -5.08 0.06 25.63
C PRO E 81 -4.13 0.24 24.43
N SER E 82 -4.37 -0.46 23.33
CA SER E 82 -3.35 -0.67 22.27
C SER E 82 -3.17 0.63 21.46
N HIS E 83 -1.94 0.91 21.04
CA HIS E 83 -1.58 2.04 20.15
C HIS E 83 -2.22 3.32 20.69
N THR E 84 -1.83 3.70 21.90
CA THR E 84 -2.23 4.97 22.57
C THR E 84 -0.97 5.78 22.85
N LEU E 85 -0.99 7.07 22.50
CA LEU E 85 -0.03 8.08 23.03
C LEU E 85 -0.71 8.91 24.10
N TRP E 86 -0.11 8.95 25.29
CA TRP E 86 -0.68 9.56 26.51
C TRP E 86 0.42 10.20 27.34
N GLY E 87 0.02 10.87 28.43
CA GLY E 87 0.92 11.60 29.33
C GLY E 87 0.69 13.10 29.23
N LYS E 88 1.69 13.89 29.62
CA LYS E 88 1.55 15.37 29.66
C LYS E 88 2.28 15.95 28.44
N LEU E 89 1.56 16.78 27.68
CA LEU E 89 2.06 17.54 26.51
C LEU E 89 2.16 19.02 26.89
N ASP E 90 3.38 19.54 26.98
CA ASP E 90 3.68 20.92 27.45
C ASP E 90 3.93 21.82 26.23
N SER E 91 4.59 21.29 25.21
CA SER E 91 5.15 22.09 24.09
C SER E 91 5.11 21.29 22.79
N ILE E 92 4.92 21.99 21.67
CA ILE E 92 5.07 21.44 20.29
C ILE E 92 5.85 22.44 19.46
N ALA E 93 6.90 21.97 18.77
CA ALA E 93 7.67 22.75 17.79
C ALA E 93 7.40 22.20 16.38
N LEU E 94 7.07 23.08 15.44
CA LEU E 94 6.87 22.71 14.02
C LEU E 94 7.91 23.44 13.16
N GLY E 95 8.52 22.72 12.21
CA GLY E 95 9.48 23.31 11.27
C GLY E 95 9.96 22.30 10.26
N ASP E 96 11.25 22.38 9.91
CA ASP E 96 11.91 21.49 8.92
C ASP E 96 13.16 20.89 9.56
N THR E 97 13.55 19.72 9.04
CA THR E 97 14.92 19.17 9.15
C THR E 97 15.17 18.81 10.62
N LEU E 98 14.62 17.68 11.03
CA LEU E 98 14.88 17.05 12.34
C LEU E 98 16.34 16.61 12.40
N THR E 99 17.02 16.93 13.49
CA THR E 99 18.42 16.50 13.77
C THR E 99 18.52 15.98 15.20
N GLY E 100 19.64 15.33 15.51
CA GLY E 100 19.97 14.83 16.86
C GLY E 100 19.20 13.57 17.17
N GLY E 101 18.91 13.36 18.46
CA GLY E 101 18.33 12.12 19.02
C GLY E 101 18.83 11.91 20.44
N ALA E 102 18.57 10.74 21.01
CA ALA E 102 18.97 10.38 22.39
C ALA E 102 20.49 10.46 22.50
N SER E 103 21.20 10.03 21.45
CA SER E 103 22.68 9.94 21.43
C SER E 103 23.31 11.31 21.14
N SER E 104 22.50 12.37 21.03
CA SER E 104 22.96 13.77 20.79
C SER E 104 22.56 14.67 21.96
N GLY E 105 22.00 14.10 23.02
CA GLY E 105 21.48 14.84 24.18
C GLY E 105 20.11 15.46 23.91
N GLY E 106 19.50 15.12 22.77
CA GLY E 106 18.12 15.50 22.44
C GLY E 106 17.89 15.63 20.94
N TYR E 107 16.64 15.84 20.55
CA TYR E 107 16.19 16.18 19.17
C TYR E 107 16.10 17.71 19.07
N ALA E 108 16.42 18.28 17.90
CA ALA E 108 16.14 19.69 17.57
C ALA E 108 15.77 19.83 16.08
N LEU E 109 14.91 20.79 15.78
CA LEU E 109 14.62 21.28 14.40
C LEU E 109 15.76 22.19 13.95
N ASP E 110 16.33 21.92 12.77
CA ASP E 110 17.38 22.76 12.15
C ASP E 110 16.75 24.05 11.63
N SER E 111 15.52 23.98 11.09
CA SER E 111 14.75 25.16 10.61
C SER E 111 13.47 25.30 11.43
N GLN E 112 13.59 25.86 12.64
CA GLN E 112 12.42 26.19 13.50
C GLN E 112 11.55 27.18 12.73
N GLU E 113 10.23 27.08 12.89
CA GLU E 113 9.25 27.97 12.23
C GLU E 113 8.32 28.53 13.30
N VAL E 114 7.61 27.64 14.00
CA VAL E 114 6.63 28.03 15.06
C VAL E 114 6.65 26.99 16.17
N SER E 115 6.72 27.46 17.42
CA SER E 115 6.67 26.61 18.63
C SER E 115 5.62 27.16 19.58
N PHE E 116 4.89 26.24 20.22
CA PHE E 116 3.87 26.54 21.26
C PHE E 116 4.33 25.90 22.56
N SER E 117 4.24 26.68 23.64
CA SER E 117 4.70 26.28 25.00
C SER E 117 3.59 26.54 26.02
N ASN E 118 3.59 25.78 27.13
CA ASN E 118 2.59 25.87 28.22
C ASN E 118 1.21 25.46 27.71
N LEU E 119 1.14 24.38 26.93
CA LEU E 119 -0.14 23.79 26.43
C LEU E 119 -0.93 23.22 27.61
N GLY E 120 -0.25 22.78 28.67
CA GLY E 120 -0.83 22.20 29.89
C GLY E 120 -1.86 21.12 29.60
N LEU E 121 -1.57 20.24 28.63
CA LEU E 121 -2.45 19.11 28.26
C LEU E 121 -2.00 17.85 29.01
N ASP E 122 -2.96 17.11 29.58
CA ASP E 122 -2.68 15.93 30.43
C ASP E 122 -3.72 14.85 30.15
N SER E 123 -3.29 13.73 29.58
CA SER E 123 -4.19 12.62 29.17
C SER E 123 -3.74 11.33 29.83
N PRO E 124 -4.48 10.83 30.85
CA PRO E 124 -4.13 9.57 31.50
C PRO E 124 -4.34 8.38 30.56
N ILE E 125 -3.66 7.26 30.82
CA ILE E 125 -3.67 6.04 29.96
C ILE E 125 -5.11 5.52 29.85
N ALA E 126 -5.93 5.72 30.88
CA ALA E 126 -7.29 5.14 30.97
C ALA E 126 -8.20 5.73 29.89
N GLN E 127 -7.87 6.91 29.35
CA GLN E 127 -8.67 7.58 28.28
C GLN E 127 -8.42 6.88 26.94
N GLY E 128 -7.43 5.98 26.89
CA GLY E 128 -6.91 5.38 25.64
C GLY E 128 -6.82 6.40 24.53
N ARG E 129 -7.31 6.03 23.34
CA ARG E 129 -7.12 6.82 22.10
C ARG E 129 -8.06 8.02 22.11
N ASP E 130 -8.94 8.11 23.11
CA ASP E 130 -9.90 9.24 23.22
C ASP E 130 -9.23 10.42 23.94
N GLY E 131 -8.06 10.19 24.55
CA GLY E 131 -7.27 11.25 25.22
C GLY E 131 -6.87 12.36 24.26
N THR E 132 -6.91 13.62 24.70
CA THR E 132 -6.66 14.79 23.85
C THR E 132 -5.22 14.76 23.31
N VAL E 133 -4.27 14.35 24.15
CA VAL E 133 -2.84 14.26 23.76
C VAL E 133 -2.71 13.34 22.52
N HIS E 134 -3.28 12.14 22.55
CA HIS E 134 -3.25 11.16 21.43
C HIS E 134 -3.79 11.82 20.16
N LYS E 135 -4.96 12.46 20.25
CA LYS E 135 -5.63 13.08 19.09
C LYS E 135 -4.74 14.19 18.51
N VAL E 136 -4.19 15.05 19.38
CA VAL E 136 -3.34 16.18 18.93
C VAL E 136 -2.11 15.62 18.19
N VAL E 137 -1.37 14.70 18.80
CA VAL E 137 -0.05 14.24 18.26
C VAL E 137 -0.30 13.38 17.01
N TYR E 138 -1.32 12.53 17.01
CA TYR E 138 -1.65 11.70 15.83
C TYR E 138 -2.09 12.60 14.67
N GLY E 139 -2.75 13.71 14.98
CA GLY E 139 -3.10 14.76 14.00
C GLY E 139 -1.86 15.31 13.30
N LEU E 140 -0.80 15.58 14.07
CA LEU E 140 0.51 16.00 13.52
C LEU E 140 1.10 14.88 12.63
N MET E 141 0.86 13.61 12.97
CA MET E 141 1.41 12.45 12.23
C MET E 141 0.62 12.22 10.93
N SER E 142 -0.65 12.63 10.88
CA SER E 142 -1.65 12.13 9.89
C SER E 142 -2.07 13.25 8.94
N GLY E 143 -1.59 14.47 9.15
CA GLY E 143 -1.83 15.62 8.26
C GLY E 143 -3.11 16.36 8.63
N ASP E 144 -3.63 16.14 9.83
CA ASP E 144 -4.76 16.92 10.39
C ASP E 144 -4.27 17.61 11.66
N SER E 145 -4.27 18.95 11.70
CA SER E 145 -3.77 19.76 12.83
C SER E 145 -4.92 20.42 13.59
N SER E 146 -6.15 19.97 13.34
CA SER E 146 -7.40 20.56 13.91
C SER E 146 -7.38 20.49 15.44
N ALA E 147 -6.95 19.37 16.03
CA ALA E 147 -6.98 19.19 17.49
C ALA E 147 -6.03 20.20 18.15
N LEU E 148 -4.80 20.30 17.65
CA LEU E 148 -3.81 21.31 18.13
C LEU E 148 -4.40 22.71 17.93
N GLN E 149 -5.07 22.94 16.79
CA GLN E 149 -5.68 24.24 16.48
C GLN E 149 -6.71 24.60 17.55
N GLY E 150 -7.58 23.66 17.91
CA GLY E 150 -8.63 23.85 18.92
C GLY E 150 -8.04 24.21 20.27
N GLN E 151 -7.00 23.48 20.68
CA GLN E 151 -6.35 23.63 22.01
C GLN E 151 -5.72 25.02 22.11
N ILE E 152 -5.01 25.44 21.05
CA ILE E 152 -4.36 26.77 20.95
C ILE E 152 -5.44 27.86 21.01
N ASP E 153 -6.54 27.73 20.27
CA ASP E 153 -7.63 28.74 20.26
C ASP E 153 -8.17 28.92 21.68
N ALA E 154 -8.36 27.83 22.42
CA ALA E 154 -8.93 27.85 23.79
C ALA E 154 -7.98 28.59 24.73
N LEU E 155 -6.68 28.34 24.60
CA LEU E 155 -5.62 28.92 25.47
C LEU E 155 -5.48 30.42 25.17
N LEU E 156 -5.49 30.80 23.90
CA LEU E 156 -5.42 32.22 23.46
C LEU E 156 -6.60 32.99 24.09
N LYS E 157 -7.81 32.46 23.97
CA LYS E 157 -9.03 33.14 24.48
C LYS E 157 -8.96 33.21 26.01
N ALA E 158 -8.29 32.25 26.64
CA ALA E 158 -8.07 32.23 28.12
C ALA E 158 -7.28 33.48 28.51
N VAL E 159 -6.35 33.91 27.66
CA VAL E 159 -5.46 35.08 27.90
C VAL E 159 -6.26 36.36 27.64
N ASP E 160 -7.05 36.41 26.56
CA ASP E 160 -7.92 37.56 26.20
C ASP E 160 -8.88 37.13 25.09
N PRO E 161 -10.20 37.38 25.25
CA PRO E 161 -11.20 36.91 24.27
C PRO E 161 -11.08 37.54 22.88
N SER E 162 -10.35 38.65 22.75
CA SER E 162 -10.11 39.31 21.44
C SER E 162 -9.05 38.53 20.65
N LEU E 163 -8.24 37.69 21.31
CA LEU E 163 -7.20 36.87 20.64
C LEU E 163 -7.83 35.56 20.17
N SER E 164 -7.38 35.04 19.03
CA SER E 164 -7.92 33.77 18.45
C SER E 164 -6.92 33.16 17.47
N ILE E 165 -7.35 32.06 16.86
CA ILE E 165 -6.57 31.28 15.86
C ILE E 165 -6.40 32.12 14.58
N ASN E 166 -7.20 33.19 14.43
CA ASN E 166 -7.19 34.05 13.22
C ASN E 166 -6.44 35.34 13.50
N SER E 167 -5.87 35.50 14.70
CA SER E 167 -4.84 36.53 14.99
C SER E 167 -3.57 36.21 14.21
N THR E 168 -2.93 37.24 13.66
CA THR E 168 -1.56 37.16 13.09
C THR E 168 -0.55 37.02 14.24
N PHE E 169 0.60 36.41 13.97
CA PHE E 169 1.68 36.22 14.97
C PHE E 169 2.13 37.57 15.50
N ASP E 170 2.08 38.62 14.68
CA ASP E 170 2.47 40.01 15.08
C ASP E 170 1.48 40.51 16.13
N GLN E 171 0.18 40.27 15.97
CA GLN E 171 -0.87 40.69 16.94
C GLN E 171 -0.65 40.00 18.28
N LEU E 172 -0.28 38.72 18.26
CA LEU E 172 0.02 37.91 19.48
C LEU E 172 1.29 38.43 20.17
N ALA E 173 2.25 38.92 19.38
CA ALA E 173 3.49 39.57 19.90
C ALA E 173 3.11 40.88 20.60
N ALA E 174 2.20 41.66 20.01
CA ALA E 174 1.70 42.95 20.54
C ALA E 174 0.90 42.70 21.83
N ALA E 175 0.38 41.49 22.02
CA ALA E 175 -0.43 41.09 23.21
C ALA E 175 0.46 40.42 24.26
N GLY E 176 1.76 40.32 24.00
CA GLY E 176 2.75 39.77 24.95
C GLY E 176 2.77 38.26 24.93
N VAL E 177 2.02 37.62 24.02
CA VAL E 177 1.82 36.14 24.01
C VAL E 177 2.92 35.49 23.15
N ALA E 178 3.42 36.20 22.13
CA ALA E 178 4.33 35.64 21.10
C ALA E 178 5.64 36.45 21.03
N HIS E 179 6.70 35.81 20.54
CA HIS E 179 8.05 36.39 20.35
C HIS E 179 8.56 35.99 18.96
N ALA E 180 9.22 36.91 18.26
CA ALA E 180 9.87 36.64 16.95
C ALA E 180 11.20 35.90 17.18
N THR E 181 11.58 35.06 16.21
CA THR E 181 12.96 34.53 16.04
C THR E 181 13.47 34.97 14.67
N PRO E 182 14.80 35.02 14.48
CA PRO E 182 15.40 35.48 13.21
C PRO E 182 14.63 35.10 11.93
N SER F 2 31.13 -28.05 30.58
CA SER F 2 30.67 -28.91 29.44
C SER F 2 29.13 -28.83 29.30
N ILE F 3 28.59 -29.43 28.24
CA ILE F 3 27.14 -29.39 27.90
C ILE F 3 26.37 -30.20 28.94
N SER F 4 25.13 -29.80 29.23
CA SER F 4 24.14 -30.56 30.02
C SER F 4 22.83 -30.68 29.25
N ILE F 5 22.33 -31.90 29.05
CA ILE F 5 21.07 -32.18 28.30
C ILE F 5 20.06 -32.77 29.29
N SER F 6 18.86 -32.21 29.37
CA SER F 6 17.73 -32.75 30.18
C SER F 6 16.63 -33.25 29.26
N TYR F 7 16.28 -34.53 29.33
CA TYR F 7 15.26 -35.15 28.45
C TYR F 7 14.19 -35.83 29.30
N SER F 8 12.92 -35.63 28.93
CA SER F 8 11.77 -36.45 29.38
C SER F 8 12.04 -37.92 29.01
N THR F 9 11.67 -38.84 29.89
CA THR F 9 11.91 -40.30 29.72
C THR F 9 11.29 -40.76 28.40
N THR F 10 10.21 -40.09 27.97
CA THR F 10 9.45 -40.43 26.73
C THR F 10 10.43 -40.49 25.55
N TYR F 11 11.32 -39.50 25.44
CA TYR F 11 12.22 -39.31 24.28
C TYR F 11 13.58 -39.94 24.57
N SER F 12 13.61 -40.92 25.48
CA SER F 12 14.82 -41.69 25.85
C SER F 12 15.43 -42.34 24.59
N GLY F 13 14.59 -42.92 23.73
CA GLY F 13 15.00 -43.76 22.59
C GLY F 13 15.37 -42.93 21.37
N TRP F 14 15.15 -41.61 21.41
CA TRP F 14 15.24 -40.71 20.23
C TRP F 14 16.69 -40.26 20.02
N THR F 15 17.09 -40.07 18.76
CA THR F 15 18.18 -39.16 18.31
C THR F 15 17.93 -37.75 18.85
N VAL F 16 19.00 -36.98 19.07
CA VAL F 16 18.91 -35.51 19.35
C VAL F 16 18.35 -34.81 18.11
N ALA F 17 18.97 -35.06 16.95
CA ALA F 17 18.61 -34.46 15.65
C ALA F 17 17.14 -34.72 15.35
N ASP F 18 16.68 -35.95 15.62
CA ASP F 18 15.30 -36.39 15.27
C ASP F 18 14.30 -35.65 16.16
N TYR F 19 14.58 -35.56 17.48
CA TYR F 19 13.71 -34.79 18.41
C TYR F 19 13.60 -33.35 17.94
N LEU F 20 14.74 -32.71 17.63
CA LEU F 20 14.82 -31.28 17.24
C LEU F 20 14.00 -31.06 15.96
N ALA F 21 14.13 -31.95 14.97
CA ALA F 21 13.43 -31.86 13.67
C ALA F 21 11.92 -32.00 13.90
N ASP F 22 11.51 -32.97 14.73
CA ASP F 22 10.08 -33.22 15.06
C ASP F 22 9.52 -31.96 15.74
N TRP F 23 10.26 -31.42 16.70
CA TRP F 23 9.83 -30.23 17.50
C TRP F 23 9.69 -29.02 16.57
N SER F 24 10.62 -28.84 15.64
CA SER F 24 10.62 -27.72 14.65
C SER F 24 9.38 -27.83 13.77
N ALA F 25 9.03 -29.06 13.37
CA ALA F 25 7.86 -29.36 12.52
C ALA F 25 6.58 -28.96 13.24
N TYR F 26 6.45 -29.31 14.53
CA TYR F 26 5.29 -28.98 15.39
C TYR F 26 5.22 -27.47 15.57
N PHE F 27 6.35 -26.84 15.90
CA PHE F 27 6.44 -25.39 16.23
C PHE F 27 6.11 -24.57 14.99
N GLY F 28 6.71 -24.94 13.85
CA GLY F 28 6.54 -24.25 12.55
C GLY F 28 7.25 -22.90 12.54
N ASP F 29 6.76 -21.98 11.72
CA ASP F 29 7.35 -20.63 11.52
C ASP F 29 6.32 -19.60 11.98
N VAL F 30 6.69 -18.67 12.85
CA VAL F 30 5.76 -17.64 13.40
C VAL F 30 5.71 -16.44 12.46
N ASN F 31 6.38 -16.51 11.30
CA ASN F 31 6.34 -15.48 10.24
C ASN F 31 6.81 -14.14 10.85
N HIS F 32 7.90 -14.17 11.61
CA HIS F 32 8.58 -12.96 12.14
C HIS F 32 9.49 -12.40 11.05
N ARG F 33 8.92 -11.53 10.21
CA ARG F 33 9.53 -10.98 8.97
C ARG F 33 9.00 -9.56 8.78
N PRO F 34 9.72 -8.71 8.02
CA PRO F 34 9.30 -7.32 7.83
C PRO F 34 7.86 -7.25 7.31
N GLY F 35 7.02 -6.42 7.94
CA GLY F 35 5.62 -6.17 7.53
C GLY F 35 4.68 -7.28 7.96
N GLN F 36 5.18 -8.37 8.55
CA GLN F 36 4.37 -9.54 8.95
C GLN F 36 4.28 -9.61 10.49
N VAL F 37 4.81 -8.60 11.18
CA VAL F 37 4.68 -8.43 12.66
C VAL F 37 3.76 -7.25 12.93
N VAL F 38 2.47 -7.50 13.16
CA VAL F 38 1.40 -6.45 13.18
C VAL F 38 0.75 -6.42 14.57
N ASP F 39 1.28 -7.18 15.52
CA ASP F 39 0.55 -7.67 16.72
C ASP F 39 1.56 -8.37 17.63
N GLY F 40 1.14 -8.73 18.85
CA GLY F 40 1.98 -9.38 19.87
C GLY F 40 2.03 -10.89 19.67
N SER F 41 1.39 -11.41 18.64
CA SER F 41 1.22 -12.88 18.43
C SER F 41 2.56 -13.54 18.05
N ASN F 42 3.39 -12.88 17.23
CA ASN F 42 4.64 -13.50 16.70
C ASN F 42 5.87 -12.69 17.10
N THR F 43 5.80 -11.90 18.18
CA THR F 43 6.94 -11.07 18.66
C THR F 43 7.83 -11.91 19.59
N GLY F 44 7.22 -12.75 20.43
CA GLY F 44 7.89 -13.33 21.60
C GLY F 44 8.05 -12.27 22.69
N GLY F 45 8.73 -12.59 23.78
CA GLY F 45 8.77 -11.74 24.98
C GLY F 45 10.09 -11.87 25.71
N PHE F 46 10.48 -10.82 26.44
CA PHE F 46 11.73 -10.77 27.25
C PHE F 46 11.35 -10.73 28.73
N ASN F 47 12.20 -11.33 29.57
CA ASN F 47 12.10 -11.25 31.06
C ASN F 47 13.42 -10.71 31.62
N PRO F 48 13.44 -9.48 32.16
CA PRO F 48 12.20 -8.71 32.38
C PRO F 48 11.76 -7.91 31.15
N GLY F 49 12.63 -7.81 30.13
CA GLY F 49 12.44 -6.93 28.97
C GLY F 49 12.69 -5.47 29.33
N PRO F 50 12.30 -4.50 28.47
CA PRO F 50 11.60 -4.79 27.23
C PRO F 50 12.45 -5.38 26.09
N PHE F 51 13.72 -4.96 25.95
CA PHE F 51 14.58 -5.29 24.78
C PHE F 51 15.79 -6.13 25.20
N ASP F 52 15.98 -6.32 26.50
CA ASP F 52 17.06 -7.18 27.05
C ASP F 52 16.44 -8.02 28.18
N GLY F 53 16.99 -9.21 28.44
CA GLY F 53 16.55 -10.06 29.56
C GLY F 53 17.48 -11.24 29.80
N SER F 54 17.24 -11.95 30.91
CA SER F 54 17.83 -13.27 31.22
C SER F 54 17.09 -14.36 30.44
N GLN F 55 15.88 -14.08 29.97
CA GLN F 55 15.02 -15.05 29.22
C GLN F 55 14.44 -14.36 27.98
N TYR F 56 14.40 -15.08 26.85
CA TYR F 56 13.50 -14.78 25.71
C TYR F 56 12.63 -16.01 25.43
N ALA F 57 11.31 -15.85 25.44
CA ALA F 57 10.34 -16.96 25.28
C ALA F 57 9.46 -16.70 24.06
N LEU F 58 9.14 -17.74 23.30
CA LEU F 58 8.23 -17.65 22.14
C LEU F 58 7.32 -18.88 22.10
N LYS F 59 6.02 -18.66 21.89
CA LYS F 59 5.02 -19.73 21.65
C LYS F 59 4.69 -19.80 20.15
N SER F 60 4.50 -21.01 19.63
CA SER F 60 4.04 -21.27 18.24
C SER F 60 2.68 -20.61 18.01
N THR F 61 2.40 -20.22 16.77
CA THR F 61 1.07 -19.72 16.32
C THR F 61 0.38 -20.76 15.43
N ALA F 62 0.89 -22.00 15.42
CA ALA F 62 0.33 -23.14 14.66
C ALA F 62 -0.05 -24.27 15.61
N SER F 63 0.63 -24.37 16.75
CA SER F 63 0.38 -25.38 17.81
C SER F 63 0.74 -24.79 19.17
N ASP F 64 0.87 -25.64 20.20
CA ASP F 64 1.15 -25.20 21.59
C ASP F 64 2.60 -25.52 21.94
N ALA F 65 3.42 -25.86 20.94
CA ALA F 65 4.90 -25.95 21.10
C ALA F 65 5.46 -24.55 21.35
N ALA F 66 6.45 -24.45 22.24
CA ALA F 66 7.08 -23.18 22.63
C ALA F 66 8.54 -23.43 23.03
N PHE F 67 9.34 -22.37 23.13
CA PHE F 67 10.75 -22.45 23.59
C PHE F 67 11.09 -21.24 24.45
N ILE F 68 12.01 -21.45 25.40
CA ILE F 68 12.65 -20.41 26.23
C ILE F 68 14.16 -20.48 26.01
N ALA F 69 14.78 -19.35 25.68
CA ALA F 69 16.24 -19.19 25.60
C ALA F 69 16.73 -18.45 26.86
N GLY F 70 17.72 -19.01 27.54
CA GLY F 70 18.25 -18.50 28.82
C GLY F 70 19.65 -17.94 28.66
N GLY F 71 19.94 -16.84 29.35
CA GLY F 71 21.29 -16.24 29.41
C GLY F 71 21.23 -14.75 29.70
N ASP F 72 21.94 -13.96 28.90
CA ASP F 72 21.89 -12.48 28.92
C ASP F 72 21.68 -12.01 27.47
N LEU F 73 20.41 -11.85 27.07
CA LEU F 73 19.99 -11.67 25.66
C LEU F 73 19.63 -10.19 25.44
N HIS F 74 19.99 -9.66 24.26
CA HIS F 74 19.71 -8.26 23.86
C HIS F 74 19.14 -8.27 22.44
N TYR F 75 18.23 -7.34 22.17
CA TYR F 75 17.71 -7.05 20.81
C TYR F 75 17.91 -5.56 20.51
N THR F 76 18.59 -5.25 19.42
CA THR F 76 18.79 -3.86 18.95
C THR F 76 17.82 -3.61 17.78
N LEU F 77 16.90 -2.66 17.98
CA LEU F 77 15.91 -2.24 16.95
C LEU F 77 16.37 -0.92 16.33
N PHE F 78 16.68 0.10 17.13
CA PHE F 78 16.85 1.50 16.66
C PHE F 78 18.34 1.81 16.46
N SER F 79 19.20 0.79 16.47
CA SER F 79 20.67 0.94 16.51
C SER F 79 21.30 -0.10 15.57
N ASN F 80 22.49 0.20 15.04
CA ASN F 80 23.23 -0.65 14.07
C ASN F 80 23.89 -1.80 14.80
N PRO F 81 23.94 -3.00 14.20
CA PRO F 81 23.05 -3.36 13.10
C PRO F 81 21.61 -3.67 13.55
N SER F 82 20.63 -3.23 12.76
CA SER F 82 19.18 -3.26 13.09
C SER F 82 18.68 -4.71 13.12
N HIS F 83 17.67 -4.99 13.96
CA HIS F 83 16.99 -6.30 14.07
C HIS F 83 18.01 -7.40 14.33
N THR F 84 18.89 -7.21 15.31
CA THR F 84 19.91 -8.20 15.72
C THR F 84 19.65 -8.66 17.16
N LEU F 85 19.55 -9.98 17.35
CA LEU F 85 19.47 -10.63 18.69
C LEU F 85 20.83 -11.22 19.03
N TRP F 86 21.42 -10.80 20.14
CA TRP F 86 22.84 -11.07 20.50
C TRP F 86 22.98 -11.17 22.02
N GLY F 87 24.23 -11.32 22.50
CA GLY F 87 24.55 -11.48 23.93
C GLY F 87 24.92 -12.91 24.26
N LYS F 88 24.69 -13.33 25.50
CA LYS F 88 25.11 -14.66 26.01
C LYS F 88 23.89 -15.60 26.03
N LEU F 89 24.02 -16.75 25.39
CA LEU F 89 23.04 -17.86 25.44
C LEU F 89 23.68 -19.07 26.15
N ASP F 90 23.12 -19.45 27.31
CA ASP F 90 23.60 -20.58 28.14
C ASP F 90 22.73 -21.82 27.88
N SER F 91 21.41 -21.62 27.77
CA SER F 91 20.42 -22.72 27.79
C SER F 91 19.32 -22.47 26.76
N ILE F 92 18.74 -23.55 26.23
CA ILE F 92 17.48 -23.53 25.45
C ILE F 92 16.59 -24.64 26.01
N ALA F 93 15.35 -24.29 26.37
CA ALA F 93 14.29 -25.23 26.78
C ALA F 93 13.25 -25.33 25.67
N LEU F 94 12.89 -26.56 25.28
CA LEU F 94 11.82 -26.85 24.28
C LEU F 94 10.76 -27.74 24.94
N GLY F 95 9.50 -27.55 24.55
CA GLY F 95 8.34 -28.30 25.05
C GLY F 95 7.05 -27.62 24.64
N ASP F 96 6.02 -27.67 25.50
CA ASP F 96 4.66 -27.17 25.18
C ASP F 96 4.07 -26.44 26.39
N THR F 97 3.06 -25.61 26.14
CA THR F 97 2.24 -24.89 27.15
C THR F 97 3.13 -23.94 27.95
N LEU F 98 3.58 -22.86 27.30
CA LEU F 98 4.35 -21.76 27.93
C LEU F 98 3.44 -21.00 28.91
N THR F 99 3.97 -20.69 30.09
CA THR F 99 3.27 -19.94 31.17
C THR F 99 4.24 -18.91 31.76
N GLY F 100 3.71 -17.90 32.45
CA GLY F 100 4.48 -16.90 33.22
C GLY F 100 4.89 -15.73 32.36
N GLY F 101 5.86 -14.94 32.84
CA GLY F 101 6.37 -13.74 32.17
C GLY F 101 7.09 -12.81 33.14
N ALA F 102 7.28 -11.55 32.74
CA ALA F 102 7.74 -10.43 33.61
C ALA F 102 6.84 -10.35 34.85
N SER F 103 5.52 -10.46 34.64
CA SER F 103 4.48 -10.48 35.71
C SER F 103 4.82 -11.51 36.78
N SER F 104 5.13 -12.75 36.36
CA SER F 104 5.40 -13.92 37.24
C SER F 104 6.88 -13.95 37.64
N GLY F 105 7.68 -12.99 37.16
CA GLY F 105 9.15 -12.96 37.31
C GLY F 105 9.79 -14.26 36.83
N GLY F 106 9.38 -14.77 35.67
CA GLY F 106 10.01 -15.91 34.98
C GLY F 106 9.06 -16.55 33.98
N TYR F 107 9.58 -16.99 32.83
CA TYR F 107 8.87 -17.89 31.89
C TYR F 107 9.12 -19.34 32.31
N ALA F 108 8.12 -20.20 32.13
CA ALA F 108 8.19 -21.64 32.44
C ALA F 108 7.49 -22.42 31.33
N LEU F 109 7.87 -23.68 31.16
CA LEU F 109 7.17 -24.63 30.26
C LEU F 109 6.36 -25.62 31.11
N ASP F 110 5.04 -25.63 30.92
CA ASP F 110 4.10 -26.52 31.66
C ASP F 110 4.54 -27.98 31.48
N SER F 111 4.83 -28.38 30.24
CA SER F 111 5.46 -29.69 29.92
C SER F 111 6.75 -29.47 29.11
N GLN F 112 7.89 -29.52 29.78
CA GLN F 112 9.24 -29.31 29.18
C GLN F 112 9.85 -30.67 28.81
N GLU F 113 10.16 -30.87 27.52
CA GLU F 113 10.53 -32.19 26.96
C GLU F 113 12.07 -32.33 26.96
N VAL F 114 12.76 -31.34 26.39
CA VAL F 114 14.24 -31.39 26.21
C VAL F 114 14.82 -30.01 26.52
N SER F 115 15.97 -30.00 27.20
CA SER F 115 16.70 -28.78 27.64
C SER F 115 18.19 -29.01 27.42
N PHE F 116 18.85 -28.10 26.68
CA PHE F 116 20.32 -28.03 26.54
C PHE F 116 20.84 -26.87 27.38
N SER F 117 21.87 -27.12 28.18
CA SER F 117 22.42 -26.16 29.17
C SER F 117 23.94 -26.07 29.01
N ASN F 118 24.54 -24.98 29.49
CA ASN F 118 26.00 -24.73 29.38
C ASN F 118 26.40 -24.66 27.90
N LEU F 119 25.58 -24.00 27.06
CA LEU F 119 25.85 -23.81 25.61
C LEU F 119 27.13 -23.00 25.45
N GLY F 120 27.36 -22.04 26.36
CA GLY F 120 28.53 -21.16 26.37
C GLY F 120 28.67 -20.36 25.09
N LEU F 121 27.55 -20.08 24.41
CA LEU F 121 27.51 -19.19 23.22
C LEU F 121 27.47 -17.73 23.69
N ASP F 122 28.37 -16.91 23.14
CA ASP F 122 28.38 -15.44 23.36
C ASP F 122 28.62 -14.76 22.02
N SER F 123 27.58 -14.16 21.45
CA SER F 123 27.65 -13.42 20.16
C SER F 123 27.67 -11.93 20.43
N PRO F 124 28.71 -11.20 19.99
CA PRO F 124 28.75 -9.75 20.07
C PRO F 124 27.86 -9.10 19.00
N ILE F 125 27.53 -7.83 19.19
CA ILE F 125 26.62 -7.05 18.31
C ILE F 125 27.30 -6.85 16.94
N ALA F 126 28.63 -6.84 16.90
CA ALA F 126 29.44 -6.53 15.70
C ALA F 126 29.11 -7.53 14.59
N GLN F 127 28.89 -8.80 14.94
CA GLN F 127 28.60 -9.90 13.99
C GLN F 127 27.16 -9.80 13.48
N GLY F 128 26.34 -8.96 14.13
CA GLY F 128 24.92 -8.74 13.80
C GLY F 128 24.18 -10.05 13.57
N ARG F 129 23.50 -10.18 12.42
CA ARG F 129 22.58 -11.31 12.12
C ARG F 129 23.38 -12.61 11.92
N ASP F 130 24.68 -12.51 11.64
CA ASP F 130 25.52 -13.70 11.31
C ASP F 130 26.22 -14.19 12.59
N GLY F 131 25.91 -13.56 13.73
CA GLY F 131 26.20 -14.13 15.08
C GLY F 131 25.49 -15.45 15.31
N THR F 132 26.16 -16.40 15.96
CA THR F 132 25.65 -17.76 16.21
C THR F 132 24.36 -17.68 17.05
N VAL F 133 24.35 -16.83 18.08
CA VAL F 133 23.16 -16.67 18.98
C VAL F 133 21.96 -16.30 18.12
N HIS F 134 22.12 -15.34 17.22
CA HIS F 134 21.03 -14.86 16.31
C HIS F 134 20.58 -16.02 15.41
N LYS F 135 21.53 -16.70 14.75
CA LYS F 135 21.27 -17.84 13.85
C LYS F 135 20.41 -18.87 14.58
N VAL F 136 20.82 -19.24 15.80
CA VAL F 136 20.19 -20.33 16.59
C VAL F 136 18.76 -19.91 16.93
N VAL F 137 18.58 -18.71 17.48
CA VAL F 137 17.27 -18.28 18.06
C VAL F 137 16.29 -18.03 16.91
N TYR F 138 16.70 -17.34 15.85
CA TYR F 138 15.80 -17.06 14.71
C TYR F 138 15.49 -18.38 13.98
N GLY F 139 16.43 -19.32 13.98
CA GLY F 139 16.22 -20.67 13.44
C GLY F 139 15.02 -21.32 14.10
N LEU F 140 14.99 -21.31 15.43
CA LEU F 140 13.89 -21.88 16.26
C LEU F 140 12.61 -21.05 16.04
N MET F 141 12.70 -19.74 15.83
CA MET F 141 11.54 -18.85 15.61
C MET F 141 10.88 -19.17 14.26
N SER F 142 11.67 -19.56 13.25
CA SER F 142 11.26 -19.54 11.82
C SER F 142 11.18 -20.97 11.27
N GLY F 143 11.32 -21.98 12.14
CA GLY F 143 11.17 -23.40 11.76
C GLY F 143 12.47 -24.06 11.36
N ASP F 144 13.61 -23.38 11.45
CA ASP F 144 14.92 -24.01 11.10
C ASP F 144 15.74 -24.21 12.37
N SER F 145 16.08 -25.45 12.70
CA SER F 145 16.85 -25.83 13.91
C SER F 145 18.28 -26.24 13.51
N SER F 146 18.68 -26.00 12.27
CA SER F 146 20.02 -26.39 11.73
C SER F 146 21.13 -25.71 12.54
N ALA F 147 20.99 -24.42 12.83
CA ALA F 147 22.01 -23.63 13.56
C ALA F 147 22.23 -24.24 14.95
N LEU F 148 21.14 -24.58 15.64
CA LEU F 148 21.18 -25.17 17.01
C LEU F 148 21.79 -26.57 16.93
N GLN F 149 21.36 -27.38 15.94
CA GLN F 149 21.85 -28.77 15.73
C GLN F 149 23.37 -28.75 15.57
N GLY F 150 23.88 -27.94 14.63
CA GLY F 150 25.32 -27.79 14.34
C GLY F 150 26.09 -27.44 15.59
N GLN F 151 25.58 -26.50 16.39
CA GLN F 151 26.25 -25.99 17.62
C GLN F 151 26.29 -27.13 18.65
N ILE F 152 25.14 -27.76 18.92
CA ILE F 152 25.02 -28.84 19.93
C ILE F 152 25.99 -29.98 19.54
N ASP F 153 26.12 -30.24 18.24
CA ASP F 153 26.99 -31.32 17.71
C ASP F 153 28.45 -30.97 17.99
N ALA F 154 28.84 -29.73 17.69
CA ALA F 154 30.21 -29.22 17.96
C ALA F 154 30.53 -29.42 19.44
N LEU F 155 29.59 -29.06 20.32
CA LEU F 155 29.81 -29.09 21.79
C LEU F 155 29.85 -30.55 22.26
N LEU F 156 29.11 -31.44 21.58
CA LEU F 156 29.05 -32.88 21.91
C LEU F 156 30.37 -33.56 21.50
N LYS F 157 31.04 -33.04 20.47
CA LYS F 157 32.32 -33.59 19.95
C LYS F 157 33.50 -32.94 20.69
N ALA F 158 33.28 -31.81 21.34
CA ALA F 158 34.27 -31.12 22.21
C ALA F 158 34.67 -32.07 23.35
N VAL F 159 33.69 -32.76 23.95
CA VAL F 159 33.90 -33.69 25.08
C VAL F 159 34.42 -35.02 24.54
N ASP F 160 34.00 -35.40 23.32
CA ASP F 160 34.18 -36.77 22.78
C ASP F 160 33.92 -36.76 21.27
N PRO F 161 34.95 -37.09 20.44
CA PRO F 161 34.76 -37.21 19.00
C PRO F 161 33.73 -38.27 18.60
N SER F 162 33.57 -39.32 19.41
CA SER F 162 32.71 -40.49 19.10
C SER F 162 31.23 -40.10 19.17
N LEU F 163 30.84 -39.25 20.13
CA LEU F 163 29.43 -38.78 20.30
C LEU F 163 29.07 -37.83 19.16
N SER F 164 27.77 -37.65 18.90
CA SER F 164 27.25 -36.88 17.74
C SER F 164 25.81 -36.41 18.01
N ILE F 165 25.28 -35.59 17.10
CA ILE F 165 23.84 -35.19 17.06
C ILE F 165 22.97 -36.43 16.84
N ASN F 166 23.54 -37.48 16.25
CA ASN F 166 22.81 -38.71 15.84
C ASN F 166 22.88 -39.77 16.95
N SER F 167 23.48 -39.43 18.10
CA SER F 167 23.55 -40.31 19.29
C SER F 167 22.20 -40.27 20.04
N THR F 168 21.81 -41.39 20.65
CA THR F 168 20.54 -41.55 21.41
C THR F 168 20.66 -40.86 22.77
N PHE F 169 19.55 -40.30 23.25
CA PHE F 169 19.46 -39.54 24.52
C PHE F 169 20.08 -40.36 25.67
N ASP F 170 19.87 -41.68 25.65
CA ASP F 170 20.31 -42.59 26.74
C ASP F 170 21.78 -42.97 26.54
N GLN F 171 22.28 -42.92 25.30
CA GLN F 171 23.74 -43.02 25.01
C GLN F 171 24.43 -41.74 25.50
N LEU F 172 23.79 -40.59 25.32
CA LEU F 172 24.31 -39.28 25.80
C LEU F 172 24.37 -39.31 27.33
N ALA F 173 23.32 -39.83 27.98
CA ALA F 173 23.24 -39.95 29.45
C ALA F 173 24.25 -40.98 29.95
N ALA F 174 24.41 -42.09 29.23
CA ALA F 174 25.36 -43.18 29.57
C ALA F 174 26.79 -42.64 29.54
N ALA F 175 27.09 -41.70 28.64
CA ALA F 175 28.39 -41.02 28.51
C ALA F 175 28.53 -39.95 29.60
N GLY F 176 27.51 -39.83 30.46
CA GLY F 176 27.51 -38.95 31.66
C GLY F 176 27.34 -37.48 31.30
N VAL F 177 26.65 -37.19 30.20
CA VAL F 177 26.58 -35.84 29.59
C VAL F 177 25.11 -35.38 29.50
N ALA F 178 24.15 -36.29 29.72
CA ALA F 178 22.70 -36.00 29.72
C ALA F 178 22.03 -36.63 30.95
N HIS F 179 20.92 -36.05 31.41
CA HIS F 179 20.13 -36.45 32.59
C HIS F 179 18.67 -36.67 32.18
N ALA F 180 18.00 -37.68 32.74
CA ALA F 180 16.59 -38.02 32.47
C ALA F 180 15.68 -37.30 33.48
N THR F 181 14.38 -37.22 33.20
CA THR F 181 13.36 -36.56 34.07
C THR F 181 12.11 -37.42 34.13
N PRO F 182 11.30 -37.29 35.21
CA PRO F 182 10.07 -38.07 35.37
C PRO F 182 9.21 -38.12 34.10
N SER G 2 -24.85 17.26 -31.46
CA SER G 2 -24.93 18.00 -30.17
C SER G 2 -24.90 17.02 -29.00
N ILE G 3 -24.23 17.40 -27.91
CA ILE G 3 -24.25 16.62 -26.64
C ILE G 3 -25.70 16.33 -26.28
N SER G 4 -25.99 15.08 -25.94
CA SER G 4 -27.29 14.63 -25.36
C SER G 4 -27.07 14.17 -23.91
N ILE G 5 -27.96 14.56 -23.00
CA ILE G 5 -27.81 14.33 -21.54
C ILE G 5 -29.08 13.66 -21.02
N SER G 6 -28.92 12.50 -20.38
CA SER G 6 -29.95 11.79 -19.57
C SER G 6 -29.70 12.04 -18.08
N TYR G 7 -30.75 12.28 -17.31
CA TYR G 7 -30.65 12.47 -15.83
C TYR G 7 -31.89 11.94 -15.11
N SER G 8 -31.67 11.27 -13.99
CA SER G 8 -32.71 10.97 -12.96
C SER G 8 -33.27 12.29 -12.40
N THR G 9 -34.57 12.31 -12.09
CA THR G 9 -35.29 13.53 -11.61
C THR G 9 -34.81 13.89 -10.19
N THR G 10 -34.15 12.96 -9.50
CA THR G 10 -33.39 13.27 -8.25
C THR G 10 -32.58 14.54 -8.46
N TYR G 11 -31.99 14.73 -9.64
CA TYR G 11 -30.91 15.73 -9.88
C TYR G 11 -31.44 16.92 -10.67
N SER G 12 -32.76 17.11 -10.70
CA SER G 12 -33.44 18.20 -11.45
C SER G 12 -32.84 19.56 -11.07
N GLY G 13 -32.66 19.81 -9.77
CA GLY G 13 -32.21 21.12 -9.23
C GLY G 13 -30.69 21.22 -9.16
N TRP G 14 -29.98 20.11 -9.40
CA TRP G 14 -28.49 20.04 -9.37
C TRP G 14 -27.91 20.69 -10.63
N THR G 15 -26.76 21.37 -10.49
CA THR G 15 -25.85 21.72 -11.61
C THR G 15 -25.03 20.48 -11.99
N VAL G 16 -24.54 20.44 -13.22
CA VAL G 16 -23.69 19.31 -13.73
C VAL G 16 -22.41 19.25 -12.89
N ALA G 17 -21.79 20.38 -12.60
CA ALA G 17 -20.55 20.46 -11.79
C ALA G 17 -20.82 19.82 -10.42
N ASP G 18 -21.91 20.20 -9.75
CA ASP G 18 -22.27 19.68 -8.42
C ASP G 18 -22.40 18.15 -8.50
N TYR G 19 -23.06 17.64 -9.55
CA TYR G 19 -23.32 16.19 -9.68
C TYR G 19 -21.99 15.45 -9.82
N LEU G 20 -21.11 15.94 -10.71
CA LEU G 20 -19.86 15.23 -11.08
C LEU G 20 -18.92 15.22 -9.88
N ALA G 21 -18.83 16.33 -9.15
CA ALA G 21 -18.12 16.41 -7.85
C ALA G 21 -18.64 15.30 -6.92
N ASP G 22 -19.96 15.23 -6.78
CA ASP G 22 -20.66 14.30 -5.85
C ASP G 22 -20.33 12.85 -6.23
N TRP G 23 -20.36 12.54 -7.53
CA TRP G 23 -20.18 11.15 -8.03
C TRP G 23 -18.72 10.74 -7.89
N SER G 24 -17.78 11.62 -8.27
CA SER G 24 -16.32 11.39 -8.10
C SER G 24 -16.01 11.13 -6.61
N ALA G 25 -16.67 11.84 -5.70
CA ALA G 25 -16.45 11.65 -4.24
C ALA G 25 -16.86 10.23 -3.84
N TYR G 26 -17.98 9.74 -4.36
CA TYR G 26 -18.57 8.43 -3.98
C TYR G 26 -17.72 7.30 -4.58
N PHE G 27 -17.27 7.46 -5.82
CA PHE G 27 -16.39 6.48 -6.52
C PHE G 27 -15.00 6.48 -5.86
N GLY G 28 -14.45 7.68 -5.63
CA GLY G 28 -13.11 7.88 -5.05
C GLY G 28 -12.00 7.50 -6.02
N ASP G 29 -10.81 7.22 -5.48
CA ASP G 29 -9.59 6.85 -6.25
C ASP G 29 -9.30 5.36 -6.05
N VAL G 30 -9.17 4.59 -7.13
CA VAL G 30 -8.95 3.11 -7.07
C VAL G 30 -7.47 2.81 -6.80
N ASN G 31 -6.62 3.84 -6.79
CA ASN G 31 -5.16 3.67 -6.58
C ASN G 31 -4.62 2.63 -7.57
N HIS G 32 -4.74 2.93 -8.87
CA HIS G 32 -4.36 2.03 -9.98
C HIS G 32 -2.85 2.16 -10.20
N ARG G 33 -2.07 1.18 -9.72
CA ARG G 33 -0.59 1.20 -9.75
C ARG G 33 -0.07 -0.21 -10.03
N PRO G 34 1.11 -0.34 -10.69
CA PRO G 34 1.75 -1.63 -10.87
C PRO G 34 1.79 -2.45 -9.57
N GLY G 35 1.37 -3.72 -9.65
CA GLY G 35 1.45 -4.70 -8.55
C GLY G 35 0.30 -4.55 -7.58
N GLN G 36 -0.58 -3.57 -7.83
CA GLN G 36 -1.71 -3.20 -6.94
C GLN G 36 -2.98 -3.09 -7.79
N VAL G 37 -3.13 -3.96 -8.79
CA VAL G 37 -4.34 -3.99 -9.67
C VAL G 37 -5.22 -5.19 -9.27
N VAL G 38 -4.80 -5.93 -8.25
CA VAL G 38 -5.55 -7.12 -7.73
C VAL G 38 -6.90 -6.65 -7.19
N ASP G 39 -7.98 -7.35 -7.54
CA ASP G 39 -9.36 -7.03 -7.11
C ASP G 39 -10.23 -8.29 -7.20
N GLY G 40 -11.41 -8.26 -6.57
CA GLY G 40 -12.37 -9.39 -6.60
C GLY G 40 -13.42 -9.17 -7.68
N SER G 41 -13.48 -10.09 -8.66
CA SER G 41 -14.40 -10.17 -9.83
C SER G 41 -14.00 -9.21 -10.95
N ASN G 42 -12.86 -8.51 -10.76
CA ASN G 42 -12.14 -7.60 -11.71
C ASN G 42 -12.79 -6.20 -11.73
N THR G 43 -13.88 -5.99 -10.99
CA THR G 43 -14.59 -4.69 -10.84
C THR G 43 -14.82 -4.07 -12.23
N GLY G 44 -15.24 -4.86 -13.21
CA GLY G 44 -15.57 -4.36 -14.57
C GLY G 44 -14.53 -4.75 -15.62
N GLY G 45 -14.48 -4.04 -16.74
CA GLY G 45 -13.54 -4.41 -17.82
C GLY G 45 -13.98 -3.92 -19.17
N PHE G 46 -13.33 -4.42 -20.22
CA PHE G 46 -13.68 -4.12 -21.64
C PHE G 46 -14.72 -5.13 -22.13
N ASN G 47 -15.69 -4.67 -22.90
CA ASN G 47 -16.62 -5.52 -23.68
C ASN G 47 -16.52 -5.15 -25.16
N PRO G 48 -16.17 -6.08 -26.09
CA PRO G 48 -15.98 -7.50 -25.78
C PRO G 48 -14.69 -7.93 -25.05
N GLY G 49 -13.65 -7.09 -25.06
CA GLY G 49 -12.40 -7.33 -24.32
C GLY G 49 -11.47 -8.30 -25.07
N PRO G 50 -10.33 -8.71 -24.47
CA PRO G 50 -9.95 -8.30 -23.12
C PRO G 50 -9.53 -6.82 -22.97
N PHE G 51 -8.87 -6.24 -23.98
CA PHE G 51 -8.19 -4.92 -23.88
C PHE G 51 -8.76 -3.94 -24.90
N ASP G 52 -9.86 -4.32 -25.57
CA ASP G 52 -10.57 -3.47 -26.55
C ASP G 52 -12.07 -3.72 -26.41
N GLY G 53 -12.89 -2.68 -26.62
CA GLY G 53 -14.35 -2.84 -26.63
C GLY G 53 -15.09 -1.58 -27.05
N SER G 54 -16.39 -1.71 -27.30
CA SER G 54 -17.36 -0.60 -27.41
C SER G 54 -17.79 -0.15 -26.01
N GLN G 55 -17.56 -0.99 -25.00
CA GLN G 55 -17.75 -0.58 -23.58
C GLN G 55 -16.45 -0.80 -22.81
N TYR G 56 -16.10 0.17 -21.97
CA TYR G 56 -15.18 -0.01 -20.82
C TYR G 56 -15.88 0.41 -19.53
N ALA G 57 -16.11 -0.54 -18.62
CA ALA G 57 -16.91 -0.34 -17.40
C ALA G 57 -16.05 -0.63 -16.17
N LEU G 58 -16.15 0.22 -15.15
CA LEU G 58 -15.42 0.00 -13.87
C LEU G 58 -16.34 0.24 -12.68
N LYS G 59 -16.22 -0.67 -11.72
CA LYS G 59 -16.89 -0.60 -10.40
C LYS G 59 -15.85 -0.09 -9.39
N SER G 60 -16.25 0.85 -8.52
CA SER G 60 -15.39 1.43 -7.46
C SER G 60 -14.93 0.31 -6.52
N THR G 61 -13.71 0.40 -5.98
CA THR G 61 -13.21 -0.48 -4.90
C THR G 61 -13.84 -0.08 -3.55
N ALA G 62 -14.28 1.17 -3.40
CA ALA G 62 -14.72 1.74 -2.10
C ALA G 62 -16.22 1.53 -1.93
N SER G 63 -16.98 1.57 -3.03
CA SER G 63 -18.45 1.74 -3.00
C SER G 63 -19.07 1.02 -4.20
N ASP G 64 -20.39 1.19 -4.39
CA ASP G 64 -21.17 0.58 -5.50
C ASP G 64 -21.13 1.51 -6.71
N ALA G 65 -20.47 2.67 -6.60
CA ALA G 65 -20.33 3.64 -7.71
C ALA G 65 -19.68 2.94 -8.90
N ALA G 66 -20.11 3.28 -10.10
CA ALA G 66 -19.67 2.62 -11.34
C ALA G 66 -19.83 3.58 -12.52
N PHE G 67 -18.98 3.44 -13.52
CA PHE G 67 -19.10 4.21 -14.78
C PHE G 67 -19.01 3.22 -15.94
N ILE G 68 -19.68 3.58 -17.04
CA ILE G 68 -19.51 2.87 -18.34
C ILE G 68 -19.14 3.91 -19.39
N ALA G 69 -17.98 3.73 -20.02
CA ALA G 69 -17.48 4.56 -21.14
C ALA G 69 -17.77 3.84 -22.45
N GLY G 70 -18.39 4.54 -23.41
CA GLY G 70 -18.84 3.96 -24.69
C GLY G 70 -18.01 4.49 -25.85
N GLY G 71 -17.73 3.64 -26.84
CA GLY G 71 -17.32 4.07 -28.18
C GLY G 71 -16.51 2.99 -28.88
N ASP G 72 -15.22 3.24 -29.08
CA ASP G 72 -14.23 2.27 -29.62
C ASP G 72 -12.91 2.47 -28.88
N LEU G 73 -12.71 1.75 -27.77
CA LEU G 73 -11.67 2.06 -26.77
C LEU G 73 -10.64 0.92 -26.71
N HIS G 74 -9.39 1.27 -26.39
CA HIS G 74 -8.24 0.34 -26.34
C HIS G 74 -7.29 0.72 -25.21
N TYR G 75 -6.63 -0.29 -24.67
CA TYR G 75 -5.59 -0.16 -23.62
C TYR G 75 -4.32 -0.87 -24.10
N THR G 76 -3.21 -0.15 -24.05
CA THR G 76 -1.90 -0.61 -24.58
C THR G 76 -1.26 -1.58 -23.58
N LEU G 77 -1.60 -1.46 -22.30
CA LEU G 77 -0.89 -2.19 -21.21
C LEU G 77 0.62 -1.92 -21.32
N PHE G 78 1.42 -2.91 -21.72
CA PHE G 78 2.91 -2.83 -21.74
C PHE G 78 3.44 -2.48 -23.14
N SER G 79 2.59 -2.48 -24.16
CA SER G 79 2.93 -2.03 -25.53
C SER G 79 3.10 -0.51 -25.55
N ASN G 80 4.03 0.00 -26.36
CA ASN G 80 4.38 1.46 -26.40
C ASN G 80 3.30 2.19 -27.19
N PRO G 81 2.69 3.28 -26.67
CA PRO G 81 3.02 3.84 -25.35
C PRO G 81 2.36 3.07 -24.19
N SER G 82 3.16 2.69 -23.18
CA SER G 82 2.72 1.89 -22.01
C SER G 82 1.50 2.55 -21.36
N HIS G 83 0.51 1.73 -20.98
CA HIS G 83 -0.62 2.13 -20.12
C HIS G 83 -1.24 3.42 -20.69
N THR G 84 -1.79 3.33 -21.90
CA THR G 84 -2.58 4.40 -22.56
C THR G 84 -4.00 3.89 -22.83
N LEU G 85 -5.01 4.71 -22.51
CA LEU G 85 -6.41 4.52 -22.98
C LEU G 85 -6.68 5.49 -24.13
N TRP G 86 -7.01 4.95 -25.30
CA TRP G 86 -7.15 5.73 -26.54
C TRP G 86 -8.33 5.20 -27.34
N GLY G 87 -8.67 5.93 -28.41
CA GLY G 87 -9.72 5.58 -29.37
C GLY G 87 -10.84 6.59 -29.33
N LYS G 88 -12.06 6.13 -29.61
CA LYS G 88 -13.24 7.01 -29.81
C LYS G 88 -14.10 6.93 -28.54
N LEU G 89 -14.24 8.04 -27.82
CA LEU G 89 -15.14 8.18 -26.64
C LEU G 89 -16.38 8.96 -27.06
N ASP G 90 -17.52 8.29 -27.11
CA ASP G 90 -18.82 8.84 -27.61
C ASP G 90 -19.74 9.13 -26.41
N SER G 91 -19.76 8.24 -25.43
CA SER G 91 -20.76 8.27 -24.33
C SER G 91 -20.10 7.90 -22.98
N ILE G 92 -20.62 8.48 -21.90
CA ILE G 92 -20.24 8.12 -20.50
C ILE G 92 -21.52 8.07 -19.66
N ALA G 93 -21.74 6.95 -18.96
CA ALA G 93 -22.85 6.76 -18.00
C ALA G 93 -22.28 6.69 -16.58
N LEU G 94 -22.83 7.48 -15.67
CA LEU G 94 -22.45 7.47 -14.23
C LEU G 94 -23.66 7.07 -13.38
N GLY G 95 -23.44 6.24 -12.37
CA GLY G 95 -24.49 5.66 -11.51
C GLY G 95 -23.89 4.71 -10.48
N ASP G 96 -24.69 3.74 -10.03
CA ASP G 96 -24.27 2.66 -9.11
C ASP G 96 -24.60 1.31 -9.73
N THR G 97 -23.90 0.26 -9.26
CA THR G 97 -24.29 -1.16 -9.39
C THR G 97 -24.11 -1.58 -10.85
N LEU G 98 -22.86 -1.71 -11.28
CA LEU G 98 -22.48 -2.37 -12.55
C LEU G 98 -23.04 -3.79 -12.56
N THR G 99 -23.69 -4.17 -13.67
CA THR G 99 -24.16 -5.56 -13.93
C THR G 99 -23.69 -5.99 -15.32
N GLY G 100 -23.72 -7.31 -15.56
CA GLY G 100 -23.52 -7.91 -16.89
C GLY G 100 -22.05 -8.01 -17.22
N GLY G 101 -21.70 -7.80 -18.49
CA GLY G 101 -20.39 -8.11 -19.10
C GLY G 101 -20.58 -8.65 -20.51
N ALA G 102 -19.48 -9.07 -21.16
CA ALA G 102 -19.52 -9.72 -22.49
C ALA G 102 -20.46 -10.94 -22.43
N SER G 103 -20.41 -11.68 -21.31
CA SER G 103 -21.27 -12.86 -21.03
C SER G 103 -22.75 -12.50 -21.09
N SER G 104 -23.15 -11.30 -20.64
CA SER G 104 -24.57 -10.86 -20.54
C SER G 104 -25.00 -10.14 -21.83
N GLY G 105 -24.09 -9.98 -22.78
CA GLY G 105 -24.34 -9.21 -24.02
C GLY G 105 -24.07 -7.73 -23.83
N GLY G 106 -23.45 -7.34 -22.72
CA GLY G 106 -22.97 -5.97 -22.46
C GLY G 106 -22.96 -5.63 -20.98
N TYR G 107 -22.44 -4.45 -20.64
CA TYR G 107 -22.46 -3.88 -19.27
C TYR G 107 -23.65 -2.92 -19.18
N ALA G 108 -24.27 -2.86 -18.00
CA ALA G 108 -25.34 -1.88 -17.68
C ALA G 108 -25.25 -1.46 -16.21
N LEU G 109 -25.52 -0.17 -15.96
CA LEU G 109 -25.78 0.39 -14.60
C LEU G 109 -27.19 -0.01 -14.15
N ASP G 110 -27.29 -0.81 -13.08
CA ASP G 110 -28.59 -1.17 -12.47
C ASP G 110 -29.28 0.08 -11.94
N SER G 111 -28.50 1.03 -11.41
CA SER G 111 -29.02 2.28 -10.80
C SER G 111 -28.42 3.49 -11.52
N GLN G 112 -28.94 3.82 -12.70
CA GLN G 112 -28.38 4.89 -13.57
C GLN G 112 -28.69 6.23 -12.91
N GLU G 113 -27.86 7.24 -13.15
CA GLU G 113 -28.03 8.60 -12.56
C GLU G 113 -27.95 9.65 -13.67
N VAL G 114 -26.80 9.73 -14.33
CA VAL G 114 -26.54 10.74 -15.40
C VAL G 114 -25.73 10.08 -16.51
N SER G 115 -26.12 10.33 -17.76
CA SER G 115 -25.36 9.86 -18.95
C SER G 115 -25.14 11.04 -19.90
N PHE G 116 -23.96 11.06 -20.51
CA PHE G 116 -23.56 12.06 -21.53
C PHE G 116 -23.25 11.33 -22.84
N SER G 117 -23.89 11.77 -23.91
CA SER G 117 -23.80 11.13 -25.25
C SER G 117 -23.32 12.17 -26.28
N ASN G 118 -22.77 11.69 -27.39
CA ASN G 118 -22.30 12.53 -28.53
C ASN G 118 -21.12 13.37 -28.06
N LEU G 119 -20.24 12.79 -27.24
CA LEU G 119 -19.05 13.48 -26.67
C LEU G 119 -18.11 13.86 -27.82
N GLY G 120 -18.05 13.04 -28.88
CA GLY G 120 -17.26 13.33 -30.10
C GLY G 120 -15.78 13.45 -29.80
N LEU G 121 -15.27 12.66 -28.85
CA LEU G 121 -13.83 12.65 -28.48
C LEU G 121 -13.12 11.51 -29.23
N ASP G 122 -11.99 11.83 -29.87
CA ASP G 122 -11.14 10.85 -30.61
C ASP G 122 -9.67 11.14 -30.31
N SER G 123 -8.98 10.20 -29.67
CA SER G 123 -7.55 10.32 -29.31
C SER G 123 -6.76 9.20 -29.97
N PRO G 124 -5.85 9.55 -30.92
CA PRO G 124 -5.02 8.54 -31.59
C PRO G 124 -3.99 7.95 -30.61
N ILE G 125 -3.51 6.73 -30.88
CA ILE G 125 -2.57 5.99 -29.98
C ILE G 125 -1.29 6.82 -29.82
N ALA G 126 -0.91 7.57 -30.86
CA ALA G 126 0.39 8.29 -30.91
C ALA G 126 0.38 9.45 -29.90
N GLN G 127 -0.79 9.89 -29.45
CA GLN G 127 -0.89 10.99 -28.45
C GLN G 127 -0.50 10.46 -27.06
N GLY G 128 -0.30 9.14 -26.94
CA GLY G 128 -0.10 8.43 -25.68
C GLY G 128 -1.01 8.95 -24.58
N ARG G 129 -0.49 9.14 -23.38
CA ARG G 129 -1.27 9.50 -22.17
C ARG G 129 -1.67 10.98 -22.22
N ASP G 130 -1.21 11.73 -23.24
CA ASP G 130 -1.59 13.14 -23.44
C ASP G 130 -2.95 13.22 -24.15
N GLY G 131 -3.43 12.11 -24.70
CA GLY G 131 -4.77 12.01 -25.33
C GLY G 131 -5.89 12.37 -24.36
N THR G 132 -6.81 13.23 -24.79
CA THR G 132 -7.95 13.71 -23.97
C THR G 132 -8.74 12.50 -23.45
N VAL G 133 -8.97 11.51 -24.30
CA VAL G 133 -9.74 10.29 -23.93
C VAL G 133 -9.10 9.65 -22.70
N HIS G 134 -7.78 9.44 -22.69
CA HIS G 134 -7.01 8.90 -21.54
C HIS G 134 -7.24 9.75 -20.28
N LYS G 135 -7.11 11.08 -20.40
CA LYS G 135 -7.24 12.01 -19.25
C LYS G 135 -8.64 11.88 -18.65
N VAL G 136 -9.67 11.80 -19.51
CA VAL G 136 -11.09 11.76 -19.07
C VAL G 136 -11.35 10.42 -18.37
N VAL G 137 -11.00 9.29 -18.99
CA VAL G 137 -11.33 7.94 -18.44
C VAL G 137 -10.50 7.69 -17.19
N TYR G 138 -9.22 8.07 -17.19
CA TYR G 138 -8.36 7.90 -15.99
C TYR G 138 -8.88 8.75 -14.83
N GLY G 139 -9.36 9.96 -15.13
CA GLY G 139 -10.03 10.85 -14.16
C GLY G 139 -11.20 10.17 -13.47
N LEU G 140 -12.05 9.47 -14.23
CA LEU G 140 -13.18 8.69 -13.67
C LEU G 140 -12.66 7.60 -12.73
N MET G 141 -11.54 6.95 -13.08
CA MET G 141 -10.93 5.86 -12.28
C MET G 141 -10.29 6.44 -11.00
N SER G 142 -9.80 7.69 -11.05
CA SER G 142 -8.83 8.21 -10.04
C SER G 142 -9.49 9.25 -9.13
N GLY G 143 -10.75 9.62 -9.40
CA GLY G 143 -11.56 10.46 -8.51
C GLY G 143 -11.45 11.93 -8.85
N ASP G 144 -10.93 12.26 -10.04
CA ASP G 144 -10.93 13.64 -10.59
C ASP G 144 -11.64 13.65 -11.96
N SER G 145 -12.87 14.16 -12.00
CA SER G 145 -13.74 14.19 -13.22
C SER G 145 -13.61 15.53 -13.95
N SER G 146 -12.55 16.30 -13.65
CA SER G 146 -12.32 17.66 -14.22
C SER G 146 -12.28 17.61 -15.75
N ALA G 147 -11.56 16.64 -16.34
CA ALA G 147 -11.35 16.58 -17.80
C ALA G 147 -12.71 16.41 -18.48
N LEU G 148 -13.52 15.48 -17.97
CA LEU G 148 -14.92 15.26 -18.41
C LEU G 148 -15.72 16.56 -18.25
N GLN G 149 -15.52 17.28 -17.15
CA GLN G 149 -16.25 18.53 -16.82
C GLN G 149 -15.92 19.59 -17.88
N GLY G 150 -14.64 19.72 -18.23
CA GLY G 150 -14.17 20.64 -19.28
C GLY G 150 -14.80 20.31 -20.62
N GLN G 151 -14.79 19.04 -21.00
CA GLN G 151 -15.28 18.58 -22.32
C GLN G 151 -16.77 18.86 -22.42
N ILE G 152 -17.53 18.54 -21.36
CA ILE G 152 -19.01 18.76 -21.30
C ILE G 152 -19.29 20.26 -21.38
N ASP G 153 -18.54 21.08 -20.63
CA ASP G 153 -18.73 22.56 -20.61
C ASP G 153 -18.54 23.12 -22.03
N ALA G 154 -17.49 22.69 -22.74
CA ALA G 154 -17.16 23.16 -24.11
C ALA G 154 -18.30 22.79 -25.06
N LEU G 155 -18.80 21.56 -25.01
CA LEU G 155 -19.90 21.06 -25.87
C LEU G 155 -21.19 21.84 -25.57
N LEU G 156 -21.52 22.03 -24.29
CA LEU G 156 -22.72 22.79 -23.87
C LEU G 156 -22.68 24.20 -24.48
N LYS G 157 -21.54 24.88 -24.37
CA LYS G 157 -21.36 26.26 -24.90
C LYS G 157 -21.44 26.24 -26.43
N ALA G 158 -21.02 25.14 -27.06
CA ALA G 158 -21.16 24.93 -28.53
C ALA G 158 -22.64 24.95 -28.91
N VAL G 159 -23.52 24.51 -28.01
CA VAL G 159 -24.99 24.47 -28.23
C VAL G 159 -25.58 25.86 -27.94
N ASP G 160 -25.14 26.54 -26.88
CA ASP G 160 -25.53 27.94 -26.56
C ASP G 160 -24.54 28.53 -25.55
N PRO G 161 -24.02 29.77 -25.77
CA PRO G 161 -23.12 30.40 -24.82
C PRO G 161 -23.73 30.62 -23.42
N SER G 162 -25.06 30.69 -23.33
CA SER G 162 -25.80 30.85 -22.04
C SER G 162 -25.74 29.55 -21.23
N LEU G 163 -25.57 28.40 -21.89
CA LEU G 163 -25.52 27.07 -21.22
C LEU G 163 -24.10 26.84 -20.71
N SER G 164 -23.96 26.01 -19.67
CA SER G 164 -22.75 25.94 -18.83
C SER G 164 -22.78 24.68 -17.96
N ILE G 165 -21.66 24.38 -17.31
CA ILE G 165 -21.52 23.28 -16.32
C ILE G 165 -22.20 23.71 -15.00
N ASN G 166 -22.59 24.98 -14.88
CA ASN G 166 -23.33 25.49 -13.70
C ASN G 166 -24.81 25.65 -14.03
N SER G 167 -25.23 25.27 -15.24
CA SER G 167 -26.65 25.03 -15.58
C SER G 167 -27.17 23.84 -14.74
N THR G 168 -28.39 23.94 -14.23
CA THR G 168 -29.14 22.79 -13.66
C THR G 168 -29.57 21.87 -14.80
N PHE G 169 -29.73 20.59 -14.51
CA PHE G 169 -30.23 19.56 -15.46
C PHE G 169 -31.58 20.01 -16.02
N ASP G 170 -32.40 20.68 -15.22
CA ASP G 170 -33.75 21.16 -15.63
C ASP G 170 -33.59 22.24 -16.70
N GLN G 171 -32.64 23.15 -16.52
CA GLN G 171 -32.35 24.24 -17.50
C GLN G 171 -31.85 23.64 -18.82
N LEU G 172 -31.06 22.57 -18.76
CA LEU G 172 -30.53 21.84 -19.94
C LEU G 172 -31.67 21.11 -20.66
N ALA G 173 -32.66 20.59 -19.93
CA ALA G 173 -33.90 19.99 -20.48
C ALA G 173 -34.73 21.07 -21.17
N ALA G 174 -34.93 22.21 -20.51
CA ALA G 174 -35.66 23.38 -21.05
C ALA G 174 -34.98 23.89 -22.33
N ALA G 175 -33.67 23.69 -22.44
CA ALA G 175 -32.86 24.12 -23.62
C ALA G 175 -32.88 23.03 -24.70
N GLY G 176 -33.44 21.86 -24.39
CA GLY G 176 -33.60 20.74 -25.35
C GLY G 176 -32.44 19.77 -25.29
N VAL G 177 -31.43 20.03 -24.45
CA VAL G 177 -30.15 19.26 -24.45
C VAL G 177 -30.32 17.98 -23.61
N ALA G 178 -31.18 18.02 -22.58
CA ALA G 178 -31.28 16.95 -21.56
C ALA G 178 -32.72 16.42 -21.45
N HIS G 179 -32.86 15.20 -20.93
CA HIS G 179 -34.14 14.46 -20.77
C HIS G 179 -34.14 13.79 -19.39
N ALA G 180 -35.27 13.85 -18.67
CA ALA G 180 -35.43 13.23 -17.34
C ALA G 180 -35.60 11.72 -17.48
N THR G 181 -35.33 11.02 -16.37
CA THR G 181 -35.47 9.55 -16.20
C THR G 181 -36.16 9.31 -14.86
N PRO G 182 -36.94 8.22 -14.70
CA PRO G 182 -37.58 7.92 -13.42
C PRO G 182 -36.71 8.20 -12.19
N SER H 2 5.24 -41.27 -30.44
CA SER H 2 6.28 -41.57 -29.40
C SER H 2 7.17 -40.34 -29.19
N ILE H 3 7.68 -40.17 -27.97
CA ILE H 3 8.54 -39.02 -27.56
C ILE H 3 9.70 -38.90 -28.56
N SER H 4 9.92 -37.70 -29.09
CA SER H 4 11.06 -37.37 -29.99
C SER H 4 11.94 -36.31 -29.31
N ILE H 5 13.20 -36.64 -29.06
CA ILE H 5 14.17 -35.75 -28.34
C ILE H 5 15.21 -35.25 -29.35
N SER H 6 15.41 -33.93 -29.39
CA SER H 6 16.46 -33.25 -30.18
C SER H 6 17.45 -32.59 -29.22
N TYR H 7 18.76 -32.70 -29.50
CA TYR H 7 19.83 -32.27 -28.57
C TYR H 7 21.05 -31.82 -29.36
N SER H 8 21.66 -30.71 -28.94
CA SER H 8 23.00 -30.25 -29.37
C SER H 8 24.05 -31.28 -28.98
N THR H 9 25.11 -31.40 -29.79
CA THR H 9 26.11 -32.49 -29.72
C THR H 9 26.90 -32.38 -28.41
N THR H 10 26.99 -31.18 -27.83
CA THR H 10 27.73 -30.92 -26.57
C THR H 10 27.13 -31.77 -25.44
N TYR H 11 25.82 -32.02 -25.49
CA TYR H 11 25.08 -32.73 -24.42
C TYR H 11 24.88 -34.19 -24.82
N SER H 12 25.70 -34.69 -25.76
CA SER H 12 25.70 -36.12 -26.18
C SER H 12 26.05 -37.00 -24.96
N GLY H 13 27.06 -36.59 -24.20
CA GLY H 13 27.53 -37.28 -22.98
C GLY H 13 26.57 -37.10 -21.82
N TRP H 14 25.74 -36.07 -21.85
CA TRP H 14 24.87 -35.64 -20.72
C TRP H 14 23.66 -36.56 -20.61
N THR H 15 23.23 -36.85 -19.37
CA THR H 15 21.89 -37.42 -19.05
C THR H 15 20.84 -36.31 -19.08
N VAL H 16 19.57 -36.68 -19.26
CA VAL H 16 18.44 -35.72 -19.45
C VAL H 16 18.19 -35.01 -18.11
N ALA H 17 18.22 -35.75 -17.00
CA ALA H 17 18.00 -35.25 -15.64
C ALA H 17 18.99 -34.13 -15.33
N ASP H 18 20.30 -34.42 -15.50
CA ASP H 18 21.40 -33.51 -15.13
C ASP H 18 21.28 -32.23 -15.97
N TYR H 19 20.98 -32.36 -17.27
CA TYR H 19 20.85 -31.19 -18.18
C TYR H 19 19.67 -30.32 -17.75
N LEU H 20 18.53 -30.95 -17.43
CA LEU H 20 17.29 -30.24 -17.03
C LEU H 20 17.55 -29.44 -15.74
N ALA H 21 18.26 -30.06 -14.79
CA ALA H 21 18.65 -29.45 -13.50
C ALA H 21 19.59 -28.26 -13.75
N ASP H 22 20.63 -28.47 -14.57
CA ASP H 22 21.62 -27.42 -14.94
C ASP H 22 20.86 -26.24 -15.54
N TRP H 23 19.93 -26.52 -16.46
CA TRP H 23 19.19 -25.48 -17.23
C TRP H 23 18.24 -24.73 -16.30
N SER H 24 17.56 -25.45 -15.39
CA SER H 24 16.67 -24.88 -14.35
C SER H 24 17.46 -23.88 -13.50
N ALA H 25 18.70 -24.25 -13.12
CA ALA H 25 19.62 -23.43 -12.31
C ALA H 25 20.00 -22.16 -13.09
N TYR H 26 20.28 -22.27 -14.40
CA TYR H 26 20.62 -21.11 -15.26
C TYR H 26 19.42 -20.17 -15.35
N PHE H 27 18.24 -20.72 -15.61
CA PHE H 27 17.00 -19.95 -15.90
C PHE H 27 16.50 -19.31 -14.60
N GLY H 28 16.50 -20.09 -13.52
CA GLY H 28 16.03 -19.65 -12.18
C GLY H 28 14.53 -19.38 -12.16
N ASP H 29 14.12 -18.41 -11.34
CA ASP H 29 12.69 -18.10 -11.07
C ASP H 29 12.42 -16.67 -11.54
N VAL H 30 11.39 -16.45 -12.38
CA VAL H 30 11.05 -15.11 -12.92
C VAL H 30 10.10 -14.40 -11.96
N ASN H 31 9.82 -15.01 -10.79
CA ASN H 31 8.94 -14.42 -9.75
C ASN H 31 7.62 -13.97 -10.40
N HIS H 32 7.01 -14.85 -11.20
CA HIS H 32 5.64 -14.70 -11.74
C HIS H 32 4.60 -15.04 -10.66
N ARG H 33 4.23 -14.06 -9.85
CA ARG H 33 3.44 -14.23 -8.61
C ARG H 33 2.55 -13.02 -8.41
N PRO H 34 1.47 -13.16 -7.61
CA PRO H 34 0.59 -12.04 -7.30
C PRO H 34 1.40 -10.83 -6.80
N GLY H 35 1.15 -9.64 -7.36
CA GLY H 35 1.82 -8.39 -6.97
C GLY H 35 3.17 -8.21 -7.68
N GLN H 36 3.79 -9.30 -8.13
CA GLN H 36 5.23 -9.30 -8.53
C GLN H 36 5.35 -9.23 -10.05
N VAL H 37 4.22 -9.16 -10.77
CA VAL H 37 4.18 -8.94 -12.24
C VAL H 37 3.75 -7.49 -12.51
N VAL H 38 4.71 -6.60 -12.78
CA VAL H 38 4.50 -5.12 -12.79
C VAL H 38 4.88 -4.57 -14.17
N ASP H 39 5.44 -5.41 -15.05
CA ASP H 39 5.81 -5.02 -16.45
C ASP H 39 5.95 -6.28 -17.30
N GLY H 40 6.55 -6.15 -18.49
CA GLY H 40 6.57 -7.19 -19.53
C GLY H 40 7.69 -8.18 -19.32
N SER H 41 8.52 -7.98 -18.28
CA SER H 41 9.81 -8.69 -18.10
C SER H 41 9.56 -10.15 -17.68
N ASN H 42 8.51 -10.45 -16.90
CA ASN H 42 8.30 -11.80 -16.35
C ASN H 42 6.90 -12.32 -16.68
N THR H 43 6.24 -11.79 -17.72
CA THR H 43 4.93 -12.27 -18.23
C THR H 43 5.15 -13.49 -19.13
N GLY H 44 6.15 -13.43 -20.02
CA GLY H 44 6.22 -14.29 -21.22
C GLY H 44 5.24 -13.82 -22.27
N GLY H 45 5.16 -14.54 -23.40
CA GLY H 45 4.41 -14.11 -24.59
C GLY H 45 3.75 -15.28 -25.29
N PHE H 46 2.59 -15.05 -25.92
CA PHE H 46 1.88 -16.03 -26.78
C PHE H 46 2.09 -15.64 -28.24
N ASN H 47 2.19 -16.65 -29.11
CA ASN H 47 2.12 -16.47 -30.59
C ASN H 47 0.91 -17.24 -31.13
N PRO H 48 -0.12 -16.53 -31.63
CA PRO H 48 -0.07 -15.08 -31.81
C PRO H 48 -0.34 -14.26 -30.54
N GLY H 49 -1.09 -14.83 -29.58
CA GLY H 49 -1.63 -14.11 -28.41
C GLY H 49 -2.98 -13.47 -28.74
N PRO H 50 -3.59 -12.71 -27.82
CA PRO H 50 -2.95 -12.35 -26.54
C PRO H 50 -2.95 -13.45 -25.47
N PHE H 51 -4.02 -14.27 -25.39
CA PHE H 51 -4.25 -15.21 -24.28
C PHE H 51 -4.21 -16.66 -24.76
N ASP H 52 -4.06 -16.87 -26.07
CA ASP H 52 -3.96 -18.22 -26.68
C ASP H 52 -2.89 -18.16 -27.79
N GLY H 53 -2.24 -19.29 -28.06
CA GLY H 53 -1.42 -19.46 -29.27
C GLY H 53 -0.93 -20.89 -29.46
N SER H 54 -0.17 -21.10 -30.53
CA SER H 54 0.59 -22.35 -30.80
C SER H 54 1.89 -22.35 -30.01
N GLN H 55 2.33 -21.19 -29.53
CA GLN H 55 3.59 -21.02 -28.76
C GLN H 55 3.34 -20.17 -27.52
N TYR H 56 3.99 -20.52 -26.42
CA TYR H 56 4.25 -19.63 -25.26
C TYR H 56 5.76 -19.62 -24.98
N ALA H 57 6.39 -18.45 -25.05
CA ALA H 57 7.86 -18.30 -24.90
C ALA H 57 8.15 -17.40 -23.70
N LEU H 58 9.19 -17.76 -22.93
CA LEU H 58 9.64 -16.98 -21.76
C LEU H 58 11.17 -16.91 -21.73
N LYS H 59 11.71 -15.71 -21.50
CA LYS H 59 13.16 -15.48 -21.29
C LYS H 59 13.42 -15.30 -19.79
N SER H 60 14.46 -15.94 -19.27
CA SER H 60 14.95 -15.77 -17.88
C SER H 60 15.20 -14.29 -17.60
N THR H 61 15.04 -13.87 -16.34
CA THR H 61 15.34 -12.50 -15.87
C THR H 61 16.70 -12.48 -15.15
N ALA H 62 17.41 -13.62 -15.11
CA ALA H 62 18.66 -13.77 -14.34
C ALA H 62 19.80 -14.25 -15.25
N SER H 63 19.49 -14.80 -16.42
CA SER H 63 20.49 -15.23 -17.43
C SER H 63 19.89 -15.13 -18.84
N ASP H 64 20.55 -15.74 -19.82
CA ASP H 64 20.14 -15.73 -21.24
C ASP H 64 19.27 -16.95 -21.56
N ALA H 65 19.16 -17.89 -20.62
CA ALA H 65 18.32 -19.12 -20.75
C ALA H 65 16.87 -18.72 -21.05
N ALA H 66 16.20 -19.51 -21.88
CA ALA H 66 14.80 -19.27 -22.35
C ALA H 66 14.15 -20.60 -22.70
N PHE H 67 12.82 -20.62 -22.85
CA PHE H 67 12.08 -21.81 -23.29
C PHE H 67 10.85 -21.41 -24.11
N ILE H 68 10.50 -22.29 -25.05
CA ILE H 68 9.29 -22.19 -25.91
C ILE H 68 8.47 -23.48 -25.71
N ALA H 69 7.24 -23.35 -25.26
CA ALA H 69 6.25 -24.45 -25.20
C ALA H 69 5.30 -24.35 -26.40
N GLY H 70 5.06 -25.48 -27.07
CA GLY H 70 4.34 -25.53 -28.35
C GLY H 70 3.14 -26.44 -28.27
N GLY H 71 2.10 -26.16 -29.05
CA GLY H 71 0.82 -26.87 -29.01
C GLY H 71 -0.33 -25.96 -29.40
N ASP H 72 -1.42 -25.98 -28.65
CA ASP H 72 -2.36 -24.83 -28.53
C ASP H 72 -2.63 -24.59 -27.06
N LEU H 73 -2.04 -23.51 -26.54
CA LEU H 73 -1.97 -23.20 -25.09
C LEU H 73 -2.95 -22.06 -24.83
N HIS H 74 -3.65 -22.12 -23.69
CA HIS H 74 -4.66 -21.11 -23.28
C HIS H 74 -4.30 -20.61 -21.88
N TYR H 75 -4.49 -19.32 -21.66
CA TYR H 75 -4.45 -18.68 -20.32
C TYR H 75 -5.79 -17.99 -20.07
N THR H 76 -6.52 -18.42 -19.04
CA THR H 76 -7.76 -17.76 -18.58
C THR H 76 -7.43 -16.92 -17.35
N LEU H 77 -7.43 -15.60 -17.54
CA LEU H 77 -7.28 -14.61 -16.45
C LEU H 77 -8.67 -14.25 -15.90
N PHE H 78 -9.63 -13.96 -16.79
CA PHE H 78 -10.87 -13.22 -16.47
C PHE H 78 -12.04 -14.20 -16.23
N SER H 79 -11.75 -15.50 -16.24
CA SER H 79 -12.75 -16.58 -16.09
C SER H 79 -12.25 -17.60 -15.07
N ASN H 80 -13.15 -18.37 -14.47
CA ASN H 80 -12.80 -19.37 -13.44
C ASN H 80 -12.39 -20.66 -14.14
N PRO H 81 -11.39 -21.40 -13.62
CA PRO H 81 -10.55 -20.88 -12.54
C PRO H 81 -9.46 -19.91 -13.03
N SER H 82 -9.20 -18.86 -12.24
CA SER H 82 -8.31 -17.73 -12.58
C SER H 82 -6.86 -18.21 -12.71
N HIS H 83 -6.07 -17.53 -13.53
CA HIS H 83 -4.61 -17.75 -13.69
C HIS H 83 -4.33 -19.23 -13.96
N THR H 84 -5.05 -19.83 -14.90
CA THR H 84 -4.83 -21.24 -15.33
C THR H 84 -4.21 -21.28 -16.72
N LEU H 85 -3.11 -22.01 -16.88
CA LEU H 85 -2.52 -22.37 -18.18
C LEU H 85 -2.88 -23.82 -18.54
N TRP H 86 -3.51 -24.03 -19.69
CA TRP H 86 -4.13 -25.33 -20.08
C TRP H 86 -4.13 -25.47 -21.61
N GLY H 87 -4.72 -26.56 -22.11
CA GLY H 87 -4.75 -26.91 -23.54
C GLY H 87 -3.77 -28.00 -23.87
N LYS H 88 -3.24 -28.01 -25.09
CA LYS H 88 -2.38 -29.12 -25.59
C LYS H 88 -0.92 -28.64 -25.61
N LEU H 89 -0.08 -29.33 -24.86
CA LEU H 89 1.40 -29.22 -24.91
C LEU H 89 1.96 -30.39 -25.72
N ASP H 90 2.55 -30.11 -26.88
CA ASP H 90 3.21 -31.11 -27.77
C ASP H 90 4.72 -31.11 -27.54
N SER H 91 5.32 -29.93 -27.40
CA SER H 91 6.80 -29.76 -27.39
C SER H 91 7.24 -28.76 -26.33
N ILE H 92 8.42 -28.99 -25.76
CA ILE H 92 9.20 -28.00 -24.97
C ILE H 92 10.56 -27.82 -25.65
N ALA H 93 10.92 -26.58 -25.97
CA ALA H 93 12.23 -26.22 -26.55
C ALA H 93 13.01 -25.40 -25.52
N LEU H 94 14.15 -25.92 -25.06
CA LEU H 94 15.05 -25.25 -24.09
C LEU H 94 16.33 -24.81 -24.79
N GLY H 95 16.81 -23.61 -24.47
CA GLY H 95 18.15 -23.13 -24.89
C GLY H 95 18.39 -21.72 -24.39
N ASP H 96 19.08 -20.92 -25.20
CA ASP H 96 19.50 -19.53 -24.87
C ASP H 96 19.11 -18.60 -26.02
N THR H 97 18.83 -17.34 -25.69
CA THR H 97 18.69 -16.20 -26.64
C THR H 97 17.40 -16.39 -27.44
N LEU H 98 16.27 -16.09 -26.80
CA LEU H 98 14.92 -16.03 -27.45
C LEU H 98 14.89 -14.86 -28.43
N THR H 99 14.38 -15.12 -29.64
CA THR H 99 14.19 -14.13 -30.73
C THR H 99 12.78 -14.29 -31.33
N GLY H 100 12.25 -13.23 -31.92
CA GLY H 100 11.01 -13.25 -32.72
C GLY H 100 9.79 -12.95 -31.87
N GLY H 101 8.60 -13.25 -32.42
CA GLY H 101 7.30 -13.09 -31.76
C GLY H 101 6.15 -13.28 -32.73
N ALA H 102 5.01 -12.64 -32.46
CA ALA H 102 3.75 -12.76 -33.23
C ALA H 102 3.91 -12.06 -34.59
N SER H 103 4.41 -10.83 -34.61
CA SER H 103 4.65 -10.02 -35.83
C SER H 103 5.49 -10.83 -36.82
N SER H 104 6.62 -11.37 -36.35
CA SER H 104 7.54 -12.26 -37.12
C SER H 104 6.79 -13.53 -37.55
N GLY H 105 5.89 -14.03 -36.69
CA GLY H 105 5.07 -15.22 -36.96
C GLY H 105 5.51 -16.42 -36.15
N GLY H 106 6.65 -16.31 -35.46
CA GLY H 106 7.27 -17.41 -34.69
C GLY H 106 8.22 -16.88 -33.63
N TYR H 107 8.26 -17.54 -32.47
CA TYR H 107 9.40 -17.51 -31.51
C TYR H 107 10.43 -18.54 -31.93
N ALA H 108 11.70 -18.27 -31.68
CA ALA H 108 12.82 -19.22 -31.91
C ALA H 108 13.93 -18.97 -30.89
N LEU H 109 14.81 -19.97 -30.73
CA LEU H 109 16.02 -19.86 -29.88
C LEU H 109 17.26 -19.75 -30.78
N ASP H 110 18.01 -18.66 -30.67
CA ASP H 110 19.27 -18.44 -31.43
C ASP H 110 20.26 -19.56 -31.10
N SER H 111 20.22 -20.08 -29.86
CA SER H 111 21.01 -21.25 -29.42
C SER H 111 20.09 -22.27 -28.73
N GLN H 112 19.30 -23.03 -29.51
CA GLN H 112 18.50 -24.17 -28.98
C GLN H 112 19.46 -25.30 -28.60
N GLU H 113 19.37 -25.77 -27.34
CA GLU H 113 20.23 -26.87 -26.82
C GLU H 113 19.45 -28.18 -26.90
N VAL H 114 18.26 -28.24 -26.28
CA VAL H 114 17.45 -29.49 -26.19
C VAL H 114 15.99 -29.16 -26.49
N SER H 115 15.31 -30.07 -27.18
CA SER H 115 13.85 -30.03 -27.49
C SER H 115 13.23 -31.40 -27.23
N PHE H 116 12.05 -31.41 -26.60
CA PHE H 116 11.19 -32.61 -26.42
C PHE H 116 9.88 -32.36 -27.19
N SER H 117 9.49 -33.32 -28.04
CA SER H 117 8.32 -33.18 -28.94
C SER H 117 7.48 -34.47 -28.90
N ASN H 118 6.20 -34.37 -29.26
CA ASN H 118 5.20 -35.46 -29.22
C ASN H 118 4.86 -35.82 -27.76
N LEU H 119 4.81 -34.84 -26.87
CA LEU H 119 4.62 -35.08 -25.41
C LEU H 119 3.21 -35.61 -25.17
N GLY H 120 2.27 -35.29 -26.06
CA GLY H 120 0.86 -35.73 -25.99
C GLY H 120 0.22 -35.36 -24.67
N LEU H 121 0.46 -34.15 -24.17
CA LEU H 121 -0.20 -33.62 -22.94
C LEU H 121 -1.41 -32.77 -23.34
N ASP H 122 -2.59 -33.14 -22.86
CA ASP H 122 -3.81 -32.31 -22.96
C ASP H 122 -4.43 -32.16 -21.56
N SER H 123 -4.50 -30.92 -21.06
CA SER H 123 -5.08 -30.59 -19.73
C SER H 123 -6.28 -29.67 -19.94
N PRO H 124 -7.47 -30.06 -19.45
CA PRO H 124 -8.66 -29.21 -19.56
C PRO H 124 -8.69 -28.11 -18.50
N ILE H 125 -9.57 -27.12 -18.71
CA ILE H 125 -9.73 -25.92 -17.86
C ILE H 125 -10.16 -26.36 -16.46
N ALA H 126 -10.92 -27.45 -16.36
CA ALA H 126 -11.61 -27.90 -15.12
C ALA H 126 -10.58 -28.30 -14.06
N GLN H 127 -9.45 -28.89 -14.47
CA GLN H 127 -8.38 -29.33 -13.53
C GLN H 127 -7.62 -28.10 -13.01
N GLY H 128 -7.84 -26.93 -13.63
CA GLY H 128 -7.20 -25.65 -13.25
C GLY H 128 -5.70 -25.83 -13.04
N ARG H 129 -5.19 -25.35 -11.89
CA ARG H 129 -3.73 -25.25 -11.60
C ARG H 129 -3.13 -26.66 -11.43
N ASP H 130 -3.95 -27.66 -11.09
CA ASP H 130 -3.45 -29.01 -10.71
C ASP H 130 -3.45 -29.91 -11.96
N GLY H 131 -3.76 -29.33 -13.13
CA GLY H 131 -3.51 -29.93 -14.45
C GLY H 131 -2.03 -30.05 -14.78
N THR H 132 -1.65 -31.03 -15.58
CA THR H 132 -0.24 -31.40 -15.86
C THR H 132 0.44 -30.29 -16.66
N VAL H 133 -0.27 -29.71 -17.64
CA VAL H 133 0.27 -28.65 -18.53
C VAL H 133 0.68 -27.46 -17.67
N HIS H 134 -0.23 -26.98 -16.82
CA HIS H 134 0.03 -25.86 -15.86
C HIS H 134 1.27 -26.18 -15.02
N LYS H 135 1.32 -27.36 -14.40
CA LYS H 135 2.41 -27.77 -13.48
C LYS H 135 3.74 -27.75 -14.24
N VAL H 136 3.78 -28.32 -15.45
CA VAL H 136 5.02 -28.43 -16.27
C VAL H 136 5.52 -27.02 -16.60
N VAL H 137 4.65 -26.18 -17.15
CA VAL H 137 5.06 -24.85 -17.70
C VAL H 137 5.42 -23.92 -16.54
N TYR H 138 4.63 -23.90 -15.46
CA TYR H 138 4.92 -23.01 -14.31
C TYR H 138 6.15 -23.53 -13.56
N GLY H 139 6.37 -24.84 -13.58
CA GLY H 139 7.60 -25.46 -13.04
C GLY H 139 8.82 -24.84 -13.68
N LEU H 140 8.80 -24.72 -15.01
CA LEU H 140 9.92 -24.17 -15.81
C LEU H 140 10.00 -22.65 -15.59
N MET H 141 8.85 -21.98 -15.40
CA MET H 141 8.78 -20.52 -15.14
C MET H 141 9.40 -20.19 -13.78
N SER H 142 9.35 -21.13 -12.82
CA SER H 142 9.72 -20.92 -11.40
C SER H 142 11.02 -21.65 -11.06
N GLY H 143 11.65 -22.29 -12.04
CA GLY H 143 12.96 -22.95 -11.91
C GLY H 143 12.86 -24.28 -11.17
N ASP H 144 11.78 -25.05 -11.40
CA ASP H 144 11.65 -26.45 -10.93
C ASP H 144 11.11 -27.32 -12.07
N SER H 145 11.96 -28.18 -12.64
CA SER H 145 11.67 -29.02 -13.83
C SER H 145 11.10 -30.38 -13.41
N SER H 146 10.81 -30.58 -12.12
CA SER H 146 10.27 -31.84 -11.55
C SER H 146 9.14 -32.40 -12.43
N ALA H 147 8.08 -31.64 -12.63
CA ALA H 147 6.86 -32.06 -13.37
C ALA H 147 7.24 -32.57 -14.76
N LEU H 148 7.99 -31.76 -15.52
CA LEU H 148 8.48 -32.12 -16.88
C LEU H 148 9.29 -33.42 -16.80
N GLN H 149 10.17 -33.56 -15.81
CA GLN H 149 11.10 -34.72 -15.67
C GLN H 149 10.29 -36.00 -15.44
N GLY H 150 9.38 -35.99 -14.47
CA GLY H 150 8.41 -37.07 -14.22
C GLY H 150 7.72 -37.50 -15.51
N GLN H 151 7.14 -36.55 -16.23
CA GLN H 151 6.33 -36.80 -17.46
C GLN H 151 7.23 -37.44 -18.52
N ILE H 152 8.37 -36.79 -18.85
CA ILE H 152 9.37 -37.30 -19.83
C ILE H 152 9.76 -38.74 -19.46
N ASP H 153 9.93 -39.01 -18.16
CA ASP H 153 10.31 -40.36 -17.65
C ASP H 153 9.21 -41.36 -18.04
N ALA H 154 7.94 -41.00 -17.81
CA ALA H 154 6.77 -41.82 -18.20
C ALA H 154 6.80 -42.07 -19.71
N LEU H 155 6.93 -41.01 -20.52
CA LEU H 155 6.98 -41.09 -22.00
C LEU H 155 8.08 -42.08 -22.41
N LEU H 156 9.22 -42.07 -21.71
CA LEU H 156 10.46 -42.78 -22.13
C LEU H 156 10.35 -44.26 -21.77
N LYS H 157 9.77 -44.58 -20.62
CA LYS H 157 9.56 -45.99 -20.16
C LYS H 157 8.43 -46.62 -20.99
N ALA H 158 7.59 -45.79 -21.60
CA ALA H 158 6.48 -46.24 -22.48
C ALA H 158 7.06 -46.89 -23.75
N VAL H 159 8.18 -46.38 -24.27
CA VAL H 159 8.83 -46.96 -25.49
C VAL H 159 9.49 -48.30 -25.11
N ASP H 160 10.23 -48.33 -24.01
CA ASP H 160 10.90 -49.56 -23.46
C ASP H 160 11.32 -49.28 -22.03
N PRO H 161 11.06 -50.21 -21.08
CA PRO H 161 11.35 -49.97 -19.66
C PRO H 161 12.84 -49.73 -19.36
N SER H 162 13.73 -50.19 -20.25
CA SER H 162 15.21 -49.99 -20.16
C SER H 162 15.51 -48.49 -19.98
N LEU H 163 14.79 -47.63 -20.71
CA LEU H 163 15.13 -46.19 -20.86
C LEU H 163 14.59 -45.42 -19.65
N SER H 164 15.35 -44.44 -19.15
CA SER H 164 14.97 -43.52 -18.06
C SER H 164 15.50 -42.11 -18.35
N ILE H 165 15.31 -41.19 -17.41
CA ILE H 165 15.95 -39.83 -17.43
C ILE H 165 17.45 -39.98 -17.18
N ASN H 166 17.87 -41.07 -16.54
CA ASN H 166 19.29 -41.33 -16.16
C ASN H 166 20.07 -41.77 -17.41
N SER H 167 19.38 -42.06 -18.52
CA SER H 167 20.00 -42.42 -19.82
C SER H 167 20.56 -41.15 -20.47
N THR H 168 21.76 -41.24 -21.05
CA THR H 168 22.38 -40.13 -21.83
C THR H 168 21.64 -39.95 -23.15
N PHE H 169 21.84 -38.80 -23.79
CA PHE H 169 21.25 -38.45 -25.11
C PHE H 169 21.78 -39.39 -26.18
N ASP H 170 23.02 -39.88 -26.03
CA ASP H 170 23.65 -40.84 -26.98
C ASP H 170 22.99 -42.22 -26.86
N GLN H 171 22.95 -42.79 -25.64
CA GLN H 171 22.20 -44.03 -25.34
C GLN H 171 20.79 -43.90 -25.92
N LEU H 172 20.19 -42.71 -25.75
CA LEU H 172 18.79 -42.42 -26.13
C LEU H 172 18.65 -42.42 -27.65
N ALA H 173 19.60 -41.82 -28.38
CA ALA H 173 19.60 -41.74 -29.85
C ALA H 173 19.69 -43.16 -30.43
N ALA H 174 20.56 -44.00 -29.86
CA ALA H 174 20.75 -45.41 -30.27
C ALA H 174 19.43 -46.16 -30.11
N ALA H 175 18.63 -45.81 -29.09
CA ALA H 175 17.33 -46.43 -28.74
C ALA H 175 16.26 -45.99 -29.73
N GLY H 176 16.57 -45.01 -30.58
CA GLY H 176 15.70 -44.55 -31.69
C GLY H 176 14.76 -43.44 -31.25
N VAL H 177 15.03 -42.82 -30.10
CA VAL H 177 14.11 -41.84 -29.44
C VAL H 177 14.65 -40.42 -29.61
N ALA H 178 15.98 -40.26 -29.71
CA ALA H 178 16.65 -38.94 -29.79
C ALA H 178 17.46 -38.84 -31.09
N HIS H 179 17.69 -37.63 -31.57
CA HIS H 179 18.57 -37.33 -32.73
C HIS H 179 19.41 -36.08 -32.43
N ALA H 180 20.65 -36.07 -32.91
CA ALA H 180 21.66 -35.03 -32.61
C ALA H 180 21.43 -33.80 -33.50
N THR H 181 22.11 -32.71 -33.17
CA THR H 181 22.05 -31.39 -33.85
C THR H 181 23.28 -30.60 -33.41
N PRO H 182 23.83 -29.69 -34.25
CA PRO H 182 25.16 -29.15 -34.00
C PRO H 182 25.18 -27.94 -33.06
#